data_4XBJ
#
_entry.id   4XBJ
#
_cell.length_a   147.978
_cell.length_b   147.978
_cell.length_c   163.578
_cell.angle_alpha   90.00
_cell.angle_beta   90.00
_cell.angle_gamma   120.00
#
_symmetry.space_group_name_H-M   'P 6'
#
loop_
_entity.id
_entity.type
_entity.pdbx_description
1 polymer 'Alanine racemase, biosynthetic'
2 non-polymer '{1-[(3-HYDROXY-METHYL-5-PHOSPHONOOXY-METHYL-PYRIDIN-4-YLMETHYL)-AMINO]-ETHYL}-PHOSPHONIC ACID'
3 non-polymer 'SULFATE ION'
4 water water
#
_entity_poly.entity_id   1
_entity_poly.type   'polypeptide(L)'
_entity_poly.pdbx_seq_one_letter_code
;MQAATVVINRRALRHNLQRLRELAPASKMVAVVKANAYGHGLLETARTLPDADAFGVARLEEALRLRAGGITKPVLLLEG
FFDARDLPTISAQHFHTAVHNEEQLAALEEASLDEPVTVWMKLDTGMHRLGVRPEQAEAFYHRLTQCKNVRQPVNIVSHF
ARADEPKCGATEKQLAIFNTFCEGKPGQRSIAASGGILLWPQSHFDWVRPGIILYGVSPLEDRSTGADFGCQPVMSLTSS
LIAVREHKAGEPVGYGGTWVSERDTRLGVVAMGFGDGYPRAAPSGTPVLVNGREVPIVGRVAMDMICVDLGPQAQDKAGD
PVILWGEGLPVERIAEMTKVSAYELITRLTSRVAMKYVD
;
_entity_poly.pdbx_strand_id   A,B,C,D
#
# COMPACT_ATOMS: atom_id res chain seq x y z
N ALA A 3 -17.15 -32.37 31.95
CA ALA A 3 -15.97 -31.69 32.57
C ALA A 3 -15.35 -30.75 31.57
N ALA A 4 -14.02 -30.64 31.59
CA ALA A 4 -13.31 -29.63 30.86
C ALA A 4 -13.79 -29.59 29.43
N THR A 5 -14.53 -28.54 29.09
CA THR A 5 -14.94 -28.31 27.71
C THR A 5 -14.52 -26.93 27.21
N VAL A 6 -14.03 -26.91 25.99
CA VAL A 6 -13.80 -25.71 25.25
C VAL A 6 -15.05 -25.45 24.39
N VAL A 7 -15.71 -24.31 24.60
CA VAL A 7 -16.87 -23.92 23.79
C VAL A 7 -16.45 -22.83 22.81
N ILE A 8 -16.61 -23.11 21.53
CA ILE A 8 -16.13 -22.23 20.49
C ILE A 8 -17.32 -21.59 19.76
N ASN A 9 -17.45 -20.27 19.87
CA ASN A 9 -18.56 -19.54 19.25
C ASN A 9 -18.30 -19.18 17.81
N ARG A 10 -19.00 -19.85 16.92
CA ARG A 10 -18.78 -19.67 15.48
C ARG A 10 -19.24 -18.28 15.02
N ARG A 11 -20.21 -17.71 15.72
CA ARG A 11 -20.75 -16.41 15.33
C ARG A 11 -19.79 -15.28 15.69
N ALA A 12 -19.16 -15.41 16.86
CA ALA A 12 -18.14 -14.46 17.27
C ALA A 12 -16.98 -14.45 16.30
N LEU A 13 -16.63 -15.63 15.79
CA LEU A 13 -15.53 -15.77 14.86
C LEU A 13 -15.80 -15.01 13.57
N ARG A 14 -17.01 -15.19 13.03
CA ARG A 14 -17.39 -14.54 11.78
C ARG A 14 -17.48 -13.04 11.98
N HIS A 15 -18.08 -12.62 13.10
CA HIS A 15 -18.12 -11.21 13.44
C HIS A 15 -16.70 -10.61 13.46
N ASN A 16 -15.77 -11.33 14.06
CA ASN A 16 -14.43 -10.79 14.29
C ASN A 16 -13.67 -10.56 12.96
N LEU A 17 -13.76 -11.50 12.05
CA LEU A 17 -13.18 -11.34 10.73
C LEU A 17 -13.77 -10.13 10.01
N GLN A 18 -15.10 -9.99 10.07
CA GLN A 18 -15.75 -8.86 9.41
C GLN A 18 -15.41 -7.53 10.11
N ARG A 19 -15.26 -7.56 11.44
CA ARG A 19 -14.82 -6.36 12.19
C ARG A 19 -13.43 -5.93 11.76
N LEU A 20 -12.56 -6.91 11.56
CA LEU A 20 -11.18 -6.64 11.18
C LEU A 20 -11.09 -6.19 9.73
N ARG A 21 -11.99 -6.66 8.88
CA ARG A 21 -12.08 -6.10 7.55
C ARG A 21 -12.40 -4.62 7.61
N GLU A 22 -13.27 -4.22 8.53
CA GLU A 22 -13.62 -2.80 8.64
C GLU A 22 -12.46 -1.92 9.15
N LEU A 23 -11.62 -2.47 10.03
CA LEU A 23 -10.41 -1.74 10.49
C LEU A 23 -9.27 -1.68 9.47
N ALA A 24 -9.18 -2.68 8.60
CA ALA A 24 -8.24 -2.60 7.49
C ALA A 24 -8.92 -2.95 6.17
N PRO A 25 -9.70 -1.99 5.61
CA PRO A 25 -10.63 -2.36 4.55
C PRO A 25 -10.01 -2.42 3.16
N ALA A 26 -8.73 -2.10 3.04
CA ALA A 26 -8.06 -2.19 1.76
C ALA A 26 -7.09 -3.36 1.74
N SER A 27 -7.19 -4.26 2.73
CA SER A 27 -6.24 -5.35 2.87
C SER A 27 -6.91 -6.72 2.87
N LYS A 28 -6.25 -7.69 2.26
CA LYS A 28 -6.68 -9.07 2.35
C LYS A 28 -6.27 -9.68 3.69
N MET A 29 -6.87 -10.81 4.01
CA MET A 29 -6.79 -11.36 5.38
C MET A 29 -6.23 -12.75 5.31
N VAL A 30 -5.08 -12.95 5.93
CA VAL A 30 -4.65 -14.27 6.30
C VAL A 30 -5.12 -14.53 7.72
N ALA A 31 -6.12 -15.39 7.87
CA ALA A 31 -6.55 -15.81 9.18
C ALA A 31 -5.51 -16.75 9.75
N VAL A 32 -4.84 -16.36 10.81
CA VAL A 32 -3.81 -17.18 11.42
C VAL A 32 -4.42 -18.24 12.34
N VAL A 33 -4.21 -19.51 11.99
CA VAL A 33 -4.93 -20.64 12.60
C VAL A 33 -3.99 -21.77 13.03
N LYS A 34 -2.70 -21.48 13.03
CA LYS A 34 -1.71 -22.37 13.60
C LYS A 34 -1.97 -22.73 15.04
N ALA A 35 -1.29 -23.78 15.50
CA ALA A 35 -1.38 -24.30 16.86
C ALA A 35 -2.83 -24.58 17.23
N ASN A 36 -3.41 -25.52 16.52
CA ASN A 36 -4.84 -25.84 16.61
C ASN A 36 -5.70 -24.58 16.74
N ALA A 37 -5.49 -23.65 15.81
CA ALA A 37 -6.18 -22.37 15.78
C ALA A 37 -6.21 -21.67 17.13
N TYR A 38 -5.02 -21.52 17.71
CA TYR A 38 -4.81 -20.93 19.02
C TYR A 38 -5.67 -21.56 20.09
N GLY A 39 -5.88 -22.88 19.97
CA GLY A 39 -6.72 -23.67 20.90
C GLY A 39 -8.19 -23.86 20.50
N HIS A 40 -8.63 -23.19 19.44
CA HIS A 40 -10.04 -23.15 19.08
C HIS A 40 -10.38 -24.24 18.06
N GLY A 41 -9.35 -24.91 17.53
CA GLY A 41 -9.57 -26.01 16.59
C GLY A 41 -9.23 -25.65 15.15
N LEU A 42 -8.13 -26.21 14.66
CA LEU A 42 -7.61 -25.88 13.33
C LEU A 42 -8.71 -25.93 12.29
N LEU A 43 -9.31 -27.08 12.15
CA LEU A 43 -10.15 -27.36 11.01
C LEU A 43 -11.55 -26.72 11.16
N GLU A 44 -12.11 -26.76 12.36
CA GLU A 44 -13.39 -26.11 12.57
C GLU A 44 -13.30 -24.59 12.47
N THR A 45 -12.19 -24.01 12.91
CA THR A 45 -12.02 -22.58 12.75
C THR A 45 -12.00 -22.18 11.29
N ALA A 46 -11.27 -22.94 10.47
CA ALA A 46 -11.16 -22.65 9.05
C ALA A 46 -12.51 -22.83 8.34
N ARG A 47 -13.28 -23.85 8.72
CA ARG A 47 -14.59 -24.06 8.09
C ARG A 47 -15.62 -22.99 8.53
N THR A 48 -15.37 -22.34 9.66
CA THR A 48 -16.21 -21.23 10.11
C THR A 48 -15.94 -19.99 9.30
N LEU A 49 -14.76 -19.89 8.71
CA LEU A 49 -14.36 -18.68 8.01
C LEU A 49 -14.10 -18.85 6.49
N PRO A 50 -15.14 -19.15 5.71
CA PRO A 50 -14.94 -19.27 4.24
C PRO A 50 -14.47 -18.00 3.54
N ASP A 51 -14.75 -16.85 4.15
CA ASP A 51 -14.46 -15.53 3.59
C ASP A 51 -12.99 -15.12 3.76
N ALA A 52 -12.20 -15.91 4.49
CA ALA A 52 -10.77 -15.57 4.59
C ALA A 52 -10.16 -15.59 3.22
N ASP A 53 -9.18 -14.74 2.99
CA ASP A 53 -8.45 -14.78 1.73
C ASP A 53 -7.34 -15.83 1.76
N ALA A 54 -6.83 -16.13 2.95
CA ALA A 54 -5.96 -17.30 3.13
C ALA A 54 -5.95 -17.69 4.58
N PHE A 55 -5.39 -18.86 4.86
CA PHE A 55 -5.18 -19.34 6.22
C PHE A 55 -3.68 -19.41 6.46
N GLY A 56 -3.21 -18.92 7.61
CA GLY A 56 -1.79 -18.99 7.94
C GLY A 56 -1.50 -20.10 8.93
N VAL A 57 -0.45 -20.90 8.65
CA VAL A 57 0.00 -21.92 9.61
C VAL A 57 1.51 -21.77 9.86
N ALA A 58 1.98 -22.35 10.95
CA ALA A 58 3.42 -22.41 11.25
C ALA A 58 4.16 -23.49 10.42
N ARG A 59 3.52 -24.65 10.24
CA ARG A 59 4.20 -25.84 9.74
C ARG A 59 3.41 -26.49 8.63
N LEU A 60 4.12 -27.18 7.74
CA LEU A 60 3.50 -27.90 6.62
C LEU A 60 2.46 -28.95 7.01
N GLU A 61 2.69 -29.60 8.14
CA GLU A 61 1.78 -30.64 8.60
C GLU A 61 0.41 -30.05 8.91
N GLU A 62 0.39 -28.85 9.50
CA GLU A 62 -0.86 -28.13 9.73
C GLU A 62 -1.58 -27.81 8.41
N ALA A 63 -0.85 -27.29 7.44
CA ALA A 63 -1.40 -27.05 6.13
C ALA A 63 -2.00 -28.32 5.46
N LEU A 64 -1.33 -29.46 5.63
CA LEU A 64 -1.84 -30.73 5.10
C LEU A 64 -3.07 -31.21 5.87
N ARG A 65 -3.13 -30.90 7.17
CA ARG A 65 -4.30 -31.26 7.95
C ARG A 65 -5.52 -30.47 7.42
N LEU A 66 -5.29 -29.25 6.98
CA LEU A 66 -6.38 -28.44 6.46
C LEU A 66 -6.89 -29.12 5.20
N ARG A 67 -6.00 -29.35 4.24
CA ARG A 67 -6.39 -29.99 3.00
C ARG A 67 -7.08 -31.35 3.24
N ALA A 68 -6.63 -32.11 4.23
CA ALA A 68 -7.22 -33.42 4.54
C ALA A 68 -8.66 -33.30 4.99
N GLY A 69 -9.00 -32.17 5.61
CA GLY A 69 -10.36 -31.89 6.08
C GLY A 69 -11.20 -31.11 5.09
N GLY A 70 -10.66 -30.91 3.90
CA GLY A 70 -11.43 -30.38 2.80
C GLY A 70 -11.36 -28.87 2.59
N ILE A 71 -10.46 -28.21 3.28
CA ILE A 71 -10.20 -26.78 3.09
C ILE A 71 -9.36 -26.52 1.83
N THR A 72 -9.91 -25.72 0.93
CA THR A 72 -9.35 -25.56 -0.38
C THR A 72 -8.77 -24.16 -0.52
N LYS A 73 -8.90 -23.36 0.52
CA LYS A 73 -8.45 -21.97 0.48
C LYS A 73 -6.94 -21.94 0.41
N PRO A 74 -6.36 -20.83 -0.08
CA PRO A 74 -4.92 -20.77 0.00
C PRO A 74 -4.37 -20.79 1.45
N VAL A 75 -3.33 -21.58 1.66
CA VAL A 75 -2.71 -21.72 2.96
C VAL A 75 -1.27 -21.23 2.91
N LEU A 76 -0.92 -20.29 3.80
CA LEU A 76 0.46 -19.76 3.88
C LEU A 76 1.28 -20.46 4.93
N LEU A 77 2.41 -21.03 4.52
CA LEU A 77 3.37 -21.62 5.43
C LEU A 77 4.31 -20.55 5.98
N LEU A 78 3.99 -20.06 7.18
CA LEU A 78 4.65 -18.87 7.74
C LEU A 78 6.13 -19.04 7.96
N GLU A 79 6.59 -20.27 8.14
CA GLU A 79 8.00 -20.52 8.37
C GLU A 79 8.61 -21.25 7.18
N GLY A 80 7.89 -21.26 6.07
CA GLY A 80 8.27 -22.06 4.93
C GLY A 80 8.33 -23.55 5.20
N PHE A 81 9.22 -24.21 4.49
CA PHE A 81 9.26 -25.67 4.46
C PHE A 81 10.61 -26.15 4.95
N PHE A 82 10.64 -27.30 5.58
CA PHE A 82 11.79 -27.71 6.36
C PHE A 82 12.63 -28.77 5.64
N ASP A 83 12.10 -29.34 4.57
CA ASP A 83 12.84 -30.32 3.75
C ASP A 83 12.62 -30.02 2.27
N ALA A 84 13.65 -30.20 1.46
CA ALA A 84 13.55 -29.99 0.00
C ALA A 84 12.56 -30.96 -0.69
N ARG A 85 12.42 -32.18 -0.17
CA ARG A 85 11.46 -33.11 -0.75
C ARG A 85 9.98 -32.75 -0.51
N ASP A 86 9.73 -31.71 0.27
CA ASP A 86 8.36 -31.18 0.47
C ASP A 86 7.79 -30.46 -0.74
N LEU A 87 8.67 -30.00 -1.62
CA LEU A 87 8.30 -29.00 -2.62
C LEU A 87 7.26 -29.49 -3.64
N PRO A 88 7.35 -30.76 -4.08
CA PRO A 88 6.28 -31.22 -4.99
C PRO A 88 4.88 -31.22 -4.36
N THR A 89 4.81 -31.62 -3.10
CA THR A 89 3.56 -31.55 -2.34
C THR A 89 3.08 -30.10 -2.24
N ILE A 90 3.95 -29.22 -1.77
CA ILE A 90 3.65 -27.79 -1.69
C ILE A 90 3.10 -27.27 -3.00
N SER A 91 3.79 -27.61 -4.10
CA SER A 91 3.41 -27.15 -5.43
C SER A 91 2.04 -27.68 -5.82
N ALA A 92 1.88 -28.99 -5.71
CA ALA A 92 0.64 -29.65 -6.08
C ALA A 92 -0.52 -29.31 -5.13
N GLN A 93 -0.21 -28.91 -3.89
CA GLN A 93 -1.28 -28.52 -2.95
C GLN A 93 -1.67 -27.07 -3.06
N HIS A 94 -0.93 -26.31 -3.87
CA HIS A 94 -1.09 -24.86 -3.94
C HIS A 94 -0.93 -24.18 -2.58
N PHE A 95 0.09 -24.59 -1.83
CA PHE A 95 0.47 -23.87 -0.62
C PHE A 95 1.37 -22.71 -0.99
N HIS A 96 1.12 -21.55 -0.39
CA HIS A 96 2.03 -20.39 -0.48
C HIS A 96 3.07 -20.57 0.59
N THR A 97 4.32 -20.29 0.27
CA THR A 97 5.38 -20.55 1.21
C THR A 97 6.21 -19.28 1.46
N ALA A 98 6.49 -19.03 2.73
CA ALA A 98 7.57 -18.15 3.11
C ALA A 98 8.89 -18.83 2.75
N VAL A 99 9.87 -17.99 2.37
CA VAL A 99 11.22 -18.43 2.06
C VAL A 99 12.20 -17.52 2.82
N HIS A 100 12.95 -18.10 3.77
CA HIS A 100 13.79 -17.30 4.68
C HIS A 100 15.25 -17.72 4.78
N ASN A 101 15.65 -18.82 4.14
CA ASN A 101 17.04 -19.25 4.24
C ASN A 101 17.59 -19.82 2.93
N GLU A 102 18.88 -20.08 2.92
CA GLU A 102 19.60 -20.52 1.70
C GLU A 102 19.13 -21.88 1.26
N GLU A 103 18.88 -22.76 2.24
CA GLU A 103 18.47 -24.12 1.93
C GLU A 103 17.18 -24.10 1.12
N GLN A 104 16.22 -23.32 1.58
CA GLN A 104 14.93 -23.26 0.90
C GLN A 104 15.09 -22.67 -0.51
N LEU A 105 15.90 -21.62 -0.63
CA LEU A 105 16.10 -20.95 -1.93
C LEU A 105 16.80 -21.89 -2.92
N ALA A 106 17.83 -22.60 -2.46
CA ALA A 106 18.57 -23.52 -3.32
C ALA A 106 17.69 -24.68 -3.78
N ALA A 107 16.81 -25.16 -2.91
CA ALA A 107 15.87 -26.20 -3.24
C ALA A 107 14.85 -25.75 -4.28
N LEU A 108 14.40 -24.50 -4.17
CA LEU A 108 13.56 -23.89 -5.22
C LEU A 108 14.24 -23.80 -6.58
N GLU A 109 15.53 -23.49 -6.59
CA GLU A 109 16.28 -23.31 -7.84
C GLU A 109 16.58 -24.64 -8.55
N GLU A 110 16.77 -25.71 -7.76
CA GLU A 110 17.23 -27.00 -8.26
C GLU A 110 16.09 -27.98 -8.50
N ALA A 111 14.91 -27.65 -8.00
CA ALA A 111 13.73 -28.51 -8.18
C ALA A 111 13.24 -28.49 -9.62
N SER A 112 12.49 -29.52 -9.99
CA SER A 112 11.69 -29.48 -11.21
C SER A 112 10.24 -29.79 -10.84
N LEU A 113 9.39 -28.78 -10.83
CA LEU A 113 8.06 -28.95 -10.27
C LEU A 113 7.02 -28.77 -11.38
N ASP A 114 5.88 -29.44 -11.23
CA ASP A 114 4.84 -29.40 -12.26
C ASP A 114 4.27 -27.98 -12.34
N GLU A 115 4.17 -27.31 -11.20
CA GLU A 115 3.67 -25.93 -11.17
C GLU A 115 4.55 -25.04 -10.30
N PRO A 116 4.74 -23.78 -10.71
CA PRO A 116 5.46 -22.83 -9.86
C PRO A 116 4.75 -22.52 -8.54
N VAL A 117 5.50 -22.18 -7.50
N VAL A 117 5.53 -22.08 -7.55
CA VAL A 117 4.90 -21.90 -6.21
CA VAL A 117 5.05 -21.88 -6.19
C VAL A 117 4.93 -20.42 -5.89
C VAL A 117 4.95 -20.38 -5.90
N THR A 118 3.88 -19.95 -5.24
CA THR A 118 3.80 -18.59 -4.76
C THR A 118 4.59 -18.48 -3.47
N VAL A 119 5.46 -17.48 -3.42
CA VAL A 119 6.42 -17.35 -2.36
C VAL A 119 6.32 -15.97 -1.71
N TRP A 120 6.46 -15.94 -0.39
CA TRP A 120 6.58 -14.72 0.37
C TRP A 120 8.00 -14.68 0.91
N MET A 121 8.83 -13.77 0.41
CA MET A 121 10.18 -13.70 0.96
C MET A 121 10.13 -13.05 2.34
N LYS A 122 10.78 -13.69 3.31
CA LYS A 122 10.78 -13.19 4.67
C LYS A 122 12.00 -12.32 4.96
N LEU A 123 11.72 -11.06 5.31
CA LEU A 123 12.75 -10.09 5.68
C LEU A 123 12.83 -9.99 7.21
N ASP A 124 14.06 -10.00 7.73
CA ASP A 124 14.30 -9.76 9.13
C ASP A 124 14.44 -8.26 9.26
N THR A 125 13.39 -7.65 9.77
CA THR A 125 13.40 -6.23 9.99
C THR A 125 13.81 -5.84 11.43
N GLY A 126 13.89 -6.82 12.35
CA GLY A 126 14.20 -6.49 13.75
C GLY A 126 13.89 -7.50 14.85
N MET A 127 13.00 -8.44 14.55
N MET A 127 12.99 -8.43 14.53
CA MET A 127 12.70 -9.50 15.52
CA MET A 127 12.65 -9.52 15.42
C MET A 127 13.89 -10.43 15.66
C MET A 127 13.86 -10.44 15.63
N HIS A 128 14.66 -10.59 14.60
CA HIS A 128 15.81 -11.51 14.59
C HIS A 128 15.41 -12.93 15.03
N ARG A 129 14.42 -13.45 14.32
CA ARG A 129 13.99 -14.81 14.51
C ARG A 129 14.17 -15.60 13.21
N LEU A 130 13.28 -15.40 12.25
CA LEU A 130 13.49 -15.88 10.90
C LEU A 130 13.67 -14.70 9.97
N GLY A 131 14.15 -14.98 8.77
CA GLY A 131 14.13 -14.01 7.71
C GLY A 131 15.54 -13.68 7.25
N VAL A 132 15.61 -13.06 6.09
CA VAL A 132 16.85 -12.63 5.50
C VAL A 132 17.16 -11.23 6.01
N ARG A 133 18.36 -11.08 6.56
CA ARG A 133 18.88 -9.79 7.03
C ARG A 133 19.12 -8.82 5.87
N PRO A 134 19.00 -7.52 6.14
CA PRO A 134 18.92 -6.54 5.05
C PRO A 134 20.11 -6.60 4.09
N GLU A 135 21.27 -6.95 4.59
CA GLU A 135 22.47 -6.89 3.80
C GLU A 135 22.60 -8.10 2.85
N GLN A 136 21.77 -9.11 3.05
CA GLN A 136 21.73 -10.27 2.16
C GLN A 136 20.49 -10.23 1.25
N ALA A 137 19.61 -9.27 1.45
CA ALA A 137 18.25 -9.32 0.92
C ALA A 137 18.08 -9.05 -0.56
N GLU A 138 18.90 -8.17 -1.13
CA GLU A 138 18.70 -7.84 -2.53
C GLU A 138 19.06 -9.00 -3.39
N ALA A 139 20.17 -9.67 -3.06
CA ALA A 139 20.66 -10.80 -3.83
C ALA A 139 19.75 -12.01 -3.63
N PHE A 140 19.29 -12.21 -2.41
CA PHE A 140 18.33 -13.27 -2.11
C PHE A 140 17.01 -13.03 -2.86
N TYR A 141 16.55 -11.79 -2.84
CA TYR A 141 15.36 -11.45 -3.61
C TYR A 141 15.56 -11.71 -5.11
N HIS A 142 16.66 -11.18 -5.65
CA HIS A 142 16.94 -11.29 -7.09
C HIS A 142 16.95 -12.75 -7.57
N ARG A 143 17.57 -13.63 -6.80
CA ARG A 143 17.49 -15.06 -7.08
C ARG A 143 16.07 -15.61 -7.15
N LEU A 144 15.17 -15.14 -6.27
CA LEU A 144 13.81 -15.67 -6.28
C LEU A 144 13.09 -15.26 -7.55
N THR A 145 13.40 -14.08 -8.05
CA THR A 145 12.72 -13.51 -9.19
C THR A 145 13.18 -14.22 -10.47
N GLN A 146 14.31 -14.93 -10.35
CA GLN A 146 14.91 -15.58 -11.51
C GLN A 146 14.60 -17.08 -11.54
N CYS A 147 13.76 -17.53 -10.61
N CYS A 147 13.74 -17.52 -10.62
CA CYS A 147 13.52 -18.96 -10.45
CA CYS A 147 13.50 -18.94 -10.44
C CYS A 147 12.23 -19.38 -11.15
C CYS A 147 12.23 -19.38 -11.15
N LYS A 148 12.34 -20.37 -12.03
CA LYS A 148 11.18 -20.87 -12.79
C LYS A 148 10.14 -21.53 -11.87
N ASN A 149 10.60 -22.05 -10.75
CA ASN A 149 9.71 -22.70 -9.81
C ASN A 149 9.01 -21.70 -8.90
N VAL A 150 9.29 -20.42 -9.07
CA VAL A 150 8.62 -19.40 -8.29
C VAL A 150 7.69 -18.58 -9.15
N ARG A 151 6.41 -18.54 -8.81
CA ARG A 151 5.43 -17.79 -9.59
C ARG A 151 5.62 -16.30 -9.33
N GLN A 152 5.97 -15.56 -10.37
CA GLN A 152 6.17 -14.12 -10.25
C GLN A 152 4.83 -13.41 -10.10
N PRO A 153 4.78 -12.30 -9.33
CA PRO A 153 5.92 -11.75 -8.61
C PRO A 153 6.24 -12.43 -7.25
N VAL A 154 7.41 -12.14 -6.71
CA VAL A 154 7.76 -12.55 -5.33
C VAL A 154 7.16 -11.53 -4.37
N ASN A 155 6.48 -12.03 -3.35
CA ASN A 155 5.89 -11.20 -2.33
C ASN A 155 6.81 -11.09 -1.11
N ILE A 156 6.50 -10.14 -0.23
CA ILE A 156 7.42 -9.75 0.83
C ILE A 156 6.72 -9.69 2.17
N VAL A 157 7.25 -10.43 3.14
CA VAL A 157 6.60 -10.56 4.46
C VAL A 157 7.58 -10.31 5.62
N SER A 158 7.16 -9.52 6.60
CA SER A 158 7.90 -9.46 7.83
C SER A 158 6.94 -9.45 9.00
N HIS A 159 7.48 -9.31 10.20
CA HIS A 159 6.67 -9.46 11.41
C HIS A 159 7.22 -8.59 12.54
N PHE A 160 6.32 -7.87 13.20
CA PHE A 160 6.68 -6.91 14.26
C PHE A 160 7.03 -7.60 15.58
N ALA A 161 8.02 -7.08 16.26
CA ALA A 161 8.52 -7.65 17.50
C ALA A 161 7.92 -6.97 18.72
N ARG A 162 7.49 -5.71 18.57
CA ARG A 162 7.06 -4.88 19.68
C ARG A 162 5.88 -3.95 19.30
N ALA A 163 4.93 -4.46 18.51
CA ALA A 163 3.79 -3.64 18.07
C ALA A 163 2.78 -3.37 19.18
N ASP A 164 2.93 -4.11 20.29
CA ASP A 164 2.09 -3.90 21.47
C ASP A 164 2.67 -2.84 22.43
N GLU A 165 3.63 -2.05 21.98
CA GLU A 165 4.26 -1.02 22.80
C GLU A 165 4.47 0.22 21.95
N PRO A 166 3.43 1.06 21.82
CA PRO A 166 3.52 2.16 20.85
C PRO A 166 4.52 3.24 21.24
N LYS A 167 4.79 3.38 22.53
CA LYS A 167 5.71 4.41 23.00
C LYS A 167 7.17 4.07 22.67
N CYS A 168 7.39 2.92 22.03
CA CYS A 168 8.73 2.36 21.94
C CYS A 168 9.56 2.97 20.81
N GLY A 169 9.05 2.91 19.58
CA GLY A 169 9.82 3.32 18.40
C GLY A 169 10.47 2.17 17.64
N ALA A 170 10.25 0.95 18.10
CA ALA A 170 10.80 -0.23 17.43
C ALA A 170 9.99 -0.53 16.17
N THR A 171 8.68 -0.38 16.30
CA THR A 171 7.79 -0.60 15.17
C THR A 171 8.08 0.34 13.98
N GLU A 172 8.30 1.62 14.24
CA GLU A 172 8.60 2.55 13.15
C GLU A 172 9.93 2.25 12.47
N LYS A 173 10.94 1.81 13.24
CA LYS A 173 12.19 1.35 12.62
C LYS A 173 11.96 0.11 11.77
N GLN A 174 11.25 -0.87 12.32
CA GLN A 174 10.99 -2.08 11.56
C GLN A 174 10.32 -1.71 10.22
N LEU A 175 9.38 -0.78 10.26
CA LEU A 175 8.63 -0.32 9.09
C LEU A 175 9.50 0.39 8.05
N ALA A 176 10.48 1.17 8.52
CA ALA A 176 11.36 1.92 7.60
C ALA A 176 12.32 0.99 6.87
N ILE A 177 12.80 -0.04 7.57
CA ILE A 177 13.58 -1.09 6.91
C ILE A 177 12.71 -1.78 5.89
N PHE A 178 11.47 -2.09 6.27
CA PHE A 178 10.50 -2.74 5.36
C PHE A 178 10.23 -1.91 4.11
N ASN A 179 9.89 -0.64 4.29
CA ASN A 179 9.53 0.23 3.15
C ASN A 179 10.74 0.48 2.25
N THR A 180 11.89 0.71 2.84
CA THR A 180 13.12 0.85 2.08
C THR A 180 13.30 -0.36 1.17
N PHE A 181 13.11 -1.56 1.68
CA PHE A 181 13.37 -2.75 0.87
C PHE A 181 12.33 -2.93 -0.23
N CYS A 182 11.06 -2.64 0.11
CA CYS A 182 9.96 -2.81 -0.81
C CYS A 182 9.95 -1.82 -1.97
N GLU A 183 10.51 -0.63 -1.78
CA GLU A 183 10.51 0.39 -2.83
C GLU A 183 10.84 -0.22 -4.14
N GLY A 184 9.93 -0.06 -5.09
CA GLY A 184 10.23 -0.38 -6.48
C GLY A 184 10.07 -1.84 -6.85
N LYS A 185 9.47 -2.65 -5.96
CA LYS A 185 9.23 -4.08 -6.25
C LYS A 185 7.74 -4.38 -6.42
N PRO A 186 7.41 -5.39 -7.25
CA PRO A 186 6.04 -5.55 -7.70
C PRO A 186 5.15 -6.36 -6.74
N GLY A 187 5.77 -7.11 -5.84
CA GLY A 187 5.05 -8.14 -5.11
C GLY A 187 4.15 -7.55 -4.05
N GLN A 188 3.21 -8.37 -3.57
CA GLN A 188 2.42 -7.99 -2.41
C GLN A 188 3.32 -7.80 -1.18
N ARG A 189 2.79 -7.09 -0.19
CA ARG A 189 3.50 -6.78 1.07
C ARG A 189 2.63 -7.02 2.34
N SER A 190 3.22 -7.64 3.36
CA SER A 190 2.50 -7.93 4.59
C SER A 190 3.41 -7.87 5.81
N ILE A 191 3.07 -7.05 6.80
CA ILE A 191 3.88 -6.98 8.04
C ILE A 191 3.04 -7.07 9.33
N ALA A 192 1.75 -6.74 9.24
CA ALA A 192 0.94 -6.59 10.45
C ALA A 192 0.18 -7.83 10.80
N ALA A 193 0.28 -8.20 12.09
CA ALA A 193 -0.57 -9.16 12.73
C ALA A 193 -1.55 -8.37 13.60
N SER A 194 -2.07 -8.97 14.68
CA SER A 194 -3.14 -8.33 15.46
C SER A 194 -2.78 -6.91 15.89
N GLY A 195 -1.57 -6.73 16.41
CA GLY A 195 -1.13 -5.42 16.90
C GLY A 195 -1.00 -4.36 15.84
N GLY A 196 -0.44 -4.73 14.70
CA GLY A 196 -0.32 -3.81 13.58
C GLY A 196 -1.67 -3.36 13.05
N ILE A 197 -2.61 -4.30 12.98
CA ILE A 197 -3.92 -3.95 12.47
C ILE A 197 -4.58 -2.95 13.38
N LEU A 198 -4.48 -3.17 14.69
CA LEU A 198 -5.20 -2.33 15.64
C LEU A 198 -4.55 -0.95 15.81
N LEU A 199 -3.23 -0.90 15.95
CA LEU A 199 -2.57 0.33 16.42
C LEU A 199 -1.68 1.06 15.41
N TRP A 200 -1.56 0.52 14.19
CA TRP A 200 -0.60 1.01 13.19
C TRP A 200 -1.20 0.94 11.78
N PRO A 201 -2.12 1.88 11.46
CA PRO A 201 -2.82 1.78 10.18
C PRO A 201 -1.89 1.93 8.97
N GLN A 202 -0.76 2.59 9.17
CA GLN A 202 0.23 2.68 8.13
C GLN A 202 0.99 1.36 7.92
N SER A 203 0.66 0.30 8.67
CA SER A 203 1.29 -1.03 8.53
C SER A 203 0.43 -2.06 7.83
N HIS A 204 -0.70 -1.65 7.26
CA HIS A 204 -1.70 -2.61 6.75
C HIS A 204 -1.33 -3.18 5.38
N PHE A 205 -0.87 -2.31 4.48
CA PHE A 205 -0.43 -2.73 3.14
C PHE A 205 -1.43 -3.64 2.39
N ASP A 206 -0.96 -4.74 1.79
CA ASP A 206 -1.84 -5.53 0.90
C ASP A 206 -2.60 -6.59 1.68
N TRP A 207 -1.91 -7.21 2.62
CA TRP A 207 -2.44 -8.31 3.42
C TRP A 207 -2.08 -8.06 4.86
N VAL A 208 -3.01 -8.39 5.75
CA VAL A 208 -2.70 -8.42 7.18
C VAL A 208 -2.96 -9.83 7.70
N ARG A 209 -2.55 -10.11 8.94
CA ARG A 209 -2.53 -11.48 9.41
C ARG A 209 -3.01 -11.59 10.85
N PRO A 210 -4.32 -11.46 11.07
CA PRO A 210 -4.80 -11.59 12.44
C PRO A 210 -4.67 -13.00 12.98
N GLY A 211 -4.03 -13.12 14.14
CA GLY A 211 -4.18 -14.29 15.00
C GLY A 211 -5.08 -14.02 16.21
N ILE A 212 -4.48 -13.48 17.28
CA ILE A 212 -5.16 -13.43 18.57
C ILE A 212 -6.45 -12.63 18.54
N ILE A 213 -6.48 -11.49 17.83
CA ILE A 213 -7.66 -10.65 17.80
C ILE A 213 -8.83 -11.32 17.04
N LEU A 214 -8.51 -12.18 16.09
CA LEU A 214 -9.53 -12.96 15.41
C LEU A 214 -10.38 -13.82 16.36
N TYR A 215 -9.77 -14.30 17.42
CA TYR A 215 -10.47 -15.06 18.45
C TYR A 215 -11.03 -14.19 19.58
N GLY A 216 -10.96 -12.88 19.42
CA GLY A 216 -11.59 -11.94 20.36
C GLY A 216 -10.82 -11.76 21.65
N VAL A 217 -9.50 -11.87 21.56
CA VAL A 217 -8.60 -11.70 22.69
C VAL A 217 -7.54 -10.68 22.29
N SER A 218 -7.20 -9.77 23.20
CA SER A 218 -6.36 -8.63 22.86
C SER A 218 -4.91 -9.05 22.73
N PRO A 219 -4.18 -8.44 21.79
CA PRO A 219 -2.77 -8.78 21.69
C PRO A 219 -1.92 -8.05 22.73
N LEU A 220 -2.51 -7.13 23.49
CA LEU A 220 -1.74 -6.14 24.25
C LEU A 220 -1.67 -6.51 25.72
N GLU A 221 -0.73 -5.93 26.44
CA GLU A 221 -0.59 -6.20 27.89
C GLU A 221 -0.84 -4.90 28.68
N ASP A 222 -2.07 -4.41 28.58
CA ASP A 222 -2.47 -3.19 29.26
C ASP A 222 -3.90 -3.35 29.81
N ARG A 223 -4.31 -4.61 29.95
CA ARG A 223 -5.65 -4.97 30.43
C ARG A 223 -6.81 -4.71 29.48
N SER A 224 -6.51 -4.35 28.24
CA SER A 224 -7.53 -4.35 27.17
C SER A 224 -7.94 -5.78 26.82
N THR A 225 -9.18 -5.90 26.35
CA THR A 225 -9.76 -7.18 25.98
C THR A 225 -10.18 -6.98 24.53
N GLY A 226 -10.53 -8.06 23.85
CA GLY A 226 -10.96 -7.94 22.47
C GLY A 226 -12.12 -6.98 22.29
N ALA A 227 -13.03 -6.95 23.25
CA ALA A 227 -14.22 -6.09 23.19
C ALA A 227 -13.85 -4.60 23.18
N ASP A 228 -12.65 -4.26 23.65
CA ASP A 228 -12.10 -2.90 23.49
C ASP A 228 -11.91 -2.55 22.04
N PHE A 229 -11.71 -3.57 21.22
CA PHE A 229 -11.52 -3.41 19.78
C PHE A 229 -12.69 -3.92 18.98
N GLY A 230 -13.79 -4.18 19.67
CA GLY A 230 -15.06 -4.49 19.01
C GLY A 230 -15.12 -5.94 18.53
N CYS A 231 -14.30 -6.79 19.14
CA CYS A 231 -14.22 -8.19 18.74
C CYS A 231 -14.77 -9.00 19.91
N GLN A 232 -15.45 -10.09 19.59
CA GLN A 232 -16.18 -10.83 20.60
C GLN A 232 -15.39 -12.08 20.99
N PRO A 233 -15.28 -12.35 22.29
CA PRO A 233 -14.48 -13.52 22.66
C PRO A 233 -15.06 -14.81 22.10
N VAL A 234 -14.21 -15.64 21.48
CA VAL A 234 -14.67 -16.84 20.81
C VAL A 234 -14.75 -18.03 21.76
N MET A 235 -13.71 -18.21 22.57
CA MET A 235 -13.61 -19.37 23.44
C MET A 235 -14.20 -19.13 24.83
N SER A 236 -14.97 -20.11 25.32
CA SER A 236 -15.22 -20.29 26.76
C SER A 236 -14.58 -21.59 27.19
N LEU A 237 -13.83 -21.57 28.28
CA LEU A 237 -13.39 -22.82 28.93
C LEU A 237 -14.33 -23.10 30.10
N THR A 238 -15.00 -24.24 30.10
CA THR A 238 -15.97 -24.49 31.15
C THR A 238 -15.88 -25.89 31.76
N SER A 239 -16.59 -26.09 32.84
CA SER A 239 -16.61 -27.38 33.52
C SER A 239 -17.79 -27.44 34.47
N SER A 240 -17.68 -28.21 35.54
CA SER A 240 -18.67 -28.27 36.57
C SER A 240 -18.03 -28.64 37.92
N LEU A 241 -18.75 -28.36 38.99
CA LEU A 241 -18.33 -28.82 40.29
C LEU A 241 -18.48 -30.32 40.34
N ILE A 242 -17.54 -30.98 41.01
CA ILE A 242 -17.73 -32.39 41.38
C ILE A 242 -17.96 -32.59 42.87
N ALA A 243 -17.63 -31.59 43.67
CA ALA A 243 -17.89 -31.66 45.09
C ALA A 243 -18.07 -30.30 45.76
N VAL A 244 -18.90 -30.32 46.80
CA VAL A 244 -19.08 -29.18 47.67
C VAL A 244 -19.00 -29.70 49.08
N ARG A 245 -18.04 -29.21 49.83
CA ARG A 245 -17.66 -29.83 51.10
C ARG A 245 -17.59 -28.76 52.19
N GLU A 246 -17.83 -29.18 53.42
CA GLU A 246 -17.59 -28.36 54.60
C GLU A 246 -16.09 -28.24 54.87
N HIS A 247 -15.69 -27.08 55.37
CA HIS A 247 -14.30 -26.77 55.68
C HIS A 247 -14.27 -25.80 56.86
N LYS A 248 -13.21 -25.85 57.68
CA LYS A 248 -13.17 -25.07 58.92
C LYS A 248 -12.07 -24.01 59.01
N ALA A 249 -12.24 -23.08 59.95
CA ALA A 249 -11.31 -21.99 60.11
C ALA A 249 -9.99 -22.60 60.56
N GLY A 250 -8.88 -22.03 60.07
CA GLY A 250 -7.54 -22.52 60.39
C GLY A 250 -7.12 -23.74 59.60
N GLU A 251 -7.92 -24.14 58.61
CA GLU A 251 -7.63 -25.38 57.86
C GLU A 251 -7.00 -25.10 56.48
N PRO A 252 -5.87 -25.76 56.17
CA PRO A 252 -5.26 -25.58 54.86
C PRO A 252 -6.05 -26.26 53.72
N VAL A 253 -5.72 -25.91 52.48
CA VAL A 253 -6.23 -26.62 51.32
C VAL A 253 -5.11 -26.85 50.34
N GLY A 254 -4.99 -28.09 49.92
CA GLY A 254 -4.19 -28.44 48.77
C GLY A 254 -2.76 -28.73 49.12
N TYR A 255 -1.98 -28.98 48.08
CA TYR A 255 -0.55 -29.28 48.20
C TYR A 255 0.17 -28.13 48.87
N GLY A 256 1.11 -28.45 49.77
CA GLY A 256 1.89 -27.45 50.44
C GLY A 256 1.10 -26.65 51.47
N GLY A 257 -0.18 -26.98 51.62
CA GLY A 257 -1.06 -26.21 52.48
C GLY A 257 -0.91 -24.70 52.27
N THR A 258 -0.89 -24.26 51.01
CA THR A 258 -0.53 -22.88 50.67
C THR A 258 -1.64 -21.82 50.93
N TRP A 259 -2.90 -22.27 51.00
CA TRP A 259 -3.96 -21.39 51.48
C TRP A 259 -4.59 -21.94 52.76
N VAL A 260 -4.74 -21.05 53.74
CA VAL A 260 -5.38 -21.38 55.00
C VAL A 260 -6.69 -20.57 55.18
N SER A 261 -7.77 -21.25 55.53
CA SER A 261 -9.08 -20.56 55.69
C SER A 261 -9.12 -19.84 57.03
N GLU A 262 -9.61 -18.61 57.00
CA GLU A 262 -9.74 -17.83 58.21
C GLU A 262 -11.17 -17.91 58.79
N ARG A 263 -12.07 -18.57 58.06
CA ARG A 263 -13.44 -18.81 58.54
C ARG A 263 -13.88 -20.22 58.17
N ASP A 264 -14.93 -20.69 58.84
CA ASP A 264 -15.68 -21.82 58.36
C ASP A 264 -16.33 -21.49 57.01
N THR A 265 -16.32 -22.45 56.10
CA THR A 265 -16.77 -22.18 54.75
C THR A 265 -17.11 -23.46 54.04
N ARG A 266 -17.65 -23.31 52.83
CA ARG A 266 -17.83 -24.42 51.91
C ARG A 266 -16.92 -24.22 50.71
N LEU A 267 -16.17 -25.27 50.39
CA LEU A 267 -15.29 -25.23 49.22
C LEU A 267 -15.92 -26.01 48.08
N GLY A 268 -15.66 -25.57 46.85
CA GLY A 268 -16.11 -26.30 45.67
C GLY A 268 -14.94 -26.93 44.94
N VAL A 269 -15.15 -28.10 44.35
CA VAL A 269 -14.12 -28.70 43.51
C VAL A 269 -14.53 -28.76 42.03
N VAL A 270 -13.71 -28.17 41.18
CA VAL A 270 -14.02 -28.06 39.76
C VAL A 270 -13.28 -29.20 39.02
N ALA A 271 -13.93 -29.91 38.11
CA ALA A 271 -13.26 -30.90 37.25
C ALA A 271 -12.43 -30.20 36.18
N MET A 272 -11.37 -29.52 36.62
CA MET A 272 -10.47 -28.80 35.74
C MET A 272 -9.11 -28.70 36.46
N GLY A 273 -8.03 -28.95 35.74
CA GLY A 273 -6.68 -28.68 36.24
C GLY A 273 -5.68 -28.43 35.13
N PHE A 274 -4.40 -28.57 35.46
CA PHE A 274 -3.40 -28.35 34.45
C PHE A 274 -3.29 -29.49 33.45
N GLY A 275 -3.90 -30.64 33.76
CA GLY A 275 -3.93 -31.78 32.85
C GLY A 275 -4.91 -31.53 31.73
N ASP A 276 -5.60 -30.40 31.84
CA ASP A 276 -6.54 -29.96 30.84
C ASP A 276 -5.96 -28.75 30.09
N GLY A 277 -5.02 -28.06 30.69
CA GLY A 277 -4.52 -26.84 30.11
C GLY A 277 -4.58 -25.62 31.02
N TYR A 278 -5.35 -25.72 32.11
CA TYR A 278 -5.47 -24.61 33.06
C TYR A 278 -4.16 -24.37 33.79
N PRO A 279 -3.78 -23.10 33.97
CA PRO A 279 -2.39 -22.86 34.43
C PRO A 279 -2.13 -23.19 35.88
N ARG A 280 -1.07 -23.93 36.15
CA ARG A 280 -0.70 -24.20 37.54
C ARG A 280 -0.16 -22.96 38.22
N ALA A 281 0.28 -21.97 37.46
CA ALA A 281 0.72 -20.71 38.08
C ALA A 281 -0.41 -19.81 38.60
N ALA A 282 -1.69 -20.21 38.45
CA ALA A 282 -2.80 -19.34 38.90
C ALA A 282 -2.86 -19.30 40.41
N PRO A 283 -2.73 -18.10 41.02
CA PRO A 283 -2.65 -17.98 42.47
C PRO A 283 -4.02 -18.10 43.15
N SER A 284 -4.00 -18.33 44.45
CA SER A 284 -5.19 -18.20 45.27
C SER A 284 -5.80 -16.84 45.03
N GLY A 285 -7.11 -16.83 44.85
CA GLY A 285 -7.82 -15.58 44.59
C GLY A 285 -8.06 -15.37 43.11
N THR A 286 -7.47 -16.18 42.26
CA THR A 286 -7.87 -16.14 40.86
C THR A 286 -9.37 -16.38 40.74
N PRO A 287 -10.05 -15.59 39.90
CA PRO A 287 -11.50 -15.77 39.80
C PRO A 287 -11.98 -16.92 38.93
N VAL A 288 -12.97 -17.65 39.41
N VAL A 288 -13.02 -17.60 39.40
CA VAL A 288 -13.75 -18.53 38.56
CA VAL A 288 -13.74 -18.60 38.65
C VAL A 288 -15.20 -18.17 38.77
C VAL A 288 -15.22 -18.26 38.81
N LEU A 289 -16.04 -18.46 37.77
CA LEU A 289 -17.47 -18.28 37.91
C LEU A 289 -18.14 -19.60 38.20
N VAL A 290 -18.93 -19.61 39.28
CA VAL A 290 -19.81 -20.71 39.62
C VAL A 290 -21.28 -20.27 39.71
N ASN A 291 -22.15 -20.90 38.91
CA ASN A 291 -23.50 -20.42 38.71
C ASN A 291 -23.50 -18.92 38.44
N GLY A 292 -22.55 -18.44 37.64
CA GLY A 292 -22.52 -17.05 37.20
C GLY A 292 -22.02 -16.03 38.22
N ARG A 293 -21.64 -16.46 39.42
CA ARG A 293 -21.00 -15.53 40.34
C ARG A 293 -19.55 -15.87 40.53
N GLU A 294 -18.73 -14.83 40.66
CA GLU A 294 -17.31 -14.99 40.86
C GLU A 294 -16.97 -15.54 42.24
N VAL A 295 -16.16 -16.59 42.25
CA VAL A 295 -15.55 -17.07 43.47
C VAL A 295 -14.07 -17.28 43.26
N PRO A 296 -13.31 -17.38 44.36
CA PRO A 296 -11.88 -17.46 44.18
C PRO A 296 -11.29 -18.87 44.25
N ILE A 297 -10.28 -19.11 43.42
CA ILE A 297 -9.45 -20.30 43.55
C ILE A 297 -8.73 -20.27 44.90
N VAL A 298 -8.77 -21.38 45.61
CA VAL A 298 -8.02 -21.45 46.85
C VAL A 298 -7.07 -22.63 46.86
N GLY A 299 -5.84 -22.38 47.31
CA GLY A 299 -4.79 -23.40 47.28
C GLY A 299 -4.32 -23.67 45.86
N ARG A 300 -3.30 -24.52 45.70
CA ARG A 300 -2.72 -24.79 44.40
C ARG A 300 -3.67 -25.50 43.44
N VAL A 301 -3.64 -25.08 42.17
CA VAL A 301 -4.26 -25.84 41.10
C VAL A 301 -3.61 -27.23 40.99
N ALA A 302 -4.42 -28.25 40.74
CA ALA A 302 -3.91 -29.60 40.64
C ALA A 302 -4.00 -30.08 39.20
N MET A 303 -3.62 -31.32 38.94
CA MET A 303 -3.65 -31.86 37.56
C MET A 303 -5.06 -31.93 36.99
N ASP A 304 -6.04 -32.29 37.82
CA ASP A 304 -7.41 -32.56 37.33
C ASP A 304 -8.48 -31.76 38.10
N MET A 305 -8.05 -31.03 39.11
CA MET A 305 -8.96 -30.41 40.04
C MET A 305 -8.48 -29.02 40.48
N ILE A 306 -9.44 -28.11 40.61
CA ILE A 306 -9.20 -26.82 41.25
C ILE A 306 -10.19 -26.68 42.40
N CYS A 307 -9.76 -26.11 43.50
CA CYS A 307 -10.61 -25.82 44.64
C CYS A 307 -10.96 -24.33 44.70
N VAL A 308 -12.23 -24.02 44.93
CA VAL A 308 -12.69 -22.65 45.07
C VAL A 308 -13.45 -22.49 46.38
N ASP A 309 -13.43 -21.28 46.96
CA ASP A 309 -14.18 -20.97 48.17
C ASP A 309 -15.58 -20.42 47.85
N LEU A 310 -16.60 -21.16 48.26
CA LEU A 310 -17.97 -20.83 47.90
C LEU A 310 -18.70 -20.02 48.99
N GLY A 311 -18.30 -20.22 50.24
CA GLY A 311 -18.92 -19.53 51.41
C GLY A 311 -19.72 -20.49 52.31
N PRO A 312 -19.98 -20.09 53.58
CA PRO A 312 -20.35 -21.14 54.55
C PRO A 312 -21.72 -21.76 54.36
N GLN A 313 -22.66 -21.03 53.77
N GLN A 313 -22.65 -21.03 53.75
CA GLN A 313 -23.99 -21.55 53.56
CA GLN A 313 -24.00 -21.54 53.56
C GLN A 313 -24.41 -21.44 52.10
C GLN A 313 -24.41 -21.45 52.10
N ALA A 314 -23.44 -21.57 51.20
CA ALA A 314 -23.68 -21.52 49.75
C ALA A 314 -24.44 -22.72 49.31
N GLN A 315 -25.30 -22.57 48.31
CA GLN A 315 -26.19 -23.64 47.90
C GLN A 315 -25.76 -24.31 46.58
N ASP A 316 -24.54 -24.01 46.15
CA ASP A 316 -23.93 -24.64 44.98
C ASP A 316 -23.77 -26.13 45.26
N LYS A 317 -23.93 -26.92 44.22
CA LYS A 317 -23.95 -28.37 44.34
C LYS A 317 -23.07 -29.00 43.26
N ALA A 318 -22.48 -30.14 43.59
CA ALA A 318 -21.94 -31.00 42.56
C ALA A 318 -22.84 -31.02 41.32
N GLY A 319 -22.23 -30.86 40.15
CA GLY A 319 -22.97 -30.82 38.90
C GLY A 319 -23.28 -29.41 38.44
N ASP A 320 -22.97 -28.38 39.23
CA ASP A 320 -23.31 -27.01 38.83
C ASP A 320 -22.24 -26.45 37.88
N PRO A 321 -22.67 -25.59 36.93
CA PRO A 321 -21.77 -25.14 35.87
C PRO A 321 -20.67 -24.21 36.36
N VAL A 322 -19.48 -24.34 35.79
CA VAL A 322 -18.36 -23.49 36.14
C VAL A 322 -17.74 -22.86 34.86
N ILE A 323 -17.29 -21.61 34.96
CA ILE A 323 -16.70 -20.93 33.79
C ILE A 323 -15.31 -20.42 34.16
N LEU A 324 -14.28 -21.03 33.58
CA LEU A 324 -12.89 -20.64 33.85
C LEU A 324 -12.55 -19.39 33.08
N TRP A 325 -13.07 -19.30 31.85
CA TRP A 325 -13.15 -18.04 31.12
C TRP A 325 -14.18 -18.16 30.00
N GLY A 326 -14.88 -17.06 29.78
CA GLY A 326 -16.01 -17.04 28.83
C GLY A 326 -16.84 -15.80 29.08
N GLU A 327 -18.16 -15.99 29.19
CA GLU A 327 -19.10 -14.88 29.41
C GLU A 327 -19.06 -14.37 30.84
N GLY A 328 -18.62 -13.14 31.00
CA GLY A 328 -18.53 -12.54 32.31
C GLY A 328 -17.13 -12.64 32.85
N LEU A 329 -16.25 -13.32 32.14
CA LEU A 329 -14.86 -13.48 32.64
C LEU A 329 -13.89 -13.65 31.47
N PRO A 330 -13.43 -12.53 30.89
CA PRO A 330 -12.51 -12.60 29.79
C PRO A 330 -11.19 -13.25 30.15
N VAL A 331 -10.65 -14.03 29.20
CA VAL A 331 -9.36 -14.67 29.35
C VAL A 331 -8.19 -13.71 29.59
N GLU A 332 -8.32 -12.45 29.21
CA GLU A 332 -7.33 -11.44 29.60
C GLU A 332 -7.25 -11.17 31.11
N ARG A 333 -8.38 -11.20 31.79
CA ARG A 333 -8.43 -11.03 33.25
C ARG A 333 -7.76 -12.23 33.93
N ILE A 334 -7.87 -13.42 33.35
CA ILE A 334 -7.16 -14.56 33.91
C ILE A 334 -5.66 -14.41 33.70
N ALA A 335 -5.27 -13.84 32.57
CA ALA A 335 -3.86 -13.68 32.21
C ALA A 335 -3.16 -12.70 33.16
N GLU A 336 -3.80 -11.56 33.37
CA GLU A 336 -3.36 -10.55 34.30
C GLU A 336 -3.14 -11.18 35.67
N MET A 337 -4.18 -11.84 36.21
CA MET A 337 -4.12 -12.41 37.57
C MET A 337 -3.06 -13.51 37.68
N THR A 338 -2.90 -14.30 36.63
CA THR A 338 -1.95 -15.40 36.66
C THR A 338 -0.57 -15.00 36.14
N LYS A 339 -0.51 -13.86 35.46
CA LYS A 339 0.75 -13.37 34.87
C LYS A 339 1.25 -14.35 33.80
N VAL A 340 0.30 -14.88 33.05
CA VAL A 340 0.58 -15.70 31.88
C VAL A 340 0.05 -14.95 30.65
N SER A 341 0.77 -15.00 29.55
CA SER A 341 0.25 -14.46 28.30
C SER A 341 -1.09 -15.07 27.94
N ALA A 342 -2.01 -14.22 27.54
CA ALA A 342 -3.28 -14.73 27.09
C ALA A 342 -3.09 -15.64 25.87
N TYR A 343 -2.07 -15.39 25.06
CA TYR A 343 -1.73 -16.28 23.95
C TYR A 343 -1.55 -17.70 24.41
N GLU A 344 -0.83 -17.86 25.52
CA GLU A 344 -0.53 -19.18 26.03
C GLU A 344 -1.71 -19.83 26.72
N LEU A 345 -2.51 -19.04 27.42
CA LEU A 345 -3.69 -19.59 28.08
C LEU A 345 -4.66 -20.23 27.09
N ILE A 346 -5.00 -19.53 26.02
CA ILE A 346 -5.92 -20.09 25.05
C ILE A 346 -5.32 -21.22 24.21
N THR A 347 -3.98 -21.24 24.08
CA THR A 347 -3.38 -22.15 23.15
C THR A 347 -2.91 -23.44 23.83
N ARG A 348 -2.39 -23.33 25.05
CA ARG A 348 -1.69 -24.46 25.68
C ARG A 348 -2.65 -25.33 26.50
N LEU A 349 -3.69 -25.79 25.82
CA LEU A 349 -4.64 -26.71 26.39
C LEU A 349 -4.38 -28.08 25.80
N THR A 350 -4.65 -29.11 26.59
CA THR A 350 -4.30 -30.48 26.22
C THR A 350 -5.42 -31.10 25.42
N SER A 351 -5.24 -32.36 25.02
CA SER A 351 -6.27 -33.13 24.30
C SER A 351 -7.42 -33.59 25.22
N ARG A 352 -7.24 -33.50 26.52
CA ARG A 352 -8.32 -33.94 27.39
C ARG A 352 -9.60 -33.12 27.28
N VAL A 353 -9.53 -31.84 26.91
CA VAL A 353 -10.73 -31.02 26.86
C VAL A 353 -11.60 -31.40 25.67
N ALA A 354 -12.90 -31.50 25.90
CA ALA A 354 -13.84 -31.72 24.82
C ALA A 354 -13.97 -30.40 24.04
N MET A 355 -14.17 -30.50 22.72
CA MET A 355 -14.42 -29.33 21.86
C MET A 355 -15.89 -29.29 21.49
N LYS A 356 -16.54 -28.18 21.82
CA LYS A 356 -17.94 -27.97 21.45
C LYS A 356 -18.08 -26.70 20.60
N TYR A 357 -18.91 -26.77 19.57
CA TYR A 357 -19.07 -25.65 18.68
C TYR A 357 -20.51 -25.19 18.76
N VAL A 358 -20.69 -23.90 18.99
CA VAL A 358 -22.03 -23.33 18.97
C VAL A 358 -22.23 -22.21 17.96
N ASP A 359 -23.50 -22.03 17.58
CA ASP A 359 -23.96 -20.97 16.69
C ASP A 359 -23.41 -21.20 15.28
N GLN B 2 10.73 -35.56 13.03
CA GLN B 2 11.78 -34.49 12.99
C GLN B 2 11.27 -33.21 13.63
N ALA B 3 9.96 -32.99 13.57
CA ALA B 3 9.34 -31.89 14.30
C ALA B 3 8.96 -32.29 15.73
N ALA B 4 8.23 -31.42 16.38
CA ALA B 4 7.86 -31.58 17.77
C ALA B 4 7.42 -33.00 18.07
N THR B 5 8.25 -33.73 18.81
CA THR B 5 7.99 -35.15 19.05
C THR B 5 8.32 -35.53 20.51
N VAL B 6 7.40 -36.24 21.13
CA VAL B 6 7.58 -36.86 22.43
C VAL B 6 7.92 -38.33 22.22
N VAL B 7 9.15 -38.72 22.55
CA VAL B 7 9.59 -40.11 22.40
C VAL B 7 9.42 -40.81 23.75
N ILE B 8 8.62 -41.88 23.75
CA ILE B 8 8.32 -42.62 24.96
C ILE B 8 9.10 -43.94 24.99
N ASN B 9 9.96 -44.10 25.98
CA ASN B 9 10.84 -45.26 26.09
C ASN B 9 10.14 -46.30 26.95
N ARG B 10 9.57 -47.31 26.31
CA ARG B 10 8.79 -48.34 27.01
C ARG B 10 9.61 -49.13 27.99
N ARG B 11 10.88 -49.34 27.67
CA ARG B 11 11.80 -50.10 28.53
C ARG B 11 12.03 -49.39 29.85
N ALA B 12 12.04 -48.06 29.80
CA ALA B 12 12.19 -47.26 31.00
C ALA B 12 10.99 -47.46 31.89
N LEU B 13 9.84 -47.50 31.26
CA LEU B 13 8.55 -47.65 31.95
C LEU B 13 8.47 -48.99 32.65
N ARG B 14 8.70 -50.08 31.92
N ARG B 14 8.72 -50.08 31.93
CA ARG B 14 8.70 -51.42 32.50
CA ARG B 14 8.68 -51.41 32.53
C ARG B 14 9.66 -51.49 33.68
C ARG B 14 9.67 -51.53 33.68
N HIS B 15 10.86 -50.95 33.50
CA HIS B 15 11.84 -50.90 34.59
C HIS B 15 11.30 -50.18 35.81
N ASN B 16 10.70 -49.01 35.61
CA ASN B 16 10.24 -48.20 36.74
C ASN B 16 9.21 -48.92 37.62
N LEU B 17 8.29 -49.65 37.00
CA LEU B 17 7.27 -50.36 37.75
C LEU B 17 7.92 -51.45 38.59
N GLN B 18 8.82 -52.21 37.96
CA GLN B 18 9.57 -53.22 38.66
C GLN B 18 10.38 -52.60 39.80
N ARG B 19 11.08 -51.52 39.50
CA ARG B 19 11.90 -50.86 40.51
C ARG B 19 11.06 -50.37 41.69
N LEU B 20 9.81 -49.95 41.42
CA LEU B 20 8.92 -49.50 42.47
C LEU B 20 8.35 -50.66 43.30
N ARG B 21 8.12 -51.80 42.65
CA ARG B 21 7.79 -53.00 43.40
C ARG B 21 8.91 -53.38 44.36
N GLU B 22 10.15 -53.17 43.95
CA GLU B 22 11.29 -53.45 44.80
C GLU B 22 11.30 -52.55 46.04
N LEU B 23 10.77 -51.34 45.92
CA LEU B 23 10.79 -50.38 47.02
C LEU B 23 9.58 -50.54 47.95
N ALA B 24 8.51 -51.09 47.39
CA ALA B 24 7.30 -51.39 48.14
C ALA B 24 6.91 -52.84 47.92
N PRO B 25 7.69 -53.78 48.51
CA PRO B 25 7.63 -55.18 48.11
C PRO B 25 6.36 -55.90 48.51
N ALA B 26 5.66 -55.42 49.52
CA ALA B 26 4.45 -56.11 49.94
C ALA B 26 3.17 -55.45 49.39
N SER B 27 3.32 -54.50 48.46
CA SER B 27 2.20 -53.65 48.01
C SER B 27 1.86 -53.87 46.53
N LYS B 28 0.57 -53.85 46.23
CA LYS B 28 0.11 -53.86 44.85
C LYS B 28 0.12 -52.44 44.26
N MET B 29 0.14 -52.33 42.94
CA MET B 29 0.45 -51.07 42.23
C MET B 29 -0.76 -50.61 41.43
N VAL B 30 -1.32 -49.45 41.79
CA VAL B 30 -2.15 -48.67 40.88
C VAL B 30 -1.23 -47.78 40.04
N ALA B 31 -1.07 -48.12 38.78
CA ALA B 31 -0.33 -47.30 37.86
C ALA B 31 -1.19 -46.12 37.48
N VAL B 32 -0.77 -44.91 37.85
CA VAL B 32 -1.57 -43.77 37.62
C VAL B 32 -1.29 -43.19 36.23
N VAL B 33 -2.30 -43.25 35.36
CA VAL B 33 -2.16 -42.90 33.95
C VAL B 33 -3.16 -41.79 33.54
N LYS B 34 -3.69 -41.08 34.52
CA LYS B 34 -4.54 -39.92 34.26
C LYS B 34 -3.86 -38.81 33.44
N ALA B 35 -4.69 -37.96 32.80
CA ALA B 35 -4.22 -36.88 31.93
C ALA B 35 -3.23 -37.39 30.87
N ASN B 36 -3.72 -38.33 30.09
CA ASN B 36 -2.94 -38.94 29.03
C ASN B 36 -1.62 -39.49 29.54
N ALA B 37 -1.70 -40.20 30.66
CA ALA B 37 -0.54 -40.77 31.32
C ALA B 37 0.55 -39.73 31.55
N TYR B 38 0.16 -38.59 32.13
CA TYR B 38 1.12 -37.52 32.41
C TYR B 38 1.85 -37.11 31.13
N GLY B 39 1.11 -37.11 30.03
CA GLY B 39 1.64 -36.67 28.71
C GLY B 39 2.25 -37.77 27.87
N HIS B 40 2.34 -38.98 28.41
CA HIS B 40 3.03 -40.07 27.75
C HIS B 40 2.14 -40.95 26.90
N GLY B 41 0.82 -40.77 26.99
CA GLY B 41 -0.10 -41.54 26.19
C GLY B 41 -0.85 -42.52 27.08
N LEU B 42 -2.11 -42.22 27.33
CA LEU B 42 -2.94 -43.03 28.22
C LEU B 42 -2.95 -44.52 27.84
N LEU B 43 -3.38 -44.83 26.62
CA LEU B 43 -3.61 -46.22 26.24
C LEU B 43 -2.29 -46.97 26.02
N GLU B 44 -1.34 -46.34 25.33
CA GLU B 44 -0.03 -46.94 25.12
C GLU B 44 0.77 -47.17 26.40
N THR B 45 0.63 -46.26 27.37
CA THR B 45 1.26 -46.48 28.66
C THR B 45 0.65 -47.68 29.38
N ALA B 46 -0.67 -47.82 29.36
CA ALA B 46 -1.29 -49.01 29.94
C ALA B 46 -0.87 -50.30 29.23
N ARG B 47 -0.72 -50.22 27.90
CA ARG B 47 -0.30 -51.38 27.12
C ARG B 47 1.11 -51.84 27.46
N THR B 48 1.96 -50.89 27.84
CA THR B 48 3.33 -51.14 28.24
C THR B 48 3.42 -51.83 29.58
N LEU B 49 2.34 -51.79 30.37
CA LEU B 49 2.41 -52.23 31.77
C LEU B 49 1.35 -53.26 32.15
N PRO B 50 1.38 -54.43 31.49
CA PRO B 50 0.42 -55.45 31.91
C PRO B 50 0.75 -56.07 33.27
N ASP B 51 1.93 -55.83 33.83
CA ASP B 51 2.22 -56.24 35.24
C ASP B 51 1.54 -55.38 36.32
N ALA B 52 1.04 -54.20 35.96
CA ALA B 52 0.35 -53.35 36.97
C ALA B 52 -0.85 -54.10 37.56
N ASP B 53 -1.17 -53.86 38.83
CA ASP B 53 -2.36 -54.48 39.41
C ASP B 53 -3.65 -53.73 39.05
N ALA B 54 -3.56 -52.42 38.88
CA ALA B 54 -4.68 -51.64 38.36
C ALA B 54 -4.16 -50.42 37.62
N PHE B 55 -5.05 -49.72 36.92
CA PHE B 55 -4.75 -48.42 36.40
C PHE B 55 -5.57 -47.36 37.13
N GLY B 56 -4.97 -46.20 37.39
CA GLY B 56 -5.64 -45.14 38.13
C GLY B 56 -5.90 -43.96 37.21
N VAL B 57 -7.18 -43.58 37.07
CA VAL B 57 -7.55 -42.44 36.25
C VAL B 57 -8.29 -41.40 37.08
N ALA B 58 -8.36 -40.17 36.56
CA ALA B 58 -9.08 -39.05 37.21
C ALA B 58 -10.60 -39.02 36.94
N ARG B 59 -10.99 -39.46 35.76
CA ARG B 59 -12.38 -39.32 35.30
C ARG B 59 -12.88 -40.57 34.60
N LEU B 60 -14.19 -40.81 34.66
CA LEU B 60 -14.81 -42.00 34.04
C LEU B 60 -14.45 -42.15 32.56
N GLU B 61 -14.43 -41.02 31.85
CA GLU B 61 -14.09 -40.97 30.41
C GLU B 61 -12.74 -41.63 30.12
N GLU B 62 -11.73 -41.35 30.96
CA GLU B 62 -10.41 -41.98 30.85
C GLU B 62 -10.44 -43.50 30.97
N ALA B 63 -11.19 -44.01 31.95
CA ALA B 63 -11.37 -45.44 32.14
C ALA B 63 -12.00 -46.11 30.91
N LEU B 64 -13.08 -45.53 30.44
CA LEU B 64 -13.75 -45.98 29.22
C LEU B 64 -12.82 -46.02 28.01
N ARG B 65 -11.96 -45.01 27.87
CA ARG B 65 -11.01 -45.01 26.76
C ARG B 65 -10.08 -46.21 26.85
N LEU B 66 -9.62 -46.51 28.07
CA LEU B 66 -8.84 -47.70 28.33
C LEU B 66 -9.60 -48.95 27.93
N ARG B 67 -10.83 -49.13 28.42
CA ARG B 67 -11.64 -50.24 27.96
C ARG B 67 -11.77 -50.26 26.44
N ALA B 68 -11.93 -49.09 25.82
CA ALA B 68 -12.10 -49.00 24.37
C ALA B 68 -10.89 -49.45 23.57
N GLY B 69 -9.70 -49.32 24.16
CA GLY B 69 -8.47 -49.70 23.48
C GLY B 69 -8.04 -51.11 23.85
N GLY B 70 -8.93 -51.81 24.55
CA GLY B 70 -8.77 -53.26 24.81
C GLY B 70 -8.09 -53.59 26.12
N ILE B 71 -7.96 -52.61 27.00
CA ILE B 71 -7.42 -52.84 28.35
C ILE B 71 -8.50 -53.39 29.27
N THR B 72 -8.18 -54.42 30.01
CA THR B 72 -9.18 -55.21 30.69
C THR B 72 -8.94 -55.26 32.19
N LYS B 73 -7.72 -54.94 32.61
CA LYS B 73 -7.39 -54.86 34.04
C LYS B 73 -8.30 -53.90 34.86
N PRO B 74 -8.36 -54.09 36.19
CA PRO B 74 -9.08 -53.15 36.99
C PRO B 74 -8.67 -51.69 36.74
N VAL B 75 -9.67 -50.81 36.70
CA VAL B 75 -9.41 -49.40 36.70
C VAL B 75 -10.06 -48.77 37.92
N LEU B 76 -9.25 -47.96 38.60
CA LEU B 76 -9.70 -47.16 39.73
C LEU B 76 -10.09 -45.73 39.29
N LEU B 77 -11.34 -45.34 39.57
CA LEU B 77 -11.75 -43.97 39.45
C LEU B 77 -11.38 -43.18 40.72
N LEU B 78 -10.30 -42.42 40.63
CA LEU B 78 -9.74 -41.75 41.79
C LEU B 78 -10.64 -40.65 42.33
N GLU B 79 -11.46 -40.06 41.47
CA GLU B 79 -12.42 -39.06 41.93
C GLU B 79 -13.85 -39.58 42.01
N GLY B 80 -14.06 -40.86 41.69
CA GLY B 80 -15.40 -41.39 41.60
C GLY B 80 -16.15 -41.00 40.34
N PHE B 81 -17.48 -41.00 40.45
CA PHE B 81 -18.36 -40.71 39.31
C PHE B 81 -19.22 -39.50 39.60
N PHE B 82 -19.54 -38.77 38.54
CA PHE B 82 -20.14 -37.45 38.68
C PHE B 82 -21.63 -37.47 38.33
N ASP B 83 -22.13 -38.60 37.80
CA ASP B 83 -23.57 -38.79 37.56
C ASP B 83 -24.01 -40.22 37.94
N ALA B 84 -24.99 -40.32 38.83
CA ALA B 84 -25.63 -41.59 39.23
C ALA B 84 -26.01 -42.50 38.04
N ARG B 85 -26.23 -41.92 36.87
CA ARG B 85 -26.61 -42.74 35.72
C ARG B 85 -25.43 -43.53 35.15
N ASP B 86 -24.24 -43.33 35.70
CA ASP B 86 -23.03 -44.00 35.25
C ASP B 86 -22.74 -45.30 35.98
N LEU B 87 -23.52 -45.59 37.02
CA LEU B 87 -23.25 -46.71 37.85
C LEU B 87 -23.41 -48.04 37.10
N PRO B 88 -24.37 -48.11 36.16
CA PRO B 88 -24.51 -49.36 35.44
C PRO B 88 -23.29 -49.69 34.60
N THR B 89 -22.76 -48.68 33.93
CA THR B 89 -21.56 -48.77 33.15
C THR B 89 -20.35 -49.12 34.03
N ILE B 90 -20.31 -48.56 35.22
CA ILE B 90 -19.22 -48.84 36.16
C ILE B 90 -19.28 -50.26 36.69
N SER B 91 -20.48 -50.76 36.91
CA SER B 91 -20.63 -52.14 37.33
C SER B 91 -20.20 -53.08 36.22
N ALA B 92 -20.61 -52.77 34.99
CA ALA B 92 -20.46 -53.72 33.88
C ALA B 92 -19.06 -53.68 33.29
N GLN B 93 -18.36 -52.54 33.48
CA GLN B 93 -16.95 -52.45 33.10
C GLN B 93 -16.03 -52.90 34.21
N HIS B 94 -16.62 -53.29 35.34
CA HIS B 94 -15.81 -53.62 36.52
C HIS B 94 -14.73 -52.53 36.78
N PHE B 95 -15.18 -51.28 36.86
CA PHE B 95 -14.34 -50.24 37.40
C PHE B 95 -14.51 -50.21 38.92
N HIS B 96 -13.42 -49.93 39.62
CA HIS B 96 -13.48 -49.60 41.03
C HIS B 96 -13.65 -48.09 41.10
N THR B 97 -14.40 -47.61 42.07
CA THR B 97 -14.62 -46.20 42.18
C THR B 97 -14.39 -45.69 43.58
N ALA B 98 -13.74 -44.53 43.69
CA ALA B 98 -13.78 -43.77 44.93
C ALA B 98 -15.20 -43.32 45.19
N VAL B 99 -15.49 -43.10 46.46
CA VAL B 99 -16.75 -42.54 46.89
C VAL B 99 -16.42 -41.52 47.96
N HIS B 100 -16.79 -40.25 47.73
CA HIS B 100 -16.40 -39.17 48.63
C HIS B 100 -17.53 -38.24 49.05
N ASN B 101 -18.74 -38.42 48.54
CA ASN B 101 -19.83 -37.54 48.93
C ASN B 101 -21.16 -38.25 49.01
N GLU B 102 -22.14 -37.57 49.58
CA GLU B 102 -23.48 -38.11 49.86
C GLU B 102 -24.18 -38.47 48.57
N GLU B 103 -23.98 -37.66 47.53
CA GLU B 103 -24.58 -37.89 46.23
C GLU B 103 -24.21 -39.27 45.71
N GLN B 104 -22.92 -39.58 45.76
CA GLN B 104 -22.44 -40.88 45.30
C GLN B 104 -22.95 -41.98 46.20
N LEU B 105 -22.91 -41.74 47.50
CA LEU B 105 -23.35 -42.79 48.46
C LEU B 105 -24.81 -43.14 48.23
N ALA B 106 -25.64 -42.10 48.17
CA ALA B 106 -27.06 -42.26 47.91
C ALA B 106 -27.30 -42.97 46.58
N ALA B 107 -26.51 -42.62 45.57
CA ALA B 107 -26.71 -43.22 44.24
C ALA B 107 -26.52 -44.73 44.28
N LEU B 108 -25.53 -45.20 45.04
CA LEU B 108 -25.30 -46.62 45.19
C LEU B 108 -26.39 -47.29 46.03
N GLU B 109 -26.80 -46.63 47.09
CA GLU B 109 -27.84 -47.18 47.93
C GLU B 109 -29.13 -47.39 47.12
N GLU B 110 -29.37 -46.53 46.12
CA GLU B 110 -30.66 -46.49 45.43
C GLU B 110 -30.69 -47.34 44.15
N ALA B 111 -29.54 -47.49 43.50
CA ALA B 111 -29.50 -48.09 42.18
C ALA B 111 -29.92 -49.58 42.23
N SER B 112 -30.40 -50.09 41.12
CA SER B 112 -30.45 -51.55 40.90
C SER B 112 -29.40 -51.99 39.88
N LEU B 113 -28.36 -52.68 40.36
CA LEU B 113 -27.21 -53.03 39.52
C LEU B 113 -27.17 -54.54 39.34
N ASP B 114 -26.69 -55.01 38.19
CA ASP B 114 -26.63 -56.46 37.90
C ASP B 114 -25.46 -57.11 38.62
N GLU B 115 -24.47 -56.29 38.99
CA GLU B 115 -23.33 -56.79 39.74
C GLU B 115 -22.92 -55.67 40.68
N PRO B 116 -22.53 -56.02 41.91
CA PRO B 116 -22.04 -54.99 42.82
C PRO B 116 -20.70 -54.41 42.38
N VAL B 117 -20.34 -53.25 42.90
CA VAL B 117 -19.08 -52.68 42.52
C VAL B 117 -18.14 -52.53 43.70
N THR B 118 -16.87 -52.70 43.41
CA THR B 118 -15.79 -52.43 44.34
C THR B 118 -15.62 -50.94 44.60
N VAL B 119 -15.45 -50.58 45.86
CA VAL B 119 -15.52 -49.21 46.31
C VAL B 119 -14.27 -48.96 47.16
N TRP B 120 -13.65 -47.80 46.93
CA TRP B 120 -12.65 -47.23 47.82
C TRP B 120 -13.23 -45.97 48.42
N MET B 121 -13.55 -46.04 49.71
CA MET B 121 -14.02 -44.86 50.43
C MET B 121 -12.86 -43.87 50.62
N LYS B 122 -13.09 -42.63 50.23
CA LYS B 122 -12.07 -41.61 50.22
C LYS B 122 -12.14 -40.80 51.50
N LEU B 123 -11.02 -40.79 52.23
CA LEU B 123 -10.97 -40.17 53.54
C LEU B 123 -10.13 -38.91 53.44
N ASP B 124 -10.71 -37.78 53.84
CA ASP B 124 -9.97 -36.57 53.88
C ASP B 124 -9.18 -36.54 55.17
N THR B 125 -7.86 -36.48 55.04
CA THR B 125 -6.99 -36.55 56.20
C THR B 125 -6.11 -35.31 56.28
N GLY B 126 -6.50 -34.25 55.59
CA GLY B 126 -5.79 -32.97 55.70
C GLY B 126 -5.44 -32.29 54.39
N MET B 127 -5.57 -32.99 53.29
CA MET B 127 -5.48 -32.36 51.98
C MET B 127 -6.61 -31.34 51.83
N HIS B 128 -7.79 -31.70 52.36
CA HIS B 128 -9.04 -30.93 52.21
C HIS B 128 -9.45 -30.62 50.77
N ARG B 129 -9.32 -31.62 49.90
CA ARG B 129 -9.75 -31.48 48.53
C ARG B 129 -10.99 -32.33 48.27
N LEU B 130 -10.82 -33.65 48.21
CA LEU B 130 -11.94 -34.55 48.17
C LEU B 130 -11.92 -35.42 49.40
N GLY B 131 -13.08 -35.96 49.75
CA GLY B 131 -13.17 -37.02 50.74
C GLY B 131 -14.06 -36.66 51.92
N VAL B 132 -14.44 -37.68 52.68
CA VAL B 132 -15.27 -37.49 53.86
C VAL B 132 -14.41 -37.16 55.06
N ARG B 133 -14.87 -36.22 55.87
CA ARG B 133 -14.13 -35.70 57.00
C ARG B 133 -14.29 -36.68 58.15
N PRO B 134 -13.33 -36.70 59.08
CA PRO B 134 -13.25 -37.65 60.18
C PRO B 134 -14.53 -37.76 60.97
N GLU B 135 -15.06 -36.60 61.33
CA GLU B 135 -16.25 -36.56 62.13
C GLU B 135 -17.50 -37.10 61.41
N GLN B 136 -17.44 -37.25 60.07
CA GLN B 136 -18.55 -37.88 59.29
C GLN B 136 -18.23 -39.32 58.86
N ALA B 137 -16.96 -39.68 58.84
CA ALA B 137 -16.51 -40.84 58.03
C ALA B 137 -17.11 -42.16 58.51
N GLU B 138 -17.32 -42.27 59.82
CA GLU B 138 -17.76 -43.52 60.44
C GLU B 138 -19.15 -43.93 60.00
N ALA B 139 -20.08 -42.98 60.01
CA ALA B 139 -21.44 -43.28 59.56
C ALA B 139 -21.48 -43.52 58.04
N PHE B 140 -20.64 -42.80 57.32
CA PHE B 140 -20.60 -42.91 55.87
C PHE B 140 -20.10 -44.32 55.56
N TYR B 141 -19.01 -44.71 56.19
CA TYR B 141 -18.48 -46.08 56.04
C TYR B 141 -19.53 -47.16 56.28
N HIS B 142 -20.29 -47.03 57.37
CA HIS B 142 -21.22 -48.08 57.71
C HIS B 142 -22.30 -48.22 56.65
N ARG B 143 -22.74 -47.10 56.08
CA ARG B 143 -23.71 -47.16 55.00
C ARG B 143 -23.14 -47.93 53.80
N LEU B 144 -21.86 -47.75 53.50
CA LEU B 144 -21.25 -48.50 52.40
C LEU B 144 -21.20 -50.02 52.68
N THR B 145 -21.03 -50.42 53.93
CA THR B 145 -20.98 -51.85 54.26
C THR B 145 -22.36 -52.52 54.13
N GLN B 146 -23.43 -51.72 54.22
CA GLN B 146 -24.81 -52.21 54.12
C GLN B 146 -25.43 -52.10 52.73
N CYS B 147 -24.68 -51.51 51.80
N CYS B 147 -24.68 -51.47 51.80
CA CYS B 147 -25.18 -51.39 50.43
CA CYS B 147 -25.08 -51.42 50.40
C CYS B 147 -24.94 -52.69 49.68
C CYS B 147 -24.92 -52.77 49.75
N LYS B 148 -26.01 -53.31 49.20
CA LYS B 148 -25.93 -54.52 48.40
C LYS B 148 -25.25 -54.28 47.04
N ASN B 149 -25.27 -53.04 46.55
CA ASN B 149 -24.58 -52.73 45.31
C ASN B 149 -23.08 -52.46 45.47
N VAL B 150 -22.53 -52.72 46.65
CA VAL B 150 -21.11 -52.49 46.88
C VAL B 150 -20.46 -53.81 47.32
N ARG B 151 -19.38 -54.22 46.64
CA ARG B 151 -18.62 -55.41 47.06
C ARG B 151 -18.04 -55.21 48.47
N GLN B 152 -18.08 -56.26 49.27
CA GLN B 152 -17.50 -56.19 50.61
C GLN B 152 -16.20 -56.97 50.61
N PRO B 153 -15.19 -56.52 51.37
CA PRO B 153 -15.23 -55.31 52.17
C PRO B 153 -15.00 -53.98 51.41
N VAL B 154 -15.38 -52.88 52.03
CA VAL B 154 -15.14 -51.53 51.52
C VAL B 154 -13.67 -51.20 51.79
N ASN B 155 -12.97 -50.74 50.76
CA ASN B 155 -11.59 -50.31 50.88
C ASN B 155 -11.50 -48.82 51.18
N ILE B 156 -10.32 -48.34 51.62
CA ILE B 156 -10.20 -46.99 52.14
C ILE B 156 -8.99 -46.36 51.52
N VAL B 157 -9.19 -45.15 50.98
CA VAL B 157 -8.10 -44.47 50.31
C VAL B 157 -7.95 -43.06 50.88
N SER B 158 -6.74 -42.51 50.77
CA SER B 158 -6.51 -41.10 51.05
C SER B 158 -5.23 -40.69 50.32
N HIS B 159 -4.88 -39.42 50.42
CA HIS B 159 -3.76 -38.86 49.62
C HIS B 159 -3.06 -37.76 50.41
N PHE B 160 -1.73 -37.76 50.40
CA PHE B 160 -0.95 -36.76 51.13
C PHE B 160 -0.89 -35.41 50.42
N ALA B 161 -0.81 -34.35 51.23
CA ALA B 161 -0.71 -32.98 50.73
C ALA B 161 0.75 -32.48 50.73
N ARG B 162 1.59 -33.06 51.58
CA ARG B 162 2.97 -32.58 51.75
C ARG B 162 3.96 -33.74 52.02
N ALA B 163 3.81 -34.86 51.32
CA ALA B 163 4.77 -35.98 51.43
C ALA B 163 6.14 -35.64 50.85
N ASP B 164 6.20 -34.55 50.09
CA ASP B 164 7.44 -34.08 49.48
C ASP B 164 8.23 -33.15 50.41
N GLU B 165 7.77 -32.98 51.64
CA GLU B 165 8.52 -32.22 52.64
C GLU B 165 8.76 -33.12 53.84
N PRO B 166 9.87 -33.89 53.81
CA PRO B 166 10.07 -34.90 54.84
C PRO B 166 10.42 -34.27 56.18
N LYS B 167 10.85 -33.02 56.16
CA LYS B 167 11.14 -32.25 57.39
C LYS B 167 9.88 -31.84 58.13
N CYS B 168 8.74 -31.89 57.46
CA CYS B 168 7.51 -31.29 57.98
C CYS B 168 6.55 -32.35 58.54
N GLY B 169 5.72 -31.95 59.51
CA GLY B 169 4.91 -32.91 60.30
C GLY B 169 3.54 -33.30 59.72
N ALA B 170 3.18 -32.79 58.55
CA ALA B 170 1.82 -32.99 58.03
C ALA B 170 1.58 -34.43 57.62
N THR B 171 2.60 -35.08 57.07
CA THR B 171 2.45 -36.44 56.61
C THR B 171 2.16 -37.39 57.78
N GLU B 172 2.92 -37.22 58.86
CA GLU B 172 2.72 -38.01 60.06
C GLU B 172 1.35 -37.76 60.70
N LYS B 173 0.80 -36.55 60.56
CA LYS B 173 -0.54 -36.29 61.10
C LYS B 173 -1.68 -36.83 60.21
N GLN B 174 -1.44 -36.87 58.91
CA GLN B 174 -2.37 -37.51 57.99
C GLN B 174 -2.40 -39.03 58.29
N LEU B 175 -1.23 -39.63 58.42
CA LEU B 175 -1.10 -41.05 58.73
C LEU B 175 -1.85 -41.43 59.99
N ALA B 176 -1.68 -40.63 61.04
CA ALA B 176 -2.35 -40.94 62.30
C ALA B 176 -3.87 -40.87 62.17
N ILE B 177 -4.36 -39.87 61.45
CA ILE B 177 -5.79 -39.80 61.16
C ILE B 177 -6.26 -41.02 60.35
N PHE B 178 -5.53 -41.36 59.29
CA PHE B 178 -5.83 -42.56 58.45
C PHE B 178 -5.78 -43.84 59.27
N ASN B 179 -4.70 -44.02 60.04
CA ASN B 179 -4.54 -45.21 60.89
C ASN B 179 -5.66 -45.37 61.94
N THR B 180 -6.15 -44.25 62.48
CA THR B 180 -7.23 -44.30 63.48
C THR B 180 -8.49 -44.86 62.82
N PHE B 181 -8.79 -44.36 61.62
CA PHE B 181 -10.00 -44.76 60.93
C PHE B 181 -9.96 -46.23 60.52
N CYS B 182 -8.82 -46.67 60.01
CA CYS B 182 -8.70 -48.02 59.49
C CYS B 182 -8.53 -49.08 60.57
N GLU B 183 -8.25 -48.67 61.82
CA GLU B 183 -8.19 -49.62 62.95
C GLU B 183 -9.37 -50.56 62.90
N GLY B 184 -9.13 -51.82 62.62
CA GLY B 184 -10.15 -52.86 62.86
C GLY B 184 -11.12 -53.05 61.71
N LYS B 185 -10.96 -52.25 60.67
CA LYS B 185 -11.81 -52.42 59.50
C LYS B 185 -11.18 -53.43 58.57
N PRO B 186 -11.99 -54.20 57.85
CA PRO B 186 -11.46 -55.09 56.83
C PRO B 186 -11.11 -54.25 55.61
N GLY B 187 -10.88 -54.87 54.47
CA GLY B 187 -10.67 -54.10 53.26
C GLY B 187 -9.30 -53.45 53.15
N GLN B 188 -8.92 -53.16 51.93
CA GLN B 188 -7.58 -52.70 51.58
C GLN B 188 -7.34 -51.23 51.91
N ARG B 189 -6.08 -50.91 52.28
CA ARG B 189 -5.66 -49.54 52.59
C ARG B 189 -4.72 -48.97 51.50
N SER B 190 -4.91 -47.70 51.14
CA SER B 190 -4.01 -47.03 50.17
C SER B 190 -3.86 -45.58 50.52
N ILE B 191 -2.62 -45.14 50.72
CA ILE B 191 -2.41 -43.71 50.94
C ILE B 191 -1.20 -43.16 50.19
N ALA B 192 -0.29 -44.03 49.78
CA ALA B 192 0.95 -43.57 49.13
C ALA B 192 0.85 -43.50 47.64
N ALA B 193 1.36 -42.38 47.11
CA ALA B 193 1.71 -42.21 45.72
C ALA B 193 3.24 -42.04 45.67
N SER B 194 3.76 -41.35 44.64
CA SER B 194 5.22 -41.27 44.43
C SER B 194 5.97 -40.86 45.71
N GLY B 195 5.66 -39.66 46.23
CA GLY B 195 6.28 -39.20 47.46
C GLY B 195 6.24 -40.27 48.55
N GLY B 196 5.04 -40.76 48.83
CA GLY B 196 4.86 -41.69 49.92
C GLY B 196 5.68 -42.94 49.75
N ILE B 197 5.65 -43.45 48.53
CA ILE B 197 6.40 -44.66 48.19
C ILE B 197 7.90 -44.48 48.43
N LEU B 198 8.44 -43.35 47.97
CA LEU B 198 9.89 -43.15 47.96
C LEU B 198 10.40 -42.80 49.34
N LEU B 199 9.65 -42.00 50.10
CA LEU B 199 10.14 -41.47 51.38
C LEU B 199 9.54 -42.14 52.62
N TRP B 200 8.25 -42.50 52.58
CA TRP B 200 7.52 -42.96 53.80
C TRP B 200 7.11 -44.46 53.81
N PRO B 201 8.04 -45.37 54.15
CA PRO B 201 7.71 -46.80 54.01
C PRO B 201 6.55 -47.31 54.90
N GLN B 202 6.28 -46.63 55.99
CA GLN B 202 5.19 -47.04 56.87
C GLN B 202 3.81 -46.64 56.31
N SER B 203 3.78 -45.95 55.17
CA SER B 203 2.55 -45.58 54.47
C SER B 203 2.17 -46.55 53.37
N HIS B 204 3.01 -47.55 53.11
CA HIS B 204 2.82 -48.39 51.92
C HIS B 204 1.53 -49.21 51.98
N PHE B 205 1.25 -49.80 53.14
CA PHE B 205 0.07 -50.63 53.31
C PHE B 205 -0.22 -51.60 52.15
N ASP B 206 -1.49 -51.72 51.74
CA ASP B 206 -1.86 -52.75 50.77
C ASP B 206 -1.63 -52.33 49.29
N TRP B 207 -1.96 -51.09 48.96
CA TRP B 207 -1.84 -50.61 47.58
C TRP B 207 -1.11 -49.27 47.53
N VAL B 208 -0.17 -49.15 46.61
CA VAL B 208 0.46 -47.85 46.37
C VAL B 208 0.19 -47.39 44.95
N ARG B 209 0.17 -46.08 44.76
CA ARG B 209 -0.36 -45.52 43.53
C ARG B 209 0.66 -44.64 42.87
N PRO B 210 1.67 -45.24 42.24
CA PRO B 210 2.68 -44.37 41.64
C PRO B 210 2.19 -43.63 40.42
N GLY B 211 2.42 -42.32 40.40
CA GLY B 211 2.26 -41.51 39.20
C GLY B 211 3.61 -41.06 38.66
N ILE B 212 4.02 -39.87 39.06
CA ILE B 212 5.14 -39.20 38.42
C ILE B 212 6.43 -40.00 38.45
N ILE B 213 6.67 -40.75 39.52
CA ILE B 213 7.92 -41.48 39.62
C ILE B 213 7.93 -42.70 38.68
N LEU B 214 6.74 -43.23 38.35
CA LEU B 214 6.63 -44.29 37.36
C LEU B 214 7.12 -43.87 35.99
N TYR B 215 6.99 -42.59 35.67
CA TYR B 215 7.53 -42.03 34.44
C TYR B 215 8.96 -41.52 34.60
N GLY B 216 9.62 -41.98 35.68
CA GLY B 216 11.02 -41.67 35.92
C GLY B 216 11.30 -40.19 36.15
N VAL B 217 10.48 -39.56 36.97
CA VAL B 217 10.58 -38.14 37.27
C VAL B 217 10.31 -37.93 38.75
N SER B 218 11.13 -37.14 39.41
CA SER B 218 11.08 -37.02 40.85
C SER B 218 9.83 -36.25 41.24
N PRO B 219 9.17 -36.67 42.33
CA PRO B 219 8.08 -35.87 42.83
C PRO B 219 8.55 -34.71 43.71
N LEU B 220 9.85 -34.57 43.91
CA LEU B 220 10.39 -33.51 44.77
C LEU B 220 10.89 -32.28 44.00
N GLU B 221 10.96 -31.15 44.69
CA GLU B 221 11.55 -29.95 44.13
C GLU B 221 12.84 -29.61 44.87
N ASP B 222 13.74 -30.58 44.91
CA ASP B 222 14.90 -30.52 45.76
C ASP B 222 16.15 -30.87 44.93
N ARG B 223 15.99 -30.80 43.61
CA ARG B 223 17.04 -31.09 42.64
C ARG B 223 17.23 -32.57 42.32
N SER B 224 16.57 -33.44 43.06
CA SER B 224 16.53 -34.86 42.71
C SER B 224 15.86 -35.10 41.34
N THR B 225 16.31 -36.14 40.65
CA THR B 225 15.74 -36.56 39.40
C THR B 225 15.24 -37.98 39.60
N GLY B 226 14.46 -38.48 38.67
CA GLY B 226 14.05 -39.87 38.75
C GLY B 226 15.20 -40.82 38.99
N ALA B 227 16.36 -40.53 38.39
CA ALA B 227 17.51 -41.41 38.52
C ALA B 227 18.04 -41.48 39.97
N ASP B 228 17.78 -40.45 40.78
CA ASP B 228 18.05 -40.48 42.22
C ASP B 228 17.43 -41.65 42.96
N PHE B 229 16.36 -42.18 42.41
CA PHE B 229 15.60 -43.28 43.02
C PHE B 229 15.61 -44.53 42.13
N GLY B 230 16.49 -44.54 41.14
CA GLY B 230 16.67 -45.74 40.32
C GLY B 230 15.59 -45.95 39.28
N CYS B 231 14.85 -44.88 38.99
CA CYS B 231 13.85 -44.90 37.94
C CYS B 231 14.40 -44.13 36.74
N GLN B 232 14.10 -44.61 35.55
CA GLN B 232 14.73 -44.13 34.33
C GLN B 232 13.76 -43.20 33.59
N PRO B 233 14.22 -42.02 33.19
CA PRO B 233 13.26 -41.13 32.52
C PRO B 233 12.59 -41.74 31.28
N VAL B 234 11.29 -41.52 31.13
CA VAL B 234 10.52 -42.18 30.07
C VAL B 234 10.35 -41.25 28.87
N MET B 235 10.08 -39.97 29.13
CA MET B 235 9.80 -39.02 28.07
C MET B 235 11.05 -38.27 27.63
N SER B 236 11.21 -38.13 26.32
CA SER B 236 12.11 -37.13 25.72
C SER B 236 11.28 -36.22 24.86
N LEU B 237 11.37 -34.92 25.10
CA LEU B 237 10.77 -33.94 24.19
C LEU B 237 11.82 -33.45 23.20
N THR B 238 11.62 -33.75 21.93
CA THR B 238 12.62 -33.55 20.90
C THR B 238 12.09 -32.72 19.71
N SER B 239 13.00 -32.11 18.97
CA SER B 239 12.63 -31.47 17.72
C SER B 239 13.81 -31.27 16.81
N SER B 240 13.75 -30.22 16.00
CA SER B 240 14.68 -29.92 14.93
C SER B 240 14.96 -28.43 14.89
N LEU B 241 16.13 -28.06 14.37
CA LEU B 241 16.39 -26.70 13.96
C LEU B 241 15.77 -26.47 12.59
N ILE B 242 15.22 -25.27 12.43
CA ILE B 242 14.68 -24.87 11.15
C ILE B 242 15.41 -23.68 10.59
N ALA B 243 16.40 -23.20 11.32
CA ALA B 243 17.21 -22.11 10.83
C ALA B 243 18.48 -21.90 11.67
N VAL B 244 19.56 -21.54 10.98
CA VAL B 244 20.77 -21.08 11.64
C VAL B 244 21.15 -19.77 10.95
N ARG B 245 21.26 -18.71 11.75
CA ARG B 245 21.29 -17.34 11.26
C ARG B 245 22.42 -16.58 11.95
N GLU B 246 23.03 -15.66 11.20
CA GLU B 246 23.94 -14.66 11.75
C GLU B 246 23.20 -13.62 12.60
N HIS B 247 23.91 -13.07 13.56
CA HIS B 247 23.36 -12.11 14.48
C HIS B 247 24.49 -11.22 15.01
N LYS B 248 24.21 -9.94 15.29
CA LYS B 248 25.27 -9.00 15.71
C LYS B 248 25.13 -8.48 17.13
N ALA B 249 26.27 -8.06 17.67
CA ALA B 249 26.36 -7.41 18.97
C ALA B 249 25.34 -6.29 19.08
N GLY B 250 24.75 -6.16 20.27
CA GLY B 250 23.75 -5.15 20.53
C GLY B 250 22.39 -5.43 19.89
N GLU B 251 22.28 -6.46 19.06
CA GLU B 251 20.97 -6.78 18.45
C GLU B 251 20.08 -7.61 19.38
N PRO B 252 18.83 -7.20 19.59
CA PRO B 252 17.94 -7.98 20.47
C PRO B 252 17.30 -9.18 19.76
N VAL B 253 16.72 -10.11 20.51
CA VAL B 253 15.99 -11.21 19.92
C VAL B 253 14.60 -11.29 20.51
N GLY B 254 13.63 -11.58 19.64
CA GLY B 254 12.31 -12.02 20.07
C GLY B 254 11.40 -10.89 20.49
N TYR B 255 10.23 -11.25 20.99
CA TYR B 255 9.20 -10.26 21.32
C TYR B 255 9.72 -9.35 22.42
N GLY B 256 9.34 -8.08 22.39
CA GLY B 256 9.77 -7.16 23.45
C GLY B 256 11.29 -6.99 23.58
N GLY B 257 12.05 -7.54 22.61
CA GLY B 257 13.50 -7.43 22.64
C GLY B 257 14.12 -7.68 24.01
N THR B 258 13.75 -8.79 24.65
CA THR B 258 14.13 -9.05 26.05
C THR B 258 15.56 -9.57 26.22
N TRP B 259 16.18 -10.12 25.17
CA TRP B 259 17.60 -10.46 25.25
C TRP B 259 18.40 -9.78 24.15
N VAL B 260 19.53 -9.19 24.52
CA VAL B 260 20.45 -8.52 23.60
C VAL B 260 21.81 -9.24 23.61
N SER B 261 22.32 -9.64 22.45
CA SER B 261 23.64 -10.28 22.35
C SER B 261 24.78 -9.28 22.64
N GLU B 262 25.77 -9.74 23.40
CA GLU B 262 27.00 -9.00 23.66
C GLU B 262 28.05 -9.19 22.58
N ARG B 263 27.83 -10.11 21.65
CA ARG B 263 28.81 -10.45 20.62
C ARG B 263 28.09 -10.80 19.32
N ASP B 264 28.81 -10.80 18.21
CA ASP B 264 28.31 -11.40 16.98
C ASP B 264 28.17 -12.87 17.25
N THR B 265 27.12 -13.46 16.68
CA THR B 265 26.91 -14.84 16.92
C THR B 265 26.03 -15.50 15.88
N ARG B 266 25.87 -16.80 16.03
CA ARG B 266 24.90 -17.52 15.24
C ARG B 266 23.75 -17.97 16.13
N LEU B 267 22.53 -17.71 15.67
CA LEU B 267 21.34 -18.18 16.36
C LEU B 267 20.77 -19.41 15.65
N GLY B 268 20.25 -20.33 16.46
CA GLY B 268 19.46 -21.43 15.97
C GLY B 268 18.00 -21.24 16.31
N VAL B 269 17.12 -21.66 15.39
CA VAL B 269 15.67 -21.59 15.64
C VAL B 269 15.11 -23.01 15.64
N VAL B 270 14.43 -23.34 16.74
CA VAL B 270 13.93 -24.70 16.95
C VAL B 270 12.45 -24.69 16.57
N ALA B 271 11.98 -25.76 15.94
CA ALA B 271 10.56 -26.04 15.71
C ALA B 271 9.88 -26.54 17.00
N MET B 272 9.67 -25.63 17.95
CA MET B 272 9.06 -25.97 19.23
C MET B 272 8.58 -24.69 19.87
N GLY B 273 7.38 -24.70 20.43
CA GLY B 273 6.93 -23.59 21.29
C GLY B 273 5.78 -23.91 22.21
N PHE B 274 5.12 -22.88 22.73
CA PHE B 274 4.12 -23.08 23.74
C PHE B 274 2.82 -23.65 23.13
N GLY B 275 2.73 -23.60 21.81
CA GLY B 275 1.65 -24.30 21.11
C GLY B 275 1.88 -25.80 21.01
N ASP B 276 3.09 -26.22 21.35
CA ASP B 276 3.40 -27.61 21.51
C ASP B 276 3.28 -28.02 22.96
N GLY B 277 3.37 -27.07 23.87
CA GLY B 277 3.46 -27.37 25.28
C GLY B 277 4.74 -26.95 25.98
N TYR B 278 5.71 -26.38 25.28
CA TYR B 278 6.90 -25.82 25.94
C TYR B 278 6.58 -24.49 26.63
N PRO B 279 6.91 -24.38 27.92
CA PRO B 279 6.39 -23.27 28.72
C PRO B 279 6.88 -21.94 28.26
N ARG B 280 5.96 -21.01 28.06
CA ARG B 280 6.38 -19.67 27.72
C ARG B 280 7.27 -19.09 28.81
N ALA B 281 7.10 -19.56 30.05
CA ALA B 281 7.84 -19.01 31.19
C ALA B 281 9.38 -19.13 31.10
N ALA B 282 9.90 -20.02 30.25
CA ALA B 282 11.35 -20.29 30.21
C ALA B 282 12.18 -19.02 30.06
N PRO B 283 13.03 -18.71 31.05
CA PRO B 283 13.87 -17.52 30.85
C PRO B 283 15.00 -17.79 29.87
N SER B 284 15.56 -16.72 29.34
CA SER B 284 16.78 -16.82 28.58
C SER B 284 17.83 -17.52 29.46
N GLY B 285 18.59 -18.44 28.87
CA GLY B 285 19.59 -19.20 29.62
C GLY B 285 19.10 -20.58 30.03
N THR B 286 17.83 -20.90 29.80
CA THR B 286 17.35 -22.28 29.97
C THR B 286 18.06 -23.15 28.94
N PRO B 287 18.51 -24.34 29.35
CA PRO B 287 19.26 -25.19 28.44
C PRO B 287 18.40 -25.97 27.45
N VAL B 288 18.97 -26.14 26.25
CA VAL B 288 18.43 -27.01 25.21
C VAL B 288 19.65 -27.74 24.67
N LEU B 289 19.50 -28.98 24.23
CA LEU B 289 20.62 -29.67 23.60
C LEU B 289 20.45 -29.57 22.09
N VAL B 290 21.51 -29.10 21.44
CA VAL B 290 21.62 -29.15 20.01
C VAL B 290 22.83 -30.01 19.63
N ASN B 291 22.60 -31.00 18.79
CA ASN B 291 23.61 -31.97 18.43
C ASN B 291 24.26 -32.51 19.71
N GLY B 292 23.46 -32.76 20.73
CA GLY B 292 24.00 -33.29 21.97
C GLY B 292 24.55 -32.29 22.99
N ARG B 293 24.93 -31.08 22.58
CA ARG B 293 25.55 -30.13 23.49
CA ARG B 293 25.54 -30.15 23.52
C ARG B 293 24.56 -29.07 23.92
N GLU B 294 24.83 -28.47 25.07
CA GLU B 294 23.96 -27.51 25.74
C GLU B 294 24.16 -26.07 25.21
N VAL B 295 23.05 -25.41 24.91
CA VAL B 295 23.03 -24.03 24.45
C VAL B 295 21.80 -23.32 25.05
N PRO B 296 21.94 -22.03 25.39
CA PRO B 296 20.89 -21.33 26.13
C PRO B 296 19.79 -20.74 25.25
N ILE B 297 18.57 -20.78 25.76
CA ILE B 297 17.43 -20.09 25.17
C ILE B 297 17.70 -18.59 25.24
N VAL B 298 17.44 -17.89 24.15
CA VAL B 298 17.63 -16.43 24.16
C VAL B 298 16.40 -15.78 23.61
N GLY B 299 15.86 -14.83 24.38
CA GLY B 299 14.58 -14.23 24.04
C GLY B 299 13.41 -15.11 24.39
N ARG B 300 12.21 -14.60 24.22
CA ARG B 300 11.04 -15.29 24.67
C ARG B 300 10.76 -16.53 23.85
N VAL B 301 10.34 -17.59 24.55
CA VAL B 301 9.62 -18.68 23.93
C VAL B 301 8.38 -18.18 23.21
N ALA B 302 8.26 -18.55 21.93
CA ALA B 302 7.12 -18.17 21.13
C ALA B 302 6.24 -19.37 20.86
N MET B 303 5.14 -19.15 20.17
CA MET B 303 4.14 -20.20 20.04
C MET B 303 4.64 -21.43 19.29
N ASP B 304 5.44 -21.21 18.24
CA ASP B 304 5.92 -22.31 17.36
C ASP B 304 7.45 -22.42 17.26
N MET B 305 8.16 -21.44 17.82
CA MET B 305 9.60 -21.37 17.71
C MET B 305 10.26 -20.96 19.02
N ILE B 306 11.49 -21.48 19.22
CA ILE B 306 12.39 -21.08 20.28
C ILE B 306 13.76 -20.77 19.66
N CYS B 307 14.39 -19.69 20.08
CA CYS B 307 15.69 -19.29 19.58
C CYS B 307 16.74 -19.66 20.60
N VAL B 308 17.87 -20.19 20.11
CA VAL B 308 19.00 -20.54 20.96
C VAL B 308 20.26 -19.90 20.40
N ASP B 309 21.27 -19.73 21.27
CA ASP B 309 22.48 -19.03 20.92
C ASP B 309 23.57 -20.07 20.73
N LEU B 310 23.99 -20.26 19.48
CA LEU B 310 24.92 -21.37 19.18
C LEU B 310 26.40 -20.96 19.18
N GLY B 311 26.68 -19.67 18.98
CA GLY B 311 28.06 -19.15 18.95
C GLY B 311 28.50 -18.79 17.53
N PRO B 312 29.58 -18.01 17.40
CA PRO B 312 29.71 -17.28 16.15
C PRO B 312 30.20 -18.09 14.96
N GLN B 313 30.86 -19.21 15.20
CA GLN B 313 31.30 -20.04 14.10
C GLN B 313 30.77 -21.45 14.28
N ALA B 314 29.65 -21.56 14.97
CA ALA B 314 29.00 -22.82 15.23
C ALA B 314 28.59 -23.47 13.93
N GLN B 315 28.75 -24.78 13.85
CA GLN B 315 28.49 -25.53 12.62
C GLN B 315 27.20 -26.38 12.64
N ASP B 316 26.31 -26.09 13.57
CA ASP B 316 24.95 -26.62 13.56
C ASP B 316 24.19 -26.11 12.35
N LYS B 317 23.38 -26.96 11.74
CA LYS B 317 22.62 -26.61 10.54
C LYS B 317 21.11 -26.81 10.75
N ALA B 318 20.32 -26.16 9.90
CA ALA B 318 18.91 -26.49 9.76
C ALA B 318 18.76 -27.99 9.56
N GLY B 319 17.91 -28.61 10.38
CA GLY B 319 17.60 -30.03 10.21
C GLY B 319 18.17 -30.86 11.32
N ASP B 320 19.10 -30.30 12.08
CA ASP B 320 19.80 -31.05 13.14
C ASP B 320 18.87 -31.29 14.36
N PRO B 321 19.16 -32.34 15.16
CA PRO B 321 18.25 -32.70 16.25
C PRO B 321 18.38 -31.85 17.53
N VAL B 322 17.23 -31.53 18.13
CA VAL B 322 17.19 -30.78 19.36
C VAL B 322 16.48 -31.59 20.46
N ILE B 323 17.00 -31.52 21.69
CA ILE B 323 16.39 -32.22 22.81
C ILE B 323 15.98 -31.12 23.80
N LEU B 324 14.70 -31.03 24.09
CA LEU B 324 14.21 -30.03 25.06
C LEU B 324 14.30 -30.60 26.48
N TRP B 325 14.03 -31.88 26.59
CA TRP B 325 14.37 -32.67 27.78
C TRP B 325 14.35 -34.16 27.42
N GLY B 326 15.20 -34.92 28.10
CA GLY B 326 15.46 -36.31 27.72
C GLY B 326 16.89 -36.67 28.06
N GLU B 327 17.52 -37.49 27.22
CA GLU B 327 18.82 -38.05 27.56
C GLU B 327 19.83 -36.92 27.57
N GLY B 328 20.45 -36.72 28.72
CA GLY B 328 21.43 -35.64 28.92
C GLY B 328 20.82 -34.36 29.47
N LEU B 329 19.50 -34.33 29.62
CA LEU B 329 18.80 -33.09 30.03
C LEU B 329 17.47 -33.40 30.72
N PRO B 330 17.53 -33.80 32.01
CA PRO B 330 16.36 -34.19 32.77
C PRO B 330 15.31 -33.09 32.88
N VAL B 331 14.02 -33.46 32.72
CA VAL B 331 12.96 -32.48 32.83
C VAL B 331 13.01 -31.71 34.14
N GLU B 332 13.51 -32.33 35.21
CA GLU B 332 13.64 -31.65 36.53
C GLU B 332 14.59 -30.44 36.46
N ARG B 333 15.59 -30.52 35.58
CA ARG B 333 16.47 -29.38 35.34
C ARG B 333 15.68 -28.26 34.66
N ILE B 334 14.89 -28.62 33.65
CA ILE B 334 14.04 -27.63 33.03
C ILE B 334 13.01 -27.08 34.01
N ALA B 335 12.50 -27.95 34.90
CA ALA B 335 11.55 -27.50 35.93
C ALA B 335 12.17 -26.40 36.77
N GLU B 336 13.39 -26.64 37.21
CA GLU B 336 14.01 -25.74 38.15
C GLU B 336 14.37 -24.43 37.47
N MET B 337 14.97 -24.51 36.29
CA MET B 337 15.36 -23.30 35.57
C MET B 337 14.13 -22.47 35.22
N THR B 338 12.99 -23.11 35.01
CA THR B 338 11.80 -22.36 34.61
C THR B 338 10.86 -21.98 35.75
N LYS B 339 11.11 -22.56 36.93
CA LYS B 339 10.20 -22.48 38.08
C LYS B 339 8.81 -23.07 37.76
N VAL B 340 8.79 -24.04 36.86
CA VAL B 340 7.58 -24.83 36.59
C VAL B 340 7.68 -26.17 37.35
N SER B 341 6.57 -26.64 37.91
CA SER B 341 6.55 -27.99 38.42
C SER B 341 6.80 -29.01 37.31
N ALA B 342 7.57 -30.04 37.63
CA ALA B 342 7.85 -31.10 36.65
C ALA B 342 6.53 -31.73 36.16
N TYR B 343 5.60 -31.95 37.10
CA TYR B 343 4.25 -32.44 36.78
C TYR B 343 3.63 -31.73 35.60
N GLU B 344 3.60 -30.41 35.66
CA GLU B 344 2.93 -29.59 34.65
C GLU B 344 3.70 -29.68 33.36
N LEU B 345 5.03 -29.69 33.47
CA LEU B 345 5.89 -29.71 32.29
C LEU B 345 5.60 -30.92 31.41
N ILE B 346 5.64 -32.10 32.01
CA ILE B 346 5.40 -33.30 31.22
C ILE B 346 3.97 -33.42 30.75
N THR B 347 3.02 -32.90 31.52
CA THR B 347 1.62 -33.23 31.35
C THR B 347 0.94 -32.28 30.40
N ARG B 348 1.30 -31.02 30.48
CA ARG B 348 0.53 -29.96 29.78
C ARG B 348 1.14 -29.69 28.39
N LEU B 349 1.21 -30.75 27.60
CA LEU B 349 1.54 -30.64 26.18
C LEU B 349 0.26 -30.60 25.37
N THR B 350 0.37 -30.13 24.14
CA THR B 350 -0.75 -30.07 23.24
C THR B 350 -0.79 -31.25 22.30
N SER B 351 -1.88 -31.35 21.57
CA SER B 351 -2.06 -32.45 20.61
C SER B 351 -1.22 -32.28 19.31
N ARG B 352 -0.48 -31.18 19.16
CA ARG B 352 0.37 -31.01 17.99
C ARG B 352 1.64 -31.87 18.02
N VAL B 353 2.04 -32.28 19.21
CA VAL B 353 3.21 -33.12 19.38
C VAL B 353 2.97 -34.54 18.87
N ALA B 354 3.88 -35.00 18.02
CA ALA B 354 3.87 -36.38 17.59
C ALA B 354 4.35 -37.30 18.71
N MET B 355 3.67 -38.44 18.85
CA MET B 355 4.03 -39.45 19.84
C MET B 355 4.72 -40.63 19.18
N LYS B 356 5.91 -40.97 19.65
CA LYS B 356 6.61 -42.16 19.18
C LYS B 356 7.07 -43.04 20.34
N TYR B 357 6.93 -44.34 20.18
CA TYR B 357 7.23 -45.28 21.25
C TYR B 357 8.37 -46.18 20.84
N VAL B 358 9.40 -46.25 21.67
CA VAL B 358 10.59 -47.02 21.33
C VAL B 358 10.85 -48.15 22.35
N ASP B 359 11.67 -49.10 21.92
CA ASP B 359 11.86 -50.37 22.64
C ASP B 359 10.47 -50.93 22.93
N ALA C 3 6.72 22.69 -44.01
CA ALA C 3 6.75 23.64 -42.85
C ALA C 3 6.35 22.93 -41.57
N ALA C 4 5.85 23.67 -40.59
CA ALA C 4 5.88 23.24 -39.20
C ALA C 4 5.11 21.94 -38.98
N THR C 5 5.86 20.88 -38.65
CA THR C 5 5.32 19.55 -38.47
C THR C 5 5.82 18.98 -37.15
N VAL C 6 4.93 18.33 -36.40
CA VAL C 6 5.36 17.59 -35.25
C VAL C 6 5.31 16.10 -35.57
N VAL C 7 6.47 15.45 -35.48
CA VAL C 7 6.55 14.01 -35.77
C VAL C 7 6.46 13.24 -34.44
N ILE C 8 5.39 12.47 -34.28
CA ILE C 8 5.16 11.72 -33.05
C ILE C 8 5.56 10.25 -33.24
N ASN C 9 6.63 9.85 -32.57
CA ASN C 9 7.14 8.48 -32.66
C ASN C 9 6.31 7.55 -31.76
N ARG C 10 5.46 6.76 -32.39
CA ARG C 10 4.54 5.87 -31.71
C ARG C 10 5.28 4.74 -30.97
N ARG C 11 6.50 4.43 -31.40
CA ARG C 11 7.25 3.31 -30.83
C ARG C 11 7.83 3.71 -29.49
N ALA C 12 8.25 4.97 -29.40
CA ALA C 12 8.86 5.47 -28.19
C ALA C 12 7.82 5.72 -27.08
N LEU C 13 6.58 5.93 -27.47
CA LEU C 13 5.47 6.03 -26.52
C LEU C 13 5.21 4.70 -25.80
N ARG C 14 5.07 3.62 -26.58
CA ARG C 14 4.86 2.30 -26.01
C ARG C 14 6.02 1.88 -25.10
N HIS C 15 7.24 2.09 -25.58
CA HIS C 15 8.43 1.81 -24.77
C HIS C 15 8.36 2.55 -23.44
N ASN C 16 8.00 3.83 -23.50
CA ASN C 16 8.00 4.67 -22.33
C ASN C 16 6.99 4.19 -21.30
N LEU C 17 5.84 3.74 -21.78
CA LEU C 17 4.82 3.22 -20.91
C LEU C 17 5.27 1.93 -20.20
N GLN C 18 5.86 1.02 -20.96
CA GLN C 18 6.37 -0.23 -20.36
C GLN C 18 7.52 0.10 -19.43
N ARG C 19 8.36 1.04 -19.86
CA ARG C 19 9.46 1.49 -19.04
C ARG C 19 8.96 2.04 -17.70
N LEU C 20 7.88 2.81 -17.73
CA LEU C 20 7.35 3.38 -16.50
C LEU C 20 6.64 2.35 -15.64
N ARG C 21 6.27 1.20 -16.23
CA ARG C 21 5.74 0.08 -15.46
C ARG C 21 6.85 -0.70 -14.73
N GLU C 22 8.02 -0.81 -15.34
CA GLU C 22 9.17 -1.42 -14.68
C GLU C 22 9.63 -0.57 -13.49
N LEU C 23 9.49 0.75 -13.60
CA LEU C 23 9.88 1.63 -12.49
C LEU C 23 8.88 1.55 -11.33
N ALA C 24 7.59 1.49 -11.65
CA ALA C 24 6.52 1.50 -10.64
C ALA C 24 5.65 0.25 -10.76
N PRO C 25 6.22 -0.92 -10.48
CA PRO C 25 5.66 -2.15 -11.03
C PRO C 25 4.53 -2.75 -10.20
N ALA C 26 4.19 -2.15 -9.05
CA ALA C 26 2.97 -2.52 -8.32
C ALA C 26 1.76 -1.65 -8.69
N SER C 27 1.94 -0.64 -9.56
CA SER C 27 0.97 0.44 -9.67
C SER C 27 0.29 0.49 -11.06
N LYS C 28 -0.99 0.84 -11.06
CA LYS C 28 -1.70 1.10 -12.32
C LYS C 28 -1.33 2.48 -12.87
N MET C 29 -1.61 2.70 -14.14
CA MET C 29 -1.06 3.84 -14.89
C MET C 29 -2.22 4.70 -15.41
N VAL C 30 -2.33 5.92 -14.93
CA VAL C 30 -3.17 6.89 -15.62
C VAL C 30 -2.32 7.63 -16.64
N ALA C 31 -2.54 7.33 -17.92
CA ALA C 31 -1.79 7.99 -18.97
C ALA C 31 -2.40 9.37 -19.12
N VAL C 32 -1.61 10.39 -18.81
CA VAL C 32 -2.09 11.76 -18.77
C VAL C 32 -1.93 12.43 -20.13
N VAL C 33 -3.08 12.70 -20.76
CA VAL C 33 -3.16 13.07 -22.18
C VAL C 33 -3.96 14.36 -22.34
N LYS C 34 -4.02 15.12 -21.27
CA LYS C 34 -4.63 16.43 -21.29
C LYS C 34 -3.84 17.41 -22.17
N ALA C 35 -4.54 18.46 -22.60
CA ALA C 35 -3.96 19.53 -23.39
C ALA C 35 -3.34 19.00 -24.68
N ASN C 36 -4.22 18.44 -25.52
CA ASN C 36 -3.82 17.72 -26.72
C ASN C 36 -2.60 16.81 -26.48
N ALA C 37 -2.64 16.08 -25.38
CA ALA C 37 -1.57 15.14 -25.01
C ALA C 37 -0.21 15.83 -24.94
N TYR C 38 -0.13 16.86 -24.10
CA TYR C 38 1.09 17.62 -23.95
C TYR C 38 1.68 17.98 -25.33
N GLY C 39 0.79 18.21 -26.29
CA GLY C 39 1.17 18.66 -27.63
C GLY C 39 1.30 17.53 -28.65
N HIS C 40 1.15 16.29 -28.21
CA HIS C 40 1.49 15.14 -29.03
C HIS C 40 0.26 14.54 -29.73
N GLY C 41 -0.94 15.02 -29.38
CA GLY C 41 -2.18 14.53 -29.99
C GLY C 41 -3.05 13.70 -29.06
N LEU C 42 -4.14 14.29 -28.60
CA LEU C 42 -5.03 13.68 -27.61
C LEU C 42 -5.47 12.26 -28.02
N LEU C 43 -6.12 12.16 -29.18
CA LEU C 43 -6.76 10.92 -29.61
C LEU C 43 -5.72 9.87 -30.07
N GLU C 44 -4.66 10.31 -30.74
CA GLU C 44 -3.67 9.39 -31.30
C GLU C 44 -2.69 8.87 -30.26
N THR C 45 -2.38 9.68 -29.28
CA THR C 45 -1.63 9.21 -28.11
C THR C 45 -2.42 8.15 -27.35
N ALA C 46 -3.74 8.32 -27.27
CA ALA C 46 -4.59 7.38 -26.57
C ALA C 46 -4.63 6.05 -27.30
N ARG C 47 -4.90 6.10 -28.61
CA ARG C 47 -4.95 4.88 -29.44
C ARG C 47 -3.59 4.21 -29.64
N THR C 48 -2.51 4.89 -29.29
CA THR C 48 -1.19 4.26 -29.30
C THR C 48 -0.97 3.42 -28.02
N LEU C 49 -1.77 3.67 -26.98
CA LEU C 49 -1.50 3.08 -25.67
C LEU C 49 -2.70 2.32 -25.09
N PRO C 50 -3.15 1.29 -25.79
CA PRO C 50 -4.26 0.48 -25.27
C PRO C 50 -3.89 -0.31 -23.99
N ASP C 51 -2.61 -0.41 -23.67
CA ASP C 51 -2.16 -1.01 -22.41
C ASP C 51 -2.36 -0.12 -21.17
N ALA C 52 -2.74 1.14 -21.35
CA ALA C 52 -2.90 2.07 -20.22
C ALA C 52 -4.18 1.75 -19.45
N ASP C 53 -4.10 1.79 -18.12
CA ASP C 53 -5.23 1.33 -17.28
C ASP C 53 -6.34 2.36 -17.26
N ALA C 54 -5.96 3.62 -17.49
CA ALA C 54 -6.91 4.68 -17.75
C ALA C 54 -6.19 5.89 -18.34
N PHE C 55 -6.96 6.83 -18.87
CA PHE C 55 -6.42 8.08 -19.34
C PHE C 55 -6.90 9.20 -18.44
N GLY C 56 -6.01 10.13 -18.13
CA GLY C 56 -6.37 11.30 -17.35
C GLY C 56 -6.43 12.52 -18.23
N VAL C 57 -7.46 13.35 -18.01
CA VAL C 57 -7.63 14.62 -18.70
C VAL C 57 -8.06 15.71 -17.70
N ALA C 58 -7.93 16.96 -18.13
CA ALA C 58 -8.21 18.12 -17.28
C ALA C 58 -9.69 18.49 -17.28
N ARG C 59 -10.36 18.21 -18.37
CA ARG C 59 -11.65 18.79 -18.66
C ARG C 59 -12.54 17.80 -19.41
N LEU C 60 -13.82 17.76 -19.06
CA LEU C 60 -14.76 16.78 -19.61
C LEU C 60 -14.74 16.71 -21.13
N GLU C 61 -14.63 17.88 -21.76
CA GLU C 61 -14.57 18.00 -23.23
C GLU C 61 -13.52 17.06 -23.82
N GLU C 62 -12.31 17.15 -23.26
CA GLU C 62 -11.20 16.35 -23.75
C GLU C 62 -11.57 14.88 -23.70
N ALA C 63 -12.38 14.49 -22.70
CA ALA C 63 -12.73 13.08 -22.50
C ALA C 63 -13.78 12.63 -23.51
N LEU C 64 -14.79 13.48 -23.73
CA LEU C 64 -15.80 13.20 -24.75
C LEU C 64 -15.16 13.00 -26.12
N ARG C 65 -14.08 13.73 -26.38
CA ARG C 65 -13.34 13.55 -27.62
C ARG C 65 -12.75 12.16 -27.69
N LEU C 66 -12.12 11.72 -26.60
CA LEU C 66 -11.62 10.35 -26.55
C LEU C 66 -12.73 9.35 -26.85
N ARG C 67 -13.85 9.46 -26.16
CA ARG C 67 -14.94 8.51 -26.38
C ARG C 67 -15.39 8.61 -27.83
N ALA C 68 -15.47 9.83 -28.35
CA ALA C 68 -15.92 10.06 -29.72
C ALA C 68 -14.97 9.45 -30.75
N GLY C 69 -13.70 9.30 -30.38
CA GLY C 69 -12.70 8.66 -31.24
C GLY C 69 -12.61 7.15 -31.08
N GLY C 70 -13.43 6.59 -30.20
CA GLY C 70 -13.49 5.13 -30.02
C GLY C 70 -12.56 4.60 -28.93
N ILE C 71 -12.24 5.44 -27.96
CA ILE C 71 -11.48 4.99 -26.80
C ILE C 71 -12.38 4.34 -25.77
N THR C 72 -11.93 3.20 -25.25
CA THR C 72 -12.75 2.33 -24.40
C THR C 72 -12.30 2.38 -22.93
N LYS C 73 -11.03 2.67 -22.72
CA LYS C 73 -10.46 2.67 -21.37
C LYS C 73 -11.18 3.68 -20.49
N PRO C 74 -11.03 3.54 -19.17
CA PRO C 74 -11.58 4.56 -18.28
C PRO C 74 -10.85 5.89 -18.46
N VAL C 75 -11.59 6.96 -18.26
CA VAL C 75 -11.08 8.31 -18.41
C VAL C 75 -11.34 9.02 -17.09
N LEU C 76 -10.27 9.57 -16.54
CA LEU C 76 -10.34 10.25 -15.27
C LEU C 76 -10.34 11.74 -15.54
N LEU C 77 -11.36 12.42 -15.03
CA LEU C 77 -11.39 13.87 -15.13
C LEU C 77 -10.67 14.47 -13.92
N LEU C 78 -9.47 14.97 -14.16
CA LEU C 78 -8.56 15.36 -13.09
C LEU C 78 -9.09 16.51 -12.24
N GLU C 79 -9.83 17.41 -12.88
CA GLU C 79 -10.41 18.57 -12.18
C GLU C 79 -11.90 18.36 -11.85
N GLY C 80 -12.40 17.15 -12.13
CA GLY C 80 -13.82 16.86 -12.00
C GLY C 80 -14.66 17.58 -13.02
N PHE C 81 -15.89 17.91 -12.63
CA PHE C 81 -16.88 18.46 -13.54
C PHE C 81 -17.29 19.88 -13.13
N PHE C 82 -17.62 20.69 -14.13
CA PHE C 82 -17.84 22.12 -13.95
C PHE C 82 -19.33 22.46 -13.98
N ASP C 83 -20.18 21.46 -14.19
CA ASP C 83 -21.63 21.70 -14.15
C ASP C 83 -22.40 20.45 -13.71
N ALA C 84 -23.31 20.63 -12.76
CA ALA C 84 -24.22 19.57 -12.32
C ALA C 84 -24.85 18.80 -13.48
N ARG C 85 -25.14 19.49 -14.58
CA ARG C 85 -25.87 18.88 -15.68
C ARG C 85 -25.05 17.90 -16.48
N ASP C 86 -23.77 17.78 -16.17
CA ASP C 86 -22.88 16.88 -16.90
C ASP C 86 -22.94 15.43 -16.35
N LEU C 87 -23.47 15.25 -15.15
CA LEU C 87 -23.42 13.94 -14.49
C LEU C 87 -24.03 12.82 -15.31
N PRO C 88 -25.19 13.05 -15.94
CA PRO C 88 -25.80 12.04 -16.80
C PRO C 88 -24.89 11.48 -17.90
N THR C 89 -24.04 12.31 -18.49
CA THR C 89 -23.08 11.83 -19.49
C THR C 89 -21.87 11.16 -18.83
N ILE C 90 -21.43 11.69 -17.69
CA ILE C 90 -20.28 11.13 -16.96
C ILE C 90 -20.61 9.72 -16.51
N SER C 91 -21.84 9.55 -16.04
CA SER C 91 -22.41 8.24 -15.68
C SER C 91 -22.50 7.29 -16.87
N ALA C 92 -22.99 7.76 -18.02
CA ALA C 92 -23.20 6.89 -19.19
C ALA C 92 -21.91 6.53 -19.94
N GLN C 93 -20.93 7.44 -19.91
CA GLN C 93 -19.65 7.20 -20.59
C GLN C 93 -18.69 6.47 -19.70
N HIS C 94 -19.08 6.32 -18.44
CA HIS C 94 -18.25 5.66 -17.45
C HIS C 94 -16.96 6.42 -17.24
N PHE C 95 -17.06 7.75 -17.12
CA PHE C 95 -15.90 8.56 -16.79
C PHE C 95 -15.72 8.53 -15.28
N HIS C 96 -14.48 8.36 -14.83
CA HIS C 96 -14.15 8.54 -13.41
C HIS C 96 -13.94 10.03 -13.18
N THR C 97 -14.32 10.53 -12.00
CA THR C 97 -14.32 11.98 -11.76
C THR C 97 -13.66 12.37 -10.43
N ALA C 98 -12.78 13.36 -10.48
CA ALA C 98 -12.28 13.99 -9.26
C ALA C 98 -13.42 14.79 -8.64
N VAL C 99 -13.45 14.85 -7.32
CA VAL C 99 -14.41 15.66 -6.62
C VAL C 99 -13.66 16.47 -5.56
N HIS C 100 -13.65 17.77 -5.74
CA HIS C 100 -12.77 18.64 -4.94
C HIS C 100 -13.49 19.80 -4.22
N ASN C 101 -14.80 19.96 -4.42
CA ASN C 101 -15.51 21.14 -3.89
C ASN C 101 -17.00 20.92 -3.61
N GLU C 102 -17.58 21.88 -2.90
CA GLU C 102 -18.91 21.73 -2.30
C GLU C 102 -20.01 21.64 -3.35
N GLU C 103 -19.78 22.23 -4.52
CA GLU C 103 -20.77 22.25 -5.59
C GLU C 103 -20.85 20.86 -6.23
N GLN C 104 -19.69 20.26 -6.48
CA GLN C 104 -19.66 18.94 -7.09
C GLN C 104 -20.25 17.88 -6.18
N LEU C 105 -19.86 17.88 -4.91
CA LEU C 105 -20.42 16.92 -3.93
C LEU C 105 -21.96 17.02 -3.84
N ALA C 106 -22.49 18.24 -3.75
CA ALA C 106 -23.95 18.47 -3.65
C ALA C 106 -24.66 18.05 -4.92
N ALA C 107 -23.99 18.24 -6.05
CA ALA C 107 -24.53 17.84 -7.32
C ALA C 107 -24.72 16.31 -7.34
N LEU C 108 -23.76 15.58 -6.81
CA LEU C 108 -23.81 14.11 -6.81
C LEU C 108 -24.89 13.59 -5.85
N GLU C 109 -25.00 14.26 -4.70
CA GLU C 109 -26.08 13.99 -3.74
C GLU C 109 -27.49 14.20 -4.31
N GLU C 110 -27.65 15.13 -5.25
CA GLU C 110 -28.99 15.48 -5.78
C GLU C 110 -29.37 14.70 -7.03
N ALA C 111 -28.36 14.31 -7.80
CA ALA C 111 -28.58 13.78 -9.15
C ALA C 111 -29.37 12.47 -9.16
N LEU C 113 -29.39 9.58 -11.69
CA LEU C 113 -28.37 8.86 -12.46
C LEU C 113 -28.68 7.38 -12.54
N ASP C 114 -28.62 6.84 -13.76
CA ASP C 114 -28.97 5.44 -14.01
C ASP C 114 -27.86 4.50 -13.51
N GLU C 115 -26.62 4.90 -13.71
CA GLU C 115 -25.50 4.19 -13.13
C GLU C 115 -24.72 5.14 -12.20
N PRO C 116 -24.41 4.66 -10.99
CA PRO C 116 -23.53 5.48 -10.15
C PRO C 116 -22.16 5.69 -10.80
N VAL C 117 -21.38 6.65 -10.29
CA VAL C 117 -20.12 7.05 -10.90
C VAL C 117 -18.95 6.83 -9.95
N THR C 118 -17.77 6.52 -10.50
CA THR C 118 -16.58 6.31 -9.68
C THR C 118 -15.87 7.62 -9.43
N VAL C 119 -15.41 7.82 -8.20
CA VAL C 119 -14.96 9.12 -7.75
C VAL C 119 -13.58 8.99 -7.11
N TRP C 120 -12.73 9.97 -7.42
CA TRP C 120 -11.50 10.21 -6.67
C TRP C 120 -11.61 11.53 -5.93
N MET C 121 -11.75 11.44 -4.60
CA MET C 121 -11.77 12.65 -3.81
C MET C 121 -10.40 13.30 -3.84
N LYS C 122 -10.37 14.58 -4.25
CA LYS C 122 -9.13 15.31 -4.31
C LYS C 122 -8.82 15.98 -2.99
N LEU C 123 -7.60 15.73 -2.50
CA LEU C 123 -7.15 16.22 -1.21
C LEU C 123 -6.03 17.25 -1.37
N ASP C 124 -6.25 18.45 -0.85
CA ASP C 124 -5.16 19.45 -0.79
C ASP C 124 -4.18 19.11 0.32
N THR C 125 -2.99 18.67 -0.06
CA THR C 125 -1.92 18.32 0.86
C THR C 125 -0.78 19.38 0.90
N GLY C 126 -0.95 20.53 0.27
CA GLY C 126 0.11 21.57 0.26
C GLY C 126 0.27 22.40 -1.01
N MET C 127 -0.21 21.87 -2.13
CA MET C 127 -0.23 22.57 -3.41
C MET C 127 -1.16 23.77 -3.37
N HIS C 128 -2.27 23.63 -2.64
CA HIS C 128 -3.27 24.69 -2.53
C HIS C 128 -3.72 25.22 -3.90
N ARG C 129 -4.05 24.28 -4.79
CA ARG C 129 -4.73 24.64 -6.03
C ARG C 129 -6.17 24.20 -5.98
N LEU C 130 -6.44 22.95 -6.34
CA LEU C 130 -7.75 22.35 -6.09
C LEU C 130 -7.70 21.45 -4.85
N GLY C 131 -8.87 21.08 -4.33
CA GLY C 131 -8.95 20.01 -3.34
C GLY C 131 -9.47 20.46 -1.98
N VAL C 132 -9.78 19.46 -1.16
CA VAL C 132 -10.34 19.72 0.14
C VAL C 132 -9.18 19.75 1.11
N ARG C 133 -9.15 20.78 1.95
CA ARG C 133 -8.10 20.92 2.94
C ARG C 133 -8.34 19.90 4.08
N PRO C 134 -7.27 19.44 4.74
CA PRO C 134 -7.40 18.41 5.78
C PRO C 134 -8.56 18.59 6.79
N GLU C 135 -8.88 19.83 7.17
CA GLU C 135 -9.83 20.06 8.27
C GLU C 135 -11.31 19.98 7.86
N GLN C 136 -11.57 19.87 6.56
CA GLN C 136 -12.92 19.63 6.07
C GLN C 136 -13.02 18.24 5.42
N ALA C 137 -11.91 17.53 5.32
CA ALA C 137 -11.79 16.35 4.45
C ALA C 137 -12.61 15.14 4.96
N GLU C 138 -12.68 14.98 6.27
CA GLU C 138 -13.35 13.84 6.87
C GLU C 138 -14.86 13.94 6.61
N ALA C 139 -15.41 15.11 6.90
CA ALA C 139 -16.83 15.41 6.63
C ALA C 139 -17.19 15.26 5.15
N PHE C 140 -16.38 15.88 4.29
CA PHE C 140 -16.55 15.82 2.83
C PHE C 140 -16.51 14.35 2.37
N TYR C 141 -15.51 13.62 2.85
CA TYR C 141 -15.36 12.21 2.52
C TYR C 141 -16.57 11.38 2.98
N HIS C 142 -16.93 11.52 4.24
CA HIS C 142 -18.07 10.79 4.76
C HIS C 142 -19.29 10.93 3.85
N ARG C 143 -19.66 12.17 3.52
CA ARG C 143 -20.76 12.41 2.57
C ARG C 143 -20.63 11.58 1.28
N LEU C 144 -19.41 11.45 0.76
CA LEU C 144 -19.19 10.69 -0.47
C LEU C 144 -19.50 9.20 -0.32
N THR C 145 -19.18 8.64 0.85
CA THR C 145 -19.43 7.23 1.11
C THR C 145 -20.93 6.94 1.26
N GLN C 146 -21.71 7.98 1.57
CA GLN C 146 -23.15 7.83 1.77
C GLN C 146 -23.96 8.15 0.51
N CYS C 147 -23.26 8.61 -0.52
N CYS C 147 -23.26 8.60 -0.53
CA CYS C 147 -23.92 9.04 -1.74
CA CYS C 147 -23.91 9.04 -1.74
C CYS C 147 -24.22 7.83 -2.61
C CYS C 147 -24.23 7.82 -2.62
N LYS C 148 -25.51 7.62 -2.90
CA LYS C 148 -25.93 6.47 -3.70
C LYS C 148 -25.42 6.57 -5.13
N ASN C 149 -25.20 7.81 -5.61
CA ASN C 149 -24.71 8.00 -6.97
C ASN C 149 -23.20 7.78 -7.11
N VAL C 150 -22.53 7.47 -6.01
CA VAL C 150 -21.08 7.20 -6.05
C VAL C 150 -20.83 5.72 -5.82
N ARG C 151 -20.15 5.05 -6.76
CA ARG C 151 -19.75 3.67 -6.56
C ARG C 151 -18.69 3.57 -5.48
N GLN C 152 -18.95 2.73 -4.49
CA GLN C 152 -18.03 2.53 -3.40
C GLN C 152 -16.97 1.52 -3.86
N PRO C 153 -15.74 1.64 -3.38
CA PRO C 153 -15.36 2.66 -2.39
C PRO C 153 -14.96 4.02 -3.00
N VAL C 154 -14.86 5.05 -2.16
CA VAL C 154 -14.32 6.34 -2.60
C VAL C 154 -12.81 6.27 -2.70
N ASN C 155 -12.29 6.76 -3.82
CA ASN C 155 -10.86 6.81 -4.03
C ASN C 155 -10.31 8.17 -3.67
N ILE C 156 -9.00 8.23 -3.49
CA ILE C 156 -8.35 9.39 -2.88
C ILE C 156 -7.17 9.82 -3.75
N VAL C 157 -7.23 11.05 -4.28
CA VAL C 157 -6.17 11.58 -5.16
C VAL C 157 -5.51 12.85 -4.61
N SER C 158 -4.20 12.97 -4.80
CA SER C 158 -3.53 14.25 -4.60
C SER C 158 -2.39 14.42 -5.56
N HIS C 159 -1.70 15.54 -5.45
CA HIS C 159 -0.69 15.88 -6.45
C HIS C 159 0.44 16.69 -5.82
N PHE C 160 1.67 16.41 -6.26
CA PHE C 160 2.87 16.98 -5.63
C PHE C 160 3.17 18.38 -6.17
N ALA C 161 3.59 19.26 -5.27
CA ALA C 161 3.85 20.65 -5.63
C ALA C 161 5.35 20.89 -5.91
N ARG C 162 6.21 20.09 -5.27
CA ARG C 162 7.66 20.27 -5.40
C ARG C 162 8.41 18.93 -5.38
N ALA C 163 7.93 17.96 -6.15
CA ALA C 163 8.58 16.65 -6.26
C ALA C 163 9.91 16.70 -7.02
N ASP C 164 10.05 17.66 -7.92
CA ASP C 164 11.35 17.96 -8.56
C ASP C 164 12.38 18.66 -7.64
N GLU C 165 12.14 18.68 -6.33
CA GLU C 165 13.12 19.19 -5.36
C GLU C 165 13.32 18.27 -4.16
N PRO C 166 14.24 17.30 -4.27
CA PRO C 166 14.48 16.33 -3.18
C PRO C 166 15.14 16.91 -1.91
N LYS C 167 15.81 18.06 -2.03
CA LYS C 167 16.37 18.74 -0.86
C LYS C 167 15.26 19.16 0.11
N CYS C 168 14.31 19.95 -0.38
CA CYS C 168 13.30 20.53 0.51
C CYS C 168 12.27 19.47 0.92
N GLY C 169 11.71 19.65 2.11
CA GLY C 169 10.89 18.61 2.73
C GLY C 169 9.47 18.55 2.19
N ALA C 170 9.16 19.46 1.26
CA ALA C 170 7.79 19.64 0.76
C ALA C 170 7.13 18.30 0.43
N THR C 171 7.83 17.45 -0.32
CA THR C 171 7.31 16.17 -0.79
C THR C 171 6.98 15.22 0.38
N GLU C 172 7.88 15.14 1.37
CA GLU C 172 7.70 14.33 2.58
C GLU C 172 6.54 14.83 3.45
N LYS C 173 6.33 16.14 3.49
CA LYS C 173 5.25 16.69 4.31
C LYS C 173 3.88 16.50 3.65
N GLN C 174 3.83 16.57 2.32
CA GLN C 174 2.62 16.22 1.55
C GLN C 174 2.23 14.72 1.69
N LEU C 175 3.23 13.85 1.72
CA LEU C 175 2.98 12.43 1.94
C LEU C 175 2.44 12.16 3.34
N ALA C 176 2.99 12.83 4.34
CA ALA C 176 2.55 12.61 5.71
C ALA C 176 1.07 12.99 5.86
N ILE C 177 0.66 14.09 5.23
CA ILE C 177 -0.77 14.47 5.25
C ILE C 177 -1.66 13.48 4.52
N PHE C 178 -1.26 13.08 3.31
CA PHE C 178 -1.99 12.06 2.54
C PHE C 178 -2.09 10.73 3.30
N ASN C 179 -0.99 10.33 3.91
CA ASN C 179 -0.90 9.02 4.57
C ASN C 179 -1.77 8.98 5.82
N THR C 180 -1.76 10.08 6.55
CA THR C 180 -2.60 10.24 7.72
C THR C 180 -4.07 10.18 7.33
N PHE C 181 -4.45 10.86 6.24
CA PHE C 181 -5.86 10.85 5.78
C PHE C 181 -6.29 9.48 5.22
N CYS C 182 -5.34 8.75 4.68
CA CYS C 182 -5.64 7.48 4.04
C CYS C 182 -5.76 6.32 5.02
N GLU C 183 -5.29 6.51 6.26
CA GLU C 183 -5.40 5.51 7.32
C GLU C 183 -6.83 5.02 7.51
N GLY C 184 -7.00 3.71 7.37
CA GLY C 184 -8.25 3.06 7.70
C GLY C 184 -9.22 3.03 6.57
N LYS C 185 -8.84 3.56 5.42
CA LYS C 185 -9.79 3.77 4.32
C LYS C 185 -9.58 2.74 3.23
N PRO C 186 -10.68 2.33 2.57
CA PRO C 186 -10.65 1.50 1.37
C PRO C 186 -10.41 2.40 0.17
N GLY C 187 -10.51 1.86 -1.03
CA GLY C 187 -10.41 2.71 -2.21
C GLY C 187 -8.98 3.03 -2.59
N GLN C 188 -8.77 3.17 -3.88
CA GLN C 188 -7.45 3.30 -4.45
C GLN C 188 -6.84 4.62 -4.04
N ARG C 189 -5.51 4.66 -3.95
CA ARG C 189 -4.76 5.85 -3.58
C ARG C 189 -3.80 6.25 -4.72
N SER C 190 -3.70 7.54 -5.00
CA SER C 190 -2.77 8.02 -6.06
C SER C 190 -2.30 9.42 -5.78
N ILE C 191 -0.99 9.59 -5.61
CA ILE C 191 -0.44 10.94 -5.43
C ILE C 191 0.66 11.29 -6.45
N ALA C 192 1.23 10.27 -7.11
CA ALA C 192 2.47 10.44 -7.85
C ALA C 192 2.25 10.69 -9.35
N ALA C 193 2.79 11.80 -9.85
CA ALA C 193 2.97 12.01 -11.28
C ALA C 193 4.40 11.61 -11.72
N SER C 194 4.92 12.23 -12.77
CA SER C 194 6.23 11.88 -13.33
C SER C 194 7.34 11.91 -12.29
N GLY C 195 7.39 13.00 -11.54
CA GLY C 195 8.46 13.23 -10.60
C GLY C 195 8.44 12.22 -9.46
N GLY C 196 7.24 11.99 -8.93
CA GLY C 196 7.03 11.07 -7.84
C GLY C 196 7.39 9.66 -8.29
N ILE C 197 6.97 9.33 -9.50
CA ILE C 197 7.34 8.06 -10.11
C ILE C 197 8.86 7.92 -10.14
N LEU C 198 9.56 8.92 -10.67
CA LEU C 198 11.01 8.80 -10.86
C LEU C 198 11.82 8.87 -9.56
N LEU C 199 11.38 9.68 -8.61
CA LEU C 199 12.23 10.06 -7.47
C LEU C 199 11.75 9.51 -6.12
N TRP C 200 10.46 9.22 -6.02
CA TRP C 200 9.80 9.00 -4.74
C TRP C 200 9.02 7.69 -4.75
N PRO C 201 9.74 6.56 -4.67
CA PRO C 201 9.09 5.26 -4.82
C PRO C 201 8.08 4.94 -3.71
N GLN C 202 8.27 5.53 -2.53
CA GLN C 202 7.30 5.31 -1.46
C GLN C 202 5.99 6.08 -1.72
N SER C 203 5.94 6.82 -2.84
CA SER C 203 4.76 7.60 -3.20
C SER C 203 3.84 6.97 -4.25
N HIS C 204 4.14 5.74 -4.69
CA HIS C 204 3.54 5.15 -5.89
C HIS C 204 2.13 4.63 -5.60
N PHE C 205 1.98 3.93 -4.47
CA PHE C 205 0.68 3.41 -4.07
C PHE C 205 0.00 2.59 -5.20
N ASP C 206 -1.29 2.78 -5.42
CA ASP C 206 -2.03 1.89 -6.34
C ASP C 206 -1.99 2.40 -7.78
N TRP C 207 -2.08 3.72 -7.93
CA TRP C 207 -2.09 4.37 -9.24
C TRP C 207 -1.08 5.50 -9.26
N VAL C 208 -0.36 5.58 -10.36
CA VAL C 208 0.51 6.71 -10.68
C VAL C 208 0.04 7.31 -11.98
N ARG C 209 0.44 8.53 -12.25
CA ARG C 209 -0.14 9.30 -13.34
C ARG C 209 0.95 10.01 -14.12
N PRO C 210 1.61 9.31 -15.04
CA PRO C 210 2.71 9.92 -15.77
C PRO C 210 2.22 10.78 -16.92
N GLY C 211 2.74 12.00 -17.00
CA GLY C 211 2.52 12.87 -18.16
C GLY C 211 3.84 13.13 -18.87
N ILE C 212 4.59 14.14 -18.42
CA ILE C 212 5.76 14.55 -19.19
C ILE C 212 6.74 13.40 -19.50
N ILE C 213 7.06 12.59 -18.50
CA ILE C 213 7.99 11.50 -18.75
C ILE C 213 7.44 10.45 -19.72
N LEU C 214 6.13 10.22 -19.72
CA LEU C 214 5.54 9.30 -20.69
C LEU C 214 5.94 9.68 -22.12
N TYR C 215 6.10 10.98 -22.35
CA TYR C 215 6.49 11.51 -23.65
C TYR C 215 8.00 11.59 -23.77
N GLY C 216 8.72 10.98 -22.82
CA GLY C 216 10.18 10.86 -22.89
C GLY C 216 10.95 12.12 -22.61
N VAL C 217 10.39 12.96 -21.74
CA VAL C 217 10.89 14.27 -21.44
C VAL C 217 10.90 14.40 -19.92
N SER C 218 12.01 14.84 -19.35
CA SER C 218 12.18 14.85 -17.90
C SER C 218 11.35 15.95 -17.21
N PRO C 219 10.92 15.69 -15.97
CA PRO C 219 10.16 16.73 -15.28
C PRO C 219 11.05 17.65 -14.46
N LEU C 220 12.37 17.46 -14.56
CA LEU C 220 13.30 18.13 -13.64
C LEU C 220 14.02 19.30 -14.28
N GLU C 221 14.58 20.18 -13.45
CA GLU C 221 15.21 21.40 -13.94
C GLU C 221 16.74 21.34 -13.81
N ASP C 222 17.29 20.14 -13.96
CA ASP C 222 18.68 19.88 -13.57
C ASP C 222 19.47 19.41 -14.78
N ARG C 223 18.97 19.74 -15.96
CA ARG C 223 19.62 19.37 -17.22
C ARG C 223 19.51 17.88 -17.52
N SER C 224 18.80 17.13 -16.68
CA SER C 224 18.42 15.76 -17.05
C SER C 224 17.50 15.77 -18.28
N THR C 225 17.53 14.67 -19.02
CA THR C 225 16.59 14.48 -20.13
C THR C 225 15.71 13.25 -19.82
N GLY C 226 14.92 12.77 -20.79
CA GLY C 226 14.13 11.56 -20.60
C GLY C 226 14.93 10.28 -20.68
N ALA C 227 16.12 10.37 -21.30
CA ALA C 227 17.01 9.22 -21.47
C ALA C 227 17.80 8.90 -20.20
N ASP C 228 17.93 9.90 -19.33
CA ASP C 228 18.52 9.70 -18.02
C ASP C 228 17.67 8.71 -17.26
N PHE C 229 16.42 8.55 -17.70
CA PHE C 229 15.49 7.61 -17.08
C PHE C 229 15.10 6.50 -18.03
N GLY C 230 15.82 6.39 -19.15
CA GLY C 230 15.58 5.35 -20.14
C GLY C 230 14.24 5.48 -20.84
N CYS C 231 13.70 6.69 -20.86
CA CYS C 231 12.54 7.00 -21.71
C CYS C 231 12.98 7.71 -22.97
N GLN C 232 12.33 7.37 -24.09
CA GLN C 232 12.77 7.84 -25.39
C GLN C 232 11.86 8.97 -25.85
N PRO C 233 12.44 10.01 -26.45
CA PRO C 233 11.62 11.18 -26.81
C PRO C 233 10.60 10.87 -27.89
N VAL C 234 9.41 11.42 -27.76
CA VAL C 234 8.34 11.05 -28.66
C VAL C 234 8.24 12.05 -29.78
N MET C 235 8.43 13.30 -29.44
CA MET C 235 8.06 14.41 -30.31
C MET C 235 9.32 14.84 -31.01
N SER C 236 9.22 15.06 -32.31
CA SER C 236 10.16 15.91 -33.02
C SER C 236 9.45 17.14 -33.61
N LEU C 237 10.07 18.30 -33.48
CA LEU C 237 9.50 19.51 -34.08
C LEU C 237 10.31 19.97 -35.30
N THR C 238 9.76 19.71 -36.48
CA THR C 238 10.55 19.72 -37.71
C THR C 238 9.96 20.69 -38.72
N SER C 239 10.83 21.21 -39.58
CA SER C 239 10.43 22.16 -40.61
C SER C 239 11.40 22.06 -41.79
N SER C 240 11.59 23.17 -42.50
CA SER C 240 12.49 23.22 -43.66
C SER C 240 13.03 24.62 -43.83
N LEU C 241 14.22 24.72 -44.41
CA LEU C 241 14.78 26.00 -44.85
C LEU C 241 13.90 26.53 -45.98
N ILE C 242 13.62 27.82 -45.96
CA ILE C 242 12.91 28.46 -47.06
C ILE C 242 13.74 29.58 -47.73
N ALA C 243 14.96 29.77 -47.28
CA ALA C 243 15.90 30.62 -48.00
C ALA C 243 17.30 30.42 -47.43
N VAL C 244 18.28 30.41 -48.34
CA VAL C 244 19.67 30.53 -47.98
C VAL C 244 20.30 31.73 -48.69
N ARG C 245 20.85 32.65 -47.90
CA ARG C 245 21.08 34.02 -48.36
C ARG C 245 22.43 34.49 -47.83
N GLU C 246 23.16 35.26 -48.64
CA GLU C 246 24.43 35.84 -48.22
C GLU C 246 24.21 36.93 -47.18
N HIS C 247 25.27 37.27 -46.46
CA HIS C 247 25.16 38.27 -45.40
C HIS C 247 26.54 38.88 -45.22
N LYS C 248 26.59 40.05 -44.61
CA LYS C 248 27.81 40.84 -44.50
C LYS C 248 28.26 41.00 -43.03
N ALA C 249 29.56 41.24 -42.85
CA ALA C 249 30.07 41.67 -41.56
C ALA C 249 29.47 43.01 -41.14
N GLY C 250 29.12 43.14 -39.86
CA GLY C 250 28.60 44.39 -39.31
C GLY C 250 27.10 44.56 -39.45
N GLU C 251 26.45 43.66 -40.19
CA GLU C 251 25.02 43.77 -40.45
C GLU C 251 24.17 43.03 -39.43
N PRO C 252 23.09 43.67 -38.95
CA PRO C 252 22.20 43.06 -37.98
C PRO C 252 21.28 42.07 -38.67
N VAL C 253 20.48 41.36 -37.88
CA VAL C 253 19.41 40.55 -38.44
C VAL C 253 18.14 40.69 -37.61
N GLY C 254 17.02 40.84 -38.30
CA GLY C 254 15.70 40.75 -37.69
C GLY C 254 15.28 41.97 -36.89
N TYR C 255 14.13 41.83 -36.22
CA TYR C 255 13.51 42.92 -35.46
C TYR C 255 14.44 43.44 -34.39
N GLY C 256 14.52 44.76 -34.26
CA GLY C 256 15.33 45.40 -33.24
C GLY C 256 16.82 45.31 -33.49
N GLY C 257 17.20 44.77 -34.65
CA GLY C 257 18.60 44.49 -34.97
C GLY C 257 19.38 43.96 -33.78
N THR C 258 18.87 42.91 -33.15
CA THR C 258 19.40 42.41 -31.89
C THR C 258 20.75 41.67 -31.99
N TRP C 259 20.94 40.93 -33.07
CA TRP C 259 22.22 40.25 -33.32
C TRP C 259 22.97 40.95 -34.45
N VAL C 260 24.26 41.20 -34.25
CA VAL C 260 25.12 41.77 -35.27
C VAL C 260 26.23 40.79 -35.64
N SER C 261 26.50 40.67 -36.94
CA SER C 261 27.49 39.72 -37.46
C SER C 261 28.93 40.25 -37.36
N ARG C 263 31.41 38.85 -39.23
CA ARG C 263 31.95 38.17 -40.40
C ARG C 263 30.87 38.01 -41.47
N ASP C 264 31.32 38.00 -42.74
CA ASP C 264 30.48 37.58 -43.83
C ASP C 264 30.03 36.14 -43.59
N THR C 265 28.79 35.85 -43.93
CA THR C 265 28.23 34.54 -43.65
C THR C 265 27.02 34.26 -44.55
N ARG C 266 26.61 33.00 -44.57
CA ARG C 266 25.32 32.63 -45.16
C ARG C 266 24.30 32.36 -44.06
N LEU C 267 23.12 32.96 -44.23
CA LEU C 267 22.03 32.83 -43.26
C LEU C 267 20.93 31.94 -43.80
N GLY C 268 20.33 31.15 -42.92
CA GLY C 268 19.24 30.24 -43.30
C GLY C 268 17.96 30.68 -42.62
N VAL C 269 16.84 30.54 -43.32
CA VAL C 269 15.55 31.00 -42.82
C VAL C 269 14.61 29.82 -42.70
N VAL C 270 14.25 29.48 -41.45
CA VAL C 270 13.37 28.36 -41.15
C VAL C 270 11.90 28.77 -41.26
N ALA C 271 11.08 27.93 -41.90
CA ALA C 271 9.62 28.10 -41.86
C ALA C 271 9.07 27.71 -40.50
N MET C 272 9.47 28.47 -39.49
CA MET C 272 9.04 28.24 -38.12
C MET C 272 9.13 29.54 -37.37
N GLY C 273 8.07 29.87 -36.65
CA GLY C 273 8.03 31.06 -35.81
C GLY C 273 7.15 30.79 -34.59
N PHE C 274 6.91 31.81 -33.78
CA PHE C 274 6.05 31.62 -32.61
C PHE C 274 4.57 31.55 -32.99
N GLY C 275 4.28 31.79 -34.27
CA GLY C 275 2.94 31.61 -34.79
C GLY C 275 2.62 30.14 -35.02
N ASP C 276 3.66 29.31 -35.02
CA ASP C 276 3.48 27.86 -34.95
C ASP C 276 3.51 27.32 -33.53
N GLY C 277 4.23 27.98 -32.63
CA GLY C 277 4.40 27.42 -31.29
C GLY C 277 5.78 27.59 -30.69
N TYR C 278 6.75 27.97 -31.51
CA TYR C 278 8.12 28.16 -31.05
C TYR C 278 8.25 29.38 -30.15
N PRO C 279 8.90 29.25 -28.98
CA PRO C 279 8.95 30.39 -28.06
C PRO C 279 9.66 31.60 -28.66
N ARG C 280 9.07 32.78 -28.53
CA ARG C 280 9.73 34.01 -28.96
C ARG C 280 10.85 34.41 -28.01
N ALA C 281 10.87 33.79 -26.83
CA ALA C 281 11.91 34.09 -25.84
C ALA C 281 13.27 33.52 -26.21
N ALA C 282 13.34 32.73 -27.28
CA ALA C 282 14.59 32.05 -27.63
C ALA C 282 15.65 33.03 -28.12
N PRO C 283 16.76 33.15 -27.38
CA PRO C 283 17.77 34.16 -27.69
C PRO C 283 18.69 33.69 -28.83
N SER C 284 19.46 34.62 -29.41
CA SER C 284 20.47 34.26 -30.40
C SER C 284 21.41 33.30 -29.72
N GLY C 285 21.82 32.24 -30.41
CA GLY C 285 22.68 31.21 -29.80
C GLY C 285 22.02 29.86 -29.61
N THR C 286 20.69 29.84 -29.57
CA THR C 286 19.92 28.61 -29.42
C THR C 286 20.12 27.72 -30.64
N PRO C 287 20.33 26.42 -30.41
CA PRO C 287 20.70 25.50 -31.49
C PRO C 287 19.49 25.02 -32.30
N VAL C 288 19.65 24.99 -33.63
CA VAL C 288 18.80 24.15 -34.47
C VAL C 288 19.60 23.15 -35.29
N LEU C 289 18.96 22.05 -35.71
CA LEU C 289 19.63 21.10 -36.60
C LEU C 289 19.19 21.38 -38.02
N VAL C 290 20.19 21.78 -38.81
CA VAL C 290 20.07 21.97 -40.24
C VAL C 290 20.92 20.85 -40.85
N ASN C 291 20.30 19.96 -41.61
CA ASN C 291 21.01 18.84 -42.20
C ASN C 291 21.80 18.05 -41.17
N ARG C 293 23.89 18.34 -38.09
CA ARG C 293 24.67 19.58 -37.97
C ARG C 293 23.89 20.65 -37.18
N GLU C 294 24.54 21.18 -36.14
CA GLU C 294 23.91 22.17 -35.24
C GLU C 294 24.33 23.61 -35.60
N VAL C 295 23.36 24.52 -35.64
CA VAL C 295 23.66 25.92 -36.01
C VAL C 295 22.91 26.93 -35.14
N PRO C 296 23.46 28.14 -34.99
CA PRO C 296 22.85 29.18 -34.16
C PRO C 296 21.58 29.76 -34.76
N ILE C 297 20.56 29.95 -33.91
CA ILE C 297 19.57 31.00 -34.10
C ILE C 297 20.27 32.34 -33.91
N VAL C 298 20.15 33.20 -34.91
CA VAL C 298 20.62 34.58 -34.82
C VAL C 298 19.48 35.55 -35.13
N GLY C 299 19.33 36.55 -34.27
CA GLY C 299 18.21 37.48 -34.36
C GLY C 299 16.96 36.91 -33.72
N ARG C 300 15.92 37.75 -33.68
CA ARG C 300 14.70 37.44 -32.95
C ARG C 300 13.79 36.52 -33.74
N VAL C 301 13.33 35.46 -33.09
CA VAL C 301 12.27 34.61 -33.58
C VAL C 301 11.04 35.43 -33.95
N ALA C 302 10.57 35.26 -35.17
CA ALA C 302 9.42 36.00 -35.70
C ALA C 302 8.16 35.13 -35.68
N MET C 303 7.06 35.62 -36.26
CA MET C 303 5.78 34.89 -36.21
C MET C 303 5.87 33.60 -37.01
N ASP C 304 6.49 33.69 -38.19
CA ASP C 304 6.54 32.58 -39.14
C ASP C 304 7.98 32.12 -39.50
N MET C 305 8.98 32.84 -39.03
CA MET C 305 10.35 32.59 -39.47
C MET C 305 11.38 32.73 -38.36
N ILE C 306 12.48 31.99 -38.52
CA ILE C 306 13.66 32.09 -37.68
C ILE C 306 14.94 32.08 -38.54
N CYS C 307 15.87 32.97 -38.22
CA CYS C 307 17.11 33.06 -38.98
C CYS C 307 18.23 32.34 -38.23
N VAL C 308 19.07 31.64 -39.00
CA VAL C 308 20.13 30.82 -38.46
C VAL C 308 21.43 31.07 -39.24
N ASP C 309 22.55 31.09 -38.52
CA ASP C 309 23.86 31.31 -39.10
C ASP C 309 24.44 29.99 -39.61
N LEU C 310 24.44 29.85 -40.92
CA LEU C 310 24.96 28.67 -41.60
C LEU C 310 26.47 28.70 -41.91
N GLY C 311 27.09 29.87 -41.91
CA GLY C 311 28.53 30.00 -42.24
C GLY C 311 28.73 30.42 -43.69
N PRO C 312 29.92 30.94 -44.04
CA PRO C 312 30.07 31.66 -45.34
C PRO C 312 30.05 30.79 -46.61
N GLN C 313 30.63 29.60 -46.55
CA GLN C 313 30.58 28.70 -47.69
C GLN C 313 29.72 27.46 -47.45
N ALA C 314 28.76 27.57 -46.54
CA ALA C 314 27.88 26.41 -46.20
C ALA C 314 27.02 26.06 -47.40
N GLN C 315 26.66 24.78 -47.52
CA GLN C 315 26.09 24.27 -48.77
C GLN C 315 24.62 23.89 -48.66
N ASP C 316 24.02 24.19 -47.50
CA ASP C 316 22.59 23.99 -47.27
C ASP C 316 21.74 24.90 -48.16
N LYS C 317 20.60 24.38 -48.59
CA LYS C 317 19.74 25.07 -49.53
C LYS C 317 18.28 25.07 -49.04
N ALA C 318 17.51 26.04 -49.53
CA ALA C 318 16.05 26.03 -49.36
C ALA C 318 15.52 24.64 -49.65
N GLY C 319 14.64 24.16 -48.76
CA GLY C 319 14.07 22.82 -48.93
C GLY C 319 14.73 21.76 -48.06
N ASP C 320 15.85 22.10 -47.43
CA ASP C 320 16.59 21.12 -46.65
C ASP C 320 15.99 21.01 -45.25
N PRO C 321 16.08 19.82 -44.65
CA PRO C 321 15.46 19.57 -43.35
C PRO C 321 16.07 20.38 -42.21
N VAL C 322 15.18 20.96 -41.41
CA VAL C 322 15.53 21.57 -40.14
C VAL C 322 14.76 20.90 -38.97
N ILE C 323 15.47 20.59 -37.89
CA ILE C 323 14.83 20.04 -36.68
C ILE C 323 15.02 21.05 -35.55
N LEU C 324 13.93 21.40 -34.89
CA LEU C 324 13.99 22.33 -33.76
C LEU C 324 14.30 21.56 -32.48
N TRP C 325 13.55 20.49 -32.25
CA TRP C 325 13.95 19.45 -31.30
C TRP C 325 13.46 18.06 -31.77
N GLY C 326 14.31 17.04 -31.59
CA GLY C 326 13.99 15.70 -32.07
C GLY C 326 15.08 14.67 -31.80
N GLY C 328 18.68 14.10 -32.27
CA GLY C 328 19.78 14.46 -31.37
C GLY C 328 19.73 15.91 -30.90
N LEU C 329 18.53 16.42 -30.63
CA LEU C 329 18.37 17.72 -29.96
C LEU C 329 17.17 17.66 -28.98
N PRO C 330 17.41 17.16 -27.75
CA PRO C 330 16.32 17.06 -26.79
C PRO C 330 15.73 18.43 -26.46
N VAL C 331 14.41 18.50 -26.41
CA VAL C 331 13.70 19.72 -26.02
C VAL C 331 14.19 20.29 -24.67
N GLU C 332 14.69 19.42 -23.79
CA GLU C 332 15.19 19.85 -22.49
C GLU C 332 16.32 20.86 -22.71
N ARG C 333 17.14 20.62 -23.72
CA ARG C 333 18.23 21.54 -24.06
C ARG C 333 17.69 22.91 -24.49
N ILE C 334 16.59 22.90 -25.23
CA ILE C 334 16.02 24.13 -25.78
C ILE C 334 15.43 24.97 -24.65
N MET C 337 18.37 26.81 -22.59
CA MET C 337 18.83 27.97 -23.36
C MET C 337 17.76 29.04 -23.38
N THR C 338 16.55 28.67 -23.80
CA THR C 338 15.47 29.65 -23.96
C THR C 338 14.81 29.93 -22.60
N LYS C 339 15.30 29.27 -21.56
CA LYS C 339 14.79 29.41 -20.20
C LYS C 339 13.27 29.26 -20.14
N VAL C 340 12.73 28.34 -20.93
CA VAL C 340 11.31 27.99 -20.86
C VAL C 340 11.12 26.59 -20.25
N SER C 341 10.03 26.39 -19.52
CA SER C 341 9.71 25.06 -19.03
C SER C 341 9.50 24.17 -20.24
N ALA C 342 10.00 22.95 -20.18
CA ALA C 342 9.81 22.00 -21.27
C ALA C 342 8.34 21.57 -21.33
N TYR C 343 7.61 21.73 -20.22
CA TYR C 343 6.16 21.53 -20.22
C TYR C 343 5.47 22.46 -21.22
N GLU C 344 5.91 23.72 -21.24
CA GLU C 344 5.31 24.75 -22.12
C GLU C 344 5.76 24.63 -23.57
N LEU C 345 7.05 24.43 -23.79
CA LEU C 345 7.62 24.28 -25.13
C LEU C 345 6.91 23.20 -25.95
N ILE C 346 6.73 22.01 -25.35
CA ILE C 346 6.09 20.91 -26.06
C ILE C 346 4.56 21.04 -26.16
N THR C 347 3.96 21.78 -25.23
CA THR C 347 2.51 21.84 -25.16
C THR C 347 1.91 23.09 -25.83
N ARG C 348 2.66 24.18 -25.90
CA ARG C 348 2.04 25.44 -26.29
C ARG C 348 2.25 25.70 -27.78
N LEU C 349 1.82 24.73 -28.58
CA LEU C 349 1.88 24.79 -30.05
C LEU C 349 0.50 25.10 -30.62
N THR C 350 0.47 25.72 -31.80
CA THR C 350 -0.78 26.16 -32.40
C THR C 350 -1.30 25.12 -33.36
N SER C 351 -2.53 25.28 -33.81
CA SER C 351 -3.11 24.42 -34.84
C SER C 351 -2.39 24.50 -36.19
N ARG C 352 -1.60 25.55 -36.42
CA ARG C 352 -0.93 25.70 -37.70
C ARG C 352 0.06 24.54 -37.95
N VAL C 353 0.54 23.94 -36.86
CA VAL C 353 1.51 22.83 -36.94
C VAL C 353 0.88 21.53 -37.47
N ALA C 354 1.52 20.90 -38.46
CA ALA C 354 1.07 19.61 -38.97
C ALA C 354 1.50 18.48 -38.03
N MET C 355 0.66 17.45 -37.88
CA MET C 355 0.95 16.30 -37.03
C MET C 355 1.18 15.07 -37.90
N LYS C 356 2.30 14.38 -37.72
CA LYS C 356 2.50 13.11 -38.40
C LYS C 356 3.02 12.07 -37.43
N TYR C 357 2.64 10.83 -37.66
CA TYR C 357 2.92 9.74 -36.73
C TYR C 357 3.75 8.68 -37.45
N VAL C 358 4.88 8.31 -36.84
CA VAL C 358 5.75 7.28 -37.37
C VAL C 358 5.90 6.09 -36.41
N ASP C 359 6.26 4.93 -36.97
CA ASP C 359 6.51 3.70 -36.22
C ASP C 359 5.23 3.22 -35.52
N ALA D 4 -12.72 28.22 -21.46
CA ALA D 4 -11.53 28.72 -22.20
C ALA D 4 -11.89 29.06 -23.65
N THR D 5 -12.09 30.35 -23.90
CA THR D 5 -12.71 30.83 -25.15
C THR D 5 -12.08 32.15 -25.60
N VAL D 6 -11.98 32.34 -26.92
CA VAL D 6 -11.68 33.63 -27.53
C VAL D 6 -12.95 34.22 -28.15
N VAL D 7 -13.31 35.44 -27.74
CA VAL D 7 -14.46 36.17 -28.30
C VAL D 7 -13.99 37.21 -29.31
N ILE D 8 -14.31 36.98 -30.58
CA ILE D 8 -13.90 37.90 -31.65
C ILE D 8 -15.01 38.89 -31.98
N ASN D 9 -14.72 40.18 -31.84
CA ASN D 9 -15.73 41.26 -32.02
C ASN D 9 -15.67 41.75 -33.46
N ARG D 10 -16.61 41.30 -34.28
CA ARG D 10 -16.58 41.54 -35.72
C ARG D 10 -16.70 43.04 -36.05
N ARG D 11 -17.50 43.74 -35.24
CA ARG D 11 -17.74 45.16 -35.42
C ARG D 11 -16.46 45.98 -35.20
N ALA D 12 -15.68 45.60 -34.19
CA ALA D 12 -14.37 46.23 -33.94
C ALA D 12 -13.45 46.08 -35.14
N LEU D 13 -13.46 44.88 -35.71
CA LEU D 13 -12.56 44.51 -36.79
C LEU D 13 -12.89 45.33 -38.05
N ARG D 14 -14.18 45.55 -38.32
CA ARG D 14 -14.60 46.44 -39.40
C ARG D 14 -14.30 47.91 -39.14
N HIS D 15 -14.55 48.36 -37.91
CA HIS D 15 -14.19 49.72 -37.51
C HIS D 15 -12.71 49.99 -37.71
N ASN D 16 -11.88 49.02 -37.32
CA ASN D 16 -10.45 49.18 -37.39
C ASN D 16 -9.97 49.29 -38.84
N LEU D 17 -10.46 48.39 -39.70
CA LEU D 17 -10.08 48.38 -41.11
C LEU D 17 -10.38 49.75 -41.71
N GLN D 18 -11.57 50.27 -41.40
CA GLN D 18 -11.98 51.59 -41.89
C GLN D 18 -11.17 52.76 -41.30
N ARG D 19 -10.99 52.74 -39.98
CA ARG D 19 -10.20 53.78 -39.32
C ARG D 19 -8.75 53.85 -39.82
N LEU D 20 -8.21 52.71 -40.26
CA LEU D 20 -6.89 52.66 -40.93
C LEU D 20 -6.94 53.24 -42.36
N ARG D 21 -8.12 53.22 -42.99
CA ARG D 21 -8.30 53.85 -44.29
C ARG D 21 -8.37 55.37 -44.17
N GLU D 22 -8.50 55.86 -42.94
CA GLU D 22 -8.44 57.29 -42.68
C GLU D 22 -7.02 57.77 -42.41
N LEU D 23 -6.19 56.88 -41.87
CA LEU D 23 -4.78 57.17 -41.64
C LEU D 23 -3.93 56.96 -42.88
N ALA D 24 -4.44 56.20 -43.85
CA ALA D 24 -3.81 56.11 -45.19
C ALA D 24 -4.84 56.12 -46.32
N PRO D 25 -5.47 57.28 -46.58
CA PRO D 25 -6.66 57.37 -47.46
C PRO D 25 -6.37 57.03 -48.92
N ALA D 26 -5.17 57.41 -49.39
CA ALA D 26 -4.75 57.04 -50.74
C ALA D 26 -3.79 55.86 -50.69
N SER D 27 -4.21 54.76 -50.05
CA SER D 27 -3.48 53.50 -50.11
C SER D 27 -4.42 52.32 -50.01
N LYS D 28 -4.11 51.25 -50.75
CA LYS D 28 -4.89 50.01 -50.69
C LYS D 28 -4.54 49.22 -49.43
N MET D 29 -5.38 48.25 -49.08
CA MET D 29 -5.27 47.62 -47.79
C MET D 29 -5.07 46.10 -47.91
N VAL D 30 -3.87 45.63 -47.57
CA VAL D 30 -3.66 44.19 -47.31
C VAL D 30 -3.94 43.89 -45.85
N ALA D 31 -5.08 43.26 -45.58
CA ALA D 31 -5.37 42.79 -44.24
C ALA D 31 -4.53 41.55 -44.00
N VAL D 32 -3.58 41.65 -43.07
CA VAL D 32 -2.67 40.55 -42.77
C VAL D 32 -3.26 39.58 -41.76
N VAL D 33 -3.52 38.37 -42.21
CA VAL D 33 -4.31 37.41 -41.43
C VAL D 33 -3.60 36.06 -41.28
N LYS D 34 -2.29 36.03 -41.53
CA LYS D 34 -1.46 34.85 -41.31
C LYS D 34 -1.51 34.36 -39.84
N ALA D 35 -1.12 33.12 -39.63
CA ALA D 35 -1.09 32.48 -38.29
C ALA D 35 -2.47 32.51 -37.67
N ASN D 36 -3.42 32.03 -38.44
CA ASN D 36 -4.80 32.04 -38.03
C ASN D 36 -5.33 33.44 -37.68
N ALA D 37 -4.89 34.44 -38.44
CA ALA D 37 -5.28 35.84 -38.20
C ALA D 37 -4.82 36.39 -36.83
N TYR D 38 -3.58 36.07 -36.48
CA TYR D 38 -2.99 36.48 -35.20
C TYR D 38 -3.84 35.96 -34.04
N GLY D 39 -4.32 34.72 -34.19
CA GLY D 39 -5.16 34.09 -33.18
C GLY D 39 -6.66 34.38 -33.27
N HIS D 40 -7.07 35.16 -34.27
CA HIS D 40 -8.47 35.58 -34.36
C HIS D 40 -9.32 34.73 -35.31
N GLY D 41 -8.71 33.72 -35.91
CA GLY D 41 -9.39 32.88 -36.91
C GLY D 41 -9.14 33.36 -38.34
N LEU D 42 -8.53 32.53 -39.18
CA LEU D 42 -8.13 32.93 -40.54
C LEU D 42 -9.35 33.24 -41.45
N LEU D 43 -10.16 32.25 -41.71
CA LEU D 43 -11.31 32.41 -42.59
C LEU D 43 -12.31 33.48 -42.08
N GLU D 44 -12.68 33.38 -40.82
CA GLU D 44 -13.69 34.25 -40.24
C GLU D 44 -13.26 35.70 -40.21
N THR D 45 -11.99 35.92 -39.91
CA THR D 45 -11.40 37.24 -40.03
C THR D 45 -11.55 37.81 -41.47
N ALA D 46 -11.36 36.95 -42.47
CA ALA D 46 -11.49 37.36 -43.87
C ALA D 46 -12.93 37.65 -44.27
N ARG D 47 -13.87 36.87 -43.75
CA ARG D 47 -15.30 37.03 -44.07
C ARG D 47 -15.88 38.28 -43.42
N THR D 48 -15.22 38.78 -42.40
CA THR D 48 -15.63 39.97 -41.69
C THR D 48 -15.20 41.25 -42.42
N LEU D 49 -14.23 41.13 -43.31
CA LEU D 49 -13.69 42.30 -43.99
C LEU D 49 -13.69 42.09 -45.50
N PRO D 50 -14.90 42.07 -46.09
CA PRO D 50 -15.03 41.95 -47.54
C PRO D 50 -14.87 43.33 -48.17
N ALA D 52 -11.45 44.53 -47.56
CA ALA D 52 -10.01 44.55 -47.80
C ALA D 52 -9.70 44.37 -49.27
N ASP D 53 -8.72 45.12 -49.75
CA ASP D 53 -8.25 44.98 -51.13
C ASP D 53 -7.45 43.69 -51.32
N ALA D 54 -6.69 43.29 -50.31
CA ALA D 54 -6.07 41.97 -50.32
C ALA D 54 -6.02 41.37 -48.93
N PHE D 55 -5.68 40.07 -48.88
CA PHE D 55 -5.32 39.41 -47.63
C PHE D 55 -3.90 38.90 -47.72
N GLY D 56 -3.10 39.20 -46.68
CA GLY D 56 -1.73 38.71 -46.59
C GLY D 56 -1.67 37.43 -45.79
N VAL D 57 -1.00 36.42 -46.35
CA VAL D 57 -0.73 35.18 -45.65
C VAL D 57 0.75 34.78 -45.67
N ALA D 58 1.15 33.92 -44.73
CA ALA D 58 2.54 33.54 -44.57
C ALA D 58 2.91 32.45 -45.58
N ARG D 59 1.99 31.50 -45.78
CA ARG D 59 2.29 30.26 -46.47
C ARG D 59 1.14 29.90 -47.42
N LEU D 60 1.45 29.15 -48.48
CA LEU D 60 0.45 28.80 -49.51
C LEU D 60 -0.78 28.12 -48.92
N GLU D 61 -0.57 27.24 -47.94
CA GLU D 61 -1.68 26.51 -47.31
C GLU D 61 -2.77 27.44 -46.77
N GLU D 62 -2.35 28.57 -46.18
CA GLU D 62 -3.30 29.51 -45.59
C GLU D 62 -4.10 30.19 -46.69
N ALA D 63 -3.45 30.45 -47.81
CA ALA D 63 -4.15 31.00 -48.98
C ALA D 63 -5.20 30.02 -49.51
N LEU D 64 -4.80 28.77 -49.72
CA LEU D 64 -5.75 27.74 -50.14
C LEU D 64 -6.94 27.66 -49.19
N ARG D 65 -6.65 27.59 -47.88
CA ARG D 65 -7.73 27.52 -46.90
C ARG D 65 -8.71 28.70 -47.05
N LEU D 66 -8.20 29.87 -47.41
CA LEU D 66 -9.04 31.05 -47.71
C LEU D 66 -9.93 30.86 -48.94
N ARG D 67 -9.37 30.32 -50.01
CA ARG D 67 -10.17 30.06 -51.22
C ARG D 67 -11.19 28.96 -50.98
N ALA D 68 -10.78 27.90 -50.29
CA ALA D 68 -11.64 26.75 -50.02
C ALA D 68 -12.93 27.15 -49.28
N GLY D 69 -12.82 28.16 -48.41
CA GLY D 69 -13.97 28.67 -47.68
C GLY D 69 -14.60 29.90 -48.29
N GLY D 70 -14.29 30.18 -49.57
CA GLY D 70 -15.09 31.10 -50.37
C GLY D 70 -14.64 32.55 -50.44
N ILE D 71 -13.47 32.87 -49.90
CA ILE D 71 -12.88 34.22 -50.11
C ILE D 71 -12.34 34.36 -51.54
N THR D 72 -12.87 35.33 -52.28
CA THR D 72 -12.56 35.51 -53.72
C THR D 72 -11.58 36.65 -53.96
N LYS D 73 -11.47 37.57 -52.99
CA LYS D 73 -10.46 38.65 -52.99
C LYS D 73 -9.05 38.16 -53.29
N PRO D 74 -8.15 39.10 -53.66
CA PRO D 74 -6.77 38.66 -53.83
C PRO D 74 -6.06 38.33 -52.52
N VAL D 75 -5.19 37.33 -52.59
CA VAL D 75 -4.33 36.95 -51.49
C VAL D 75 -2.87 37.14 -51.86
N LEU D 76 -2.12 37.77 -50.96
CA LEU D 76 -0.72 38.08 -51.23
C LEU D 76 0.13 37.10 -50.45
N LEU D 77 0.77 36.18 -51.16
CA LEU D 77 1.65 35.22 -50.50
C LEU D 77 2.89 35.95 -50.05
N LEU D 78 2.99 36.24 -48.75
CA LEU D 78 4.01 37.17 -48.25
C LEU D 78 5.43 36.63 -48.44
N GLU D 79 5.58 35.31 -48.30
CA GLU D 79 6.90 34.68 -48.36
C GLU D 79 7.15 34.05 -49.73
N GLY D 80 6.15 34.12 -50.61
CA GLY D 80 6.20 33.42 -51.88
C GLY D 80 5.98 31.92 -51.77
N PHE D 81 6.50 31.19 -52.76
CA PHE D 81 6.26 29.75 -52.89
C PHE D 81 7.54 28.97 -52.64
N PHE D 82 7.45 27.82 -51.97
CA PHE D 82 8.65 27.10 -51.55
C PHE D 82 8.97 25.88 -52.43
N ASP D 83 8.01 25.50 -53.27
CA ASP D 83 8.22 24.47 -54.30
C ASP D 83 7.70 25.00 -55.62
N ALA D 84 8.28 24.53 -56.72
CA ALA D 84 7.97 25.07 -58.04
C ALA D 84 6.62 24.57 -58.52
N ARG D 85 6.23 23.38 -58.07
CA ARG D 85 5.05 22.71 -58.63
C ARG D 85 3.75 23.30 -58.07
N ASP D 86 3.89 24.40 -57.34
CA ASP D 86 2.75 25.11 -56.76
C ASP D 86 2.35 26.32 -57.60
N LEU D 87 3.09 26.57 -58.67
CA LEU D 87 2.81 27.69 -59.55
C LEU D 87 1.49 27.51 -60.30
N PRO D 88 1.20 26.27 -60.73
CA PRO D 88 -0.04 26.17 -61.48
C PRO D 88 -1.28 26.42 -60.60
N THR D 89 -1.24 25.93 -59.35
CA THR D 89 -2.28 26.27 -58.38
C THR D 89 -2.27 27.77 -58.02
N ILE D 90 -1.09 28.36 -57.88
CA ILE D 90 -1.00 29.82 -57.69
C ILE D 90 -1.59 30.59 -58.87
N SER D 91 -1.36 30.08 -60.07
CA SER D 91 -1.91 30.70 -61.28
C SER D 91 -3.43 30.56 -61.33
N ALA D 92 -3.90 29.33 -61.21
CA ALA D 92 -5.31 29.05 -61.25
C ALA D 92 -6.04 29.89 -60.22
N GLN D 93 -5.51 29.92 -58.99
CA GLN D 93 -6.24 30.47 -57.83
C GLN D 93 -6.09 31.98 -57.75
N HIS D 94 -5.33 32.55 -58.70
CA HIS D 94 -5.10 33.99 -58.74
C HIS D 94 -4.50 34.51 -57.44
N PHE D 95 -3.39 33.90 -57.02
CA PHE D 95 -2.68 34.35 -55.83
C PHE D 95 -1.56 35.26 -56.29
N HIS D 96 -1.45 36.41 -55.65
CA HIS D 96 -0.24 37.23 -55.73
C HIS D 96 0.89 36.56 -54.95
N THR D 97 2.12 36.72 -55.42
CA THR D 97 3.26 36.15 -54.73
C THR D 97 4.43 37.10 -54.57
N ALA D 98 5.02 37.07 -53.38
CA ALA D 98 6.37 37.54 -53.18
C ALA D 98 7.33 36.66 -53.98
N VAL D 99 8.47 37.24 -54.37
CA VAL D 99 9.56 36.50 -54.99
C VAL D 99 10.86 37.05 -54.42
N HIS D 100 11.61 36.21 -53.69
CA HIS D 100 12.77 36.68 -52.92
C HIS D 100 14.12 35.99 -53.22
N ASN D 101 14.10 34.93 -54.02
CA ASN D 101 15.30 34.13 -54.28
C ASN D 101 15.35 33.59 -55.70
N GLU D 102 16.56 33.21 -56.13
CA GLU D 102 16.84 32.69 -57.47
C GLU D 102 15.98 31.49 -57.82
N GLU D 103 15.71 30.65 -56.83
CA GLU D 103 14.99 29.41 -57.07
C GLU D 103 13.54 29.72 -57.40
N GLN D 104 12.96 30.73 -56.74
CA GLN D 104 11.61 31.19 -57.08
C GLN D 104 11.53 31.79 -58.50
N LEU D 105 12.50 32.66 -58.81
CA LEU D 105 12.53 33.39 -60.07
C LEU D 105 12.69 32.43 -61.28
N ALA D 106 13.61 31.48 -61.16
CA ALA D 106 13.91 30.59 -62.28
C ALA D 106 12.76 29.60 -62.51
N ALA D 107 11.97 29.31 -61.47
CA ALA D 107 10.71 28.55 -61.61
C ALA D 107 9.65 29.34 -62.39
N LEU D 108 9.60 30.64 -62.17
CA LEU D 108 8.71 31.50 -62.93
C LEU D 108 9.13 31.63 -64.41
N GLU D 109 10.43 31.50 -64.69
CA GLU D 109 10.93 31.53 -66.08
C GLU D 109 10.78 30.21 -66.83
N GLU D 110 10.75 29.08 -66.11
CA GLU D 110 10.74 27.77 -66.75
C GLU D 110 9.34 27.21 -66.89
N ALA D 111 8.47 27.55 -65.93
CA ALA D 111 7.09 27.06 -65.95
C ALA D 111 6.39 27.57 -67.22
N SER D 112 5.19 27.04 -67.48
CA SER D 112 4.44 27.41 -68.69
C SER D 112 3.14 28.11 -68.30
N ASP D 114 -0.88 28.44 -67.21
CA ASP D 114 -2.07 28.66 -68.04
C ASP D 114 -2.40 30.15 -68.13
N GLU D 115 -2.29 30.84 -67.00
CA GLU D 115 -2.49 32.29 -66.94
C GLU D 115 -1.43 32.94 -66.06
N PRO D 116 -0.96 34.15 -66.43
CA PRO D 116 0.14 34.78 -65.70
C PRO D 116 -0.22 35.17 -64.26
N VAL D 117 0.79 35.27 -63.39
CA VAL D 117 0.57 35.59 -61.98
C VAL D 117 1.16 36.95 -61.62
N THR D 118 0.59 37.58 -60.59
CA THR D 118 1.08 38.87 -60.14
C THR D 118 2.17 38.65 -59.10
N VAL D 119 3.17 39.51 -59.12
CA VAL D 119 4.37 39.30 -58.36
C VAL D 119 4.76 40.56 -57.61
N TRP D 120 5.04 40.38 -56.33
CA TRP D 120 5.67 41.41 -55.53
C TRP D 120 7.10 41.00 -55.27
N MET D 121 8.02 41.64 -56.00
CA MET D 121 9.43 41.36 -55.83
C MET D 121 9.78 41.82 -54.43
N LYS D 122 10.42 40.94 -53.67
CA LYS D 122 10.76 41.29 -52.31
C LYS D 122 12.15 41.87 -52.29
N LEU D 123 12.31 43.02 -51.63
CA LEU D 123 13.60 43.68 -51.53
C LEU D 123 14.09 43.73 -50.07
N ASP D 124 15.33 43.31 -49.87
CA ASP D 124 16.00 43.36 -48.57
C ASP D 124 16.61 44.73 -48.39
N THR D 125 16.07 45.45 -47.41
CA THR D 125 16.43 46.85 -47.22
C THR D 125 16.95 47.08 -45.80
N GLY D 126 17.31 45.99 -45.11
CA GLY D 126 18.00 46.09 -43.83
C GLY D 126 17.62 45.08 -42.76
N MET D 127 16.45 44.45 -42.94
CA MET D 127 15.98 43.38 -42.08
C MET D 127 16.91 42.18 -42.15
N HIS D 128 17.46 41.92 -43.34
CA HIS D 128 18.27 40.73 -43.60
C HIS D 128 17.59 39.45 -43.08
N ARG D 129 16.38 39.25 -43.56
CA ARG D 129 15.70 37.98 -43.44
C ARG D 129 15.36 37.45 -44.84
N LEU D 130 14.35 38.04 -45.48
CA LEU D 130 13.96 37.62 -46.81
C LEU D 130 14.16 38.75 -47.80
N GLY D 131 14.55 38.41 -49.03
CA GLY D 131 14.61 39.36 -50.12
C GLY D 131 15.91 39.39 -50.91
N VAL D 132 15.85 40.01 -52.07
CA VAL D 132 17.04 40.27 -52.85
C VAL D 132 17.76 41.48 -52.28
N ARG D 133 19.09 41.38 -52.23
CA ARG D 133 19.96 42.41 -51.66
C ARG D 133 20.29 43.47 -52.72
N PRO D 134 20.44 44.74 -52.31
CA PRO D 134 20.75 45.86 -53.22
C PRO D 134 21.74 45.54 -54.35
N GLU D 135 22.74 44.71 -54.07
CA GLU D 135 23.79 44.38 -55.04
C GLU D 135 23.22 43.65 -56.26
N GLN D 136 22.17 42.86 -56.02
CA GLN D 136 21.65 41.93 -57.01
C GLN D 136 20.29 42.36 -57.57
N ALA D 137 19.67 43.36 -56.96
CA ALA D 137 18.23 43.60 -57.14
C ALA D 137 17.84 44.09 -58.53
N GLU D 138 18.75 44.77 -59.23
CA GLU D 138 18.43 45.33 -60.52
C GLU D 138 18.31 44.25 -61.59
N ALA D 139 19.34 43.43 -61.76
CA ALA D 139 19.32 42.36 -62.76
C ALA D 139 18.20 41.40 -62.45
N PHE D 140 18.02 41.13 -61.17
CA PHE D 140 16.87 40.36 -60.68
C PHE D 140 15.57 40.98 -61.17
N TYR D 141 15.42 42.29 -60.99
CA TYR D 141 14.24 42.99 -61.48
C TYR D 141 13.98 42.66 -62.94
N HIS D 142 15.02 42.80 -63.77
CA HIS D 142 14.83 42.79 -65.22
C HIS D 142 14.54 41.40 -65.78
N ARG D 143 14.72 40.36 -64.98
CA ARG D 143 14.34 39.04 -65.45
C ARG D 143 12.87 38.78 -65.14
N LEU D 144 12.37 39.43 -64.09
CA LEU D 144 10.96 39.34 -63.72
C LEU D 144 10.09 40.15 -64.67
N THR D 145 10.59 41.28 -65.15
CA THR D 145 9.84 42.05 -66.14
C THR D 145 9.75 41.33 -67.46
N GLN D 146 10.71 40.45 -67.73
CA GLN D 146 10.75 39.72 -69.00
C GLN D 146 10.10 38.32 -68.93
N CYS D 147 9.42 38.02 -67.82
CA CYS D 147 8.73 36.73 -67.66
C CYS D 147 7.34 36.76 -68.29
N LYS D 148 7.11 35.95 -69.31
CA LYS D 148 5.76 35.69 -69.82
C LYS D 148 4.80 35.22 -68.71
N ASN D 149 5.32 34.45 -67.75
CA ASN D 149 4.48 33.94 -66.66
C ASN D 149 4.15 34.96 -65.57
N VAL D 150 4.69 36.17 -65.68
CA VAL D 150 4.46 37.21 -64.69
C VAL D 150 3.61 38.34 -65.31
N ARG D 151 2.51 38.70 -64.67
CA ARG D 151 1.71 39.85 -65.11
C ARG D 151 2.45 41.15 -64.80
N GLN D 152 2.56 42.02 -65.80
CA GLN D 152 3.28 43.29 -65.67
C GLN D 152 2.31 44.41 -65.27
N PRO D 153 2.76 45.39 -64.47
CA PRO D 153 4.16 45.54 -64.06
C PRO D 153 4.51 44.85 -62.74
N VAL D 154 5.80 44.64 -62.51
CA VAL D 154 6.30 43.97 -61.31
C VAL D 154 6.21 44.93 -60.12
N ASN D 155 5.62 44.45 -59.03
CA ASN D 155 5.44 45.26 -57.82
C ASN D 155 6.57 45.02 -56.83
N ILE D 156 6.67 45.90 -55.84
CA ILE D 156 7.85 46.00 -54.98
C ILE D 156 7.43 46.16 -53.53
N VAL D 157 7.99 45.30 -52.67
CA VAL D 157 7.64 45.25 -51.24
C VAL D 157 8.90 45.04 -50.37
N SER D 158 9.01 45.81 -49.30
CA SER D 158 9.98 45.52 -48.23
C SER D 158 9.26 45.61 -46.87
N HIS D 159 10.00 45.44 -45.77
CA HIS D 159 9.40 45.41 -44.44
C HIS D 159 10.31 46.01 -43.37
N PHE D 160 9.76 46.86 -42.52
CA PHE D 160 10.55 47.51 -41.47
C PHE D 160 10.98 46.56 -40.36
N ALA D 161 12.20 46.75 -39.86
CA ALA D 161 12.72 45.96 -38.77
C ALA D 161 12.59 46.73 -37.44
N ARG D 162 12.65 48.05 -37.51
CA ARG D 162 12.67 48.89 -36.30
C ARG D 162 11.91 50.22 -36.48
N ALA D 163 10.79 50.15 -37.19
CA ALA D 163 9.85 51.27 -37.30
C ALA D 163 9.15 51.59 -35.96
N ASP D 164 9.19 50.65 -35.03
CA ASP D 164 8.70 50.86 -33.66
C ASP D 164 9.63 51.75 -32.81
N GLU D 165 10.75 52.17 -33.39
CA GLU D 165 11.64 53.15 -32.75
C GLU D 165 11.86 54.37 -33.67
N PRO D 166 10.98 55.39 -33.54
CA PRO D 166 11.19 56.63 -34.28
C PRO D 166 12.29 57.48 -33.69
N CYS D 168 15.29 55.80 -34.26
CA CYS D 168 16.72 55.55 -34.13
C CYS D 168 17.51 55.63 -35.44
N GLY D 169 16.80 55.83 -36.55
CA GLY D 169 17.44 56.13 -37.85
C GLY D 169 17.38 54.95 -38.80
N ALA D 170 17.00 53.79 -38.30
CA ALA D 170 17.05 52.56 -39.06
C ALA D 170 15.97 52.58 -40.13
N THR D 171 14.83 53.15 -39.77
CA THR D 171 13.67 53.19 -40.65
C THR D 171 13.90 54.14 -41.82
N GLU D 172 14.64 55.22 -41.57
CA GLU D 172 15.05 56.14 -42.64
C GLU D 172 16.05 55.46 -43.58
N LYS D 173 17.04 54.79 -43.00
CA LYS D 173 17.97 53.95 -43.77
C LYS D 173 17.20 53.03 -44.72
N GLN D 174 16.14 52.41 -44.21
CA GLN D 174 15.34 51.45 -44.99
C GLN D 174 14.63 52.16 -46.15
N LEU D 175 14.11 53.35 -45.89
CA LEU D 175 13.35 54.11 -46.90
C LEU D 175 14.24 54.67 -48.01
N ALA D 176 15.47 55.04 -47.67
CA ALA D 176 16.42 55.53 -48.68
C ALA D 176 16.79 54.42 -49.65
N ILE D 177 17.00 53.23 -49.12
CA ILE D 177 17.39 52.08 -49.94
C ILE D 177 16.18 51.59 -50.75
N PHE D 178 14.99 51.78 -50.19
CA PHE D 178 13.74 51.40 -50.87
C PHE D 178 13.44 52.37 -52.00
N ASN D 179 13.43 53.66 -51.66
CA ASN D 179 13.23 54.71 -52.65
C ASN D 179 14.22 54.65 -53.81
N THR D 180 15.51 54.49 -53.47
CA THR D 180 16.62 54.43 -54.43
C THR D 180 16.37 53.37 -55.49
N PHE D 181 15.82 52.23 -55.08
CA PHE D 181 15.63 51.11 -55.97
C PHE D 181 14.39 51.32 -56.82
N CYS D 182 13.31 51.80 -56.20
CA CYS D 182 12.04 51.96 -56.90
C CYS D 182 12.04 53.13 -57.89
N GLU D 183 12.89 54.14 -57.65
CA GLU D 183 13.05 55.30 -58.56
C GLU D 183 12.90 54.87 -60.01
N GLY D 184 11.84 55.34 -60.67
CA GLY D 184 11.70 55.17 -62.10
C GLY D 184 11.01 53.89 -62.52
N LYS D 185 10.71 53.02 -61.57
CA LYS D 185 10.05 51.76 -61.90
C LYS D 185 8.53 51.91 -61.80
N PRO D 186 7.78 51.21 -62.66
CA PRO D 186 6.33 51.29 -62.53
C PRO D 186 5.79 50.24 -61.57
N GLY D 187 4.48 50.17 -61.43
CA GLY D 187 3.89 49.19 -60.53
C GLY D 187 4.03 49.55 -59.06
N GLN D 188 3.24 48.87 -58.23
CA GLN D 188 3.02 49.31 -56.87
C GLN D 188 4.30 49.14 -56.04
N ARG D 189 4.52 50.10 -55.14
CA ARG D 189 5.44 49.93 -54.02
C ARG D 189 4.66 49.66 -52.73
N SER D 190 5.25 48.87 -51.82
CA SER D 190 4.64 48.58 -50.52
C SER D 190 5.70 48.21 -49.47
N ILE D 191 5.83 49.04 -48.42
CA ILE D 191 6.80 48.78 -47.34
C ILE D 191 6.17 48.83 -45.94
N ALA D 192 5.07 49.57 -45.81
CA ALA D 192 4.56 49.92 -44.50
C ALA D 192 3.60 48.85 -43.96
N ALA D 193 3.78 48.55 -42.67
CA ALA D 193 2.88 47.71 -41.93
C ALA D 193 2.40 48.47 -40.69
N SER D 194 1.93 47.76 -39.68
CA SER D 194 1.27 48.40 -38.55
C SER D 194 2.04 49.67 -38.14
N GLY D 195 3.33 49.53 -37.87
CA GLY D 195 4.14 50.61 -37.33
C GLY D 195 4.30 51.80 -38.28
N GLY D 196 4.54 51.50 -39.55
CA GLY D 196 4.73 52.53 -40.56
C GLY D 196 3.45 53.28 -40.87
N ILE D 197 2.34 52.54 -40.85
CA ILE D 197 1.02 53.12 -41.09
C ILE D 197 0.74 54.23 -40.10
N LEU D 198 1.09 54.00 -38.83
CA LEU D 198 0.74 54.94 -37.76
C LEU D 198 1.75 56.08 -37.61
N LEU D 199 3.04 55.81 -37.81
CA LEU D 199 4.10 56.74 -37.39
C LEU D 199 4.99 57.26 -38.53
N TRP D 200 4.74 56.80 -39.76
CA TRP D 200 5.51 57.27 -40.92
C TRP D 200 4.62 57.47 -42.17
N PRO D 201 4.02 58.67 -42.30
CA PRO D 201 3.16 58.92 -43.47
C PRO D 201 3.90 58.83 -44.82
N GLN D 202 5.21 59.06 -44.82
CA GLN D 202 6.02 58.93 -46.03
C GLN D 202 5.99 57.53 -46.60
N SER D 203 5.84 56.54 -45.72
CA SER D 203 5.99 55.14 -46.08
C SER D 203 4.72 54.51 -46.66
N HIS D 204 3.69 55.30 -46.92
CA HIS D 204 2.37 54.75 -47.25
C HIS D 204 2.32 54.03 -48.61
N PHE D 205 2.60 54.77 -49.69
CA PHE D 205 2.99 54.19 -50.99
C PHE D 205 1.97 53.26 -51.70
N ASP D 206 0.69 53.57 -51.69
CA ASP D 206 -0.23 52.73 -52.47
C ASP D 206 -0.76 51.47 -51.82
N TRP D 207 0.10 50.66 -51.20
CA TRP D 207 -0.34 49.51 -50.39
C TRP D 207 0.31 49.51 -49.02
N VAL D 208 -0.53 49.51 -47.99
CA VAL D 208 -0.08 49.25 -46.63
C VAL D 208 -0.59 47.88 -46.19
N ARG D 209 0.10 47.27 -45.22
CA ARG D 209 -0.17 45.90 -44.81
C ARG D 209 -0.34 45.83 -43.29
N PRO D 210 -1.54 46.16 -42.80
CA PRO D 210 -1.87 46.11 -41.38
C PRO D 210 -2.09 44.71 -40.82
N GLY D 211 -1.44 44.44 -39.70
CA GLY D 211 -1.66 43.22 -38.94
C GLY D 211 -2.15 43.60 -37.56
N ILE D 212 -1.22 43.78 -36.64
CA ILE D 212 -1.57 43.82 -35.26
C ILE D 212 -2.58 44.94 -35.01
N ILE D 213 -2.39 46.08 -35.67
CA ILE D 213 -3.26 47.23 -35.42
C ILE D 213 -4.66 47.00 -35.99
N LEU D 214 -4.76 46.17 -37.03
CA LEU D 214 -6.07 45.72 -37.49
C LEU D 214 -6.88 44.97 -36.39
N TYR D 215 -6.18 44.44 -35.39
CA TYR D 215 -6.86 43.68 -34.31
C TYR D 215 -7.04 44.55 -33.07
N GLY D 216 -6.60 45.80 -33.17
CA GLY D 216 -6.85 46.81 -32.18
C GLY D 216 -5.78 46.74 -31.13
N VAL D 217 -4.56 46.41 -31.57
CA VAL D 217 -3.42 46.23 -30.68
C VAL D 217 -2.19 46.95 -31.25
N SER D 218 -1.48 47.63 -30.35
CA SER D 218 -0.36 48.45 -30.72
C SER D 218 0.84 47.59 -31.00
N PRO D 219 1.67 48.01 -31.97
CA PRO D 219 2.93 47.41 -32.37
C PRO D 219 4.12 47.93 -31.55
N LEU D 220 3.90 49.03 -30.85
CA LEU D 220 5.01 49.73 -30.22
C LEU D 220 5.37 49.09 -28.89
N ARG D 223 4.36 51.78 -24.77
CA ARG D 223 3.35 51.76 -23.73
C ARG D 223 1.89 51.84 -24.26
N SER D 224 1.74 52.09 -25.56
CA SER D 224 0.46 52.45 -26.15
C SER D 224 -0.43 51.23 -26.40
N THR D 225 -1.73 51.49 -26.46
CA THR D 225 -2.75 50.45 -26.68
C THR D 225 -3.37 50.66 -28.05
N GLY D 226 -4.19 49.70 -28.48
CA GLY D 226 -5.04 49.88 -29.64
C GLY D 226 -5.78 51.21 -29.68
N ALA D 227 -6.33 51.63 -28.53
CA ALA D 227 -7.21 52.81 -28.45
C ALA D 227 -6.50 54.18 -28.54
N ASP D 228 -5.20 54.22 -28.25
CA ASP D 228 -4.36 55.39 -28.56
C ASP D 228 -4.57 55.88 -29.99
N PHE D 229 -4.71 54.93 -30.91
CA PHE D 229 -4.81 55.23 -32.32
C PHE D 229 -6.25 55.02 -32.83
N GLY D 230 -7.21 54.96 -31.93
CA GLY D 230 -8.61 54.93 -32.32
C GLY D 230 -9.06 53.62 -32.93
N CYS D 231 -8.31 52.53 -32.68
CA CYS D 231 -8.78 51.19 -33.04
C CYS D 231 -9.31 50.43 -31.82
N GLN D 232 -10.22 49.50 -32.05
CA GLN D 232 -10.92 48.79 -30.98
C GLN D 232 -10.43 47.34 -30.91
N PRO D 233 -9.99 46.91 -29.73
CA PRO D 233 -9.53 45.52 -29.50
C PRO D 233 -10.58 44.48 -29.88
N VAL D 234 -10.15 43.51 -30.66
CA VAL D 234 -11.06 42.60 -31.32
C VAL D 234 -11.20 41.35 -30.45
N MET D 235 -10.09 40.85 -29.94
CA MET D 235 -10.08 39.62 -29.15
C MET D 235 -10.28 39.88 -27.66
N SER D 236 -11.11 39.06 -27.06
CA SER D 236 -11.19 38.94 -25.61
C SER D 236 -10.93 37.49 -25.23
N LEU D 237 -9.97 37.27 -24.32
CA LEU D 237 -9.68 35.93 -23.90
C LEU D 237 -10.33 35.71 -22.55
N THR D 238 -11.28 34.79 -22.51
CA THR D 238 -12.13 34.63 -21.35
C THR D 238 -12.25 33.17 -20.97
N SER D 239 -12.69 32.95 -19.74
CA SER D 239 -12.99 31.62 -19.24
C SER D 239 -13.87 31.79 -18.01
N SER D 240 -13.72 30.87 -17.04
CA SER D 240 -14.59 30.86 -15.88
C SER D 240 -13.90 30.22 -14.67
N LEU D 241 -14.25 30.68 -13.46
CA LEU D 241 -13.77 30.06 -12.21
C LEU D 241 -14.23 28.61 -12.09
N ILE D 242 -13.32 27.73 -11.70
CA ILE D 242 -13.71 26.36 -11.42
C ILE D 242 -13.68 26.07 -9.92
N ALA D 243 -13.08 26.98 -9.15
CA ALA D 243 -13.07 26.86 -7.70
C ALA D 243 -12.91 28.20 -7.00
N VAL D 244 -13.49 28.30 -5.81
CA VAL D 244 -13.12 29.37 -4.86
C VAL D 244 -12.90 28.73 -3.48
N ARG D 245 -11.70 28.92 -2.91
CA ARG D 245 -11.18 28.12 -1.80
C ARG D 245 -10.55 29.01 -0.73
N GLU D 246 -10.81 28.66 0.54
CA GLU D 246 -10.09 29.27 1.67
C GLU D 246 -8.60 29.02 1.54
N HIS D 247 -7.81 29.89 2.17
CA HIS D 247 -6.36 29.78 2.18
C HIS D 247 -5.79 30.56 3.36
N LYS D 248 -4.71 30.04 3.99
CA LYS D 248 -4.19 30.67 5.20
C LYS D 248 -2.92 31.48 4.97
N ALA D 249 -2.68 32.40 5.89
CA ALA D 249 -1.42 33.17 5.91
C ALA D 249 -0.22 32.26 6.09
N GLY D 250 0.88 32.57 5.41
CA GLY D 250 2.06 31.71 5.44
C GLY D 250 2.02 30.52 4.48
N GLU D 251 0.86 30.24 3.86
CA GLU D 251 0.75 29.07 2.98
C GLU D 251 1.17 29.40 1.55
N PRO D 252 1.97 28.51 0.93
CA PRO D 252 2.38 28.71 -0.46
C PRO D 252 1.30 28.34 -1.48
N VAL D 253 1.44 28.79 -2.73
CA VAL D 253 0.60 28.28 -3.81
C VAL D 253 1.41 27.74 -5.00
N GLY D 254 0.90 26.68 -5.61
CA GLY D 254 1.36 26.23 -6.90
C GLY D 254 2.74 25.62 -6.84
N TYR D 255 3.21 25.15 -7.99
CA TYR D 255 4.52 24.51 -8.09
C TYR D 255 5.62 25.41 -7.55
N GLY D 256 6.56 24.79 -6.85
CA GLY D 256 7.70 25.51 -6.30
C GLY D 256 7.31 26.44 -5.17
N GLY D 257 6.03 26.41 -4.78
CA GLY D 257 5.44 27.45 -3.92
C GLY D 257 5.99 28.87 -4.06
N THR D 258 5.91 29.45 -5.26
CA THR D 258 6.63 30.71 -5.54
C THR D 258 5.99 31.94 -4.90
N TRP D 259 4.75 31.79 -4.42
CA TRP D 259 4.04 32.87 -3.74
C TRP D 259 3.58 32.37 -2.37
N VAL D 260 3.61 33.27 -1.39
CA VAL D 260 3.20 32.93 -0.01
C VAL D 260 2.29 34.03 0.53
N SER D 261 1.10 33.65 0.96
CA SER D 261 0.13 34.63 1.45
C SER D 261 0.57 35.21 2.78
N GLU D 262 0.52 36.54 2.86
CA GLU D 262 0.80 37.25 4.10
C GLU D 262 -0.44 37.32 4.99
N ARG D 263 -1.59 36.88 4.45
CA ARG D 263 -2.89 37.00 5.14
CA ARG D 263 -2.86 36.98 5.17
C ARG D 263 -3.79 35.81 4.83
N ASP D 264 -4.75 35.53 5.71
CA ASP D 264 -5.87 34.66 5.37
C ASP D 264 -6.55 35.23 4.13
N THR D 265 -6.93 34.39 3.18
CA THR D 265 -7.60 34.88 1.98
C THR D 265 -8.39 33.76 1.29
N ARG D 266 -9.08 34.12 0.21
CA ARG D 266 -9.68 33.14 -0.69
C ARG D 266 -9.06 33.24 -2.09
N LEU D 267 -8.89 32.07 -2.71
CA LEU D 267 -8.25 31.94 -4.01
C LEU D 267 -9.31 31.51 -4.99
N GLY D 268 -9.36 32.19 -6.14
CA GLY D 268 -10.07 31.66 -7.30
C GLY D 268 -9.17 30.80 -8.15
N VAL D 269 -9.72 29.70 -8.67
CA VAL D 269 -9.06 28.92 -9.72
C VAL D 269 -9.76 29.10 -11.07
N VAL D 270 -8.98 29.47 -12.07
CA VAL D 270 -9.50 29.74 -13.40
C VAL D 270 -9.23 28.54 -14.30
N ALA D 271 -10.21 28.18 -15.12
CA ALA D 271 -9.98 27.16 -16.15
C ALA D 271 -9.24 27.79 -17.32
N MET D 272 -7.93 27.92 -17.16
CA MET D 272 -7.08 28.56 -18.16
C MET D 272 -5.64 28.26 -17.76
N GLY D 273 -4.85 27.71 -18.69
CA GLY D 273 -3.41 27.64 -18.49
C GLY D 273 -2.62 27.65 -19.79
N PHE D 274 -1.38 27.19 -19.73
CA PHE D 274 -0.46 27.34 -20.87
C PHE D 274 -0.71 26.27 -21.96
N GLY D 275 -1.52 25.26 -21.64
CA GLY D 275 -2.11 24.36 -22.63
C GLY D 275 -3.24 24.99 -23.46
N ASP D 276 -3.69 26.17 -23.04
CA ASP D 276 -4.61 26.98 -23.84
C ASP D 276 -3.88 28.05 -24.66
N GLY D 277 -2.73 28.47 -24.17
CA GLY D 277 -2.00 29.59 -24.77
C GLY D 277 -1.53 30.62 -23.77
N TYR D 278 -2.17 30.71 -22.60
CA TYR D 278 -1.78 31.73 -21.63
C TYR D 278 -0.31 31.54 -21.25
N PRO D 279 0.46 32.64 -21.15
CA PRO D 279 1.91 32.45 -20.97
C PRO D 279 2.27 31.94 -19.59
N ARG D 280 3.11 30.93 -19.56
CA ARG D 280 3.66 30.45 -18.30
C ARG D 280 4.55 31.49 -17.62
N ALA D 281 5.19 32.37 -18.38
CA ALA D 281 6.12 33.34 -17.78
C ALA D 281 5.41 34.49 -17.03
N ALA D 282 4.08 34.46 -17.00
CA ALA D 282 3.30 35.47 -16.30
C ALA D 282 3.54 35.39 -14.80
N PRO D 283 3.97 36.52 -14.18
CA PRO D 283 4.36 36.50 -12.79
C PRO D 283 3.14 36.58 -11.89
N SER D 284 3.34 36.35 -10.59
CA SER D 284 2.36 36.71 -9.58
C SER D 284 2.10 38.22 -9.65
N GLY D 285 0.87 38.62 -9.40
CA GLY D 285 0.49 40.03 -9.49
C GLY D 285 0.04 40.51 -10.86
N THR D 286 0.20 39.67 -11.89
CA THR D 286 -0.40 39.94 -13.21
C THR D 286 -1.92 39.96 -13.12
N PRO D 287 -2.54 40.99 -13.72
CA PRO D 287 -3.97 41.25 -13.57
C PRO D 287 -4.88 40.33 -14.39
N VAL D 288 -5.93 39.84 -13.74
CA VAL D 288 -7.04 39.13 -14.37
C VAL D 288 -8.28 39.83 -13.88
N LEU D 289 -9.34 39.85 -14.67
CA LEU D 289 -10.62 40.39 -14.19
C LEU D 289 -11.52 39.25 -13.72
N VAL D 290 -12.00 39.33 -12.48
CA VAL D 290 -13.05 38.44 -12.00
C VAL D 290 -14.29 39.23 -11.59
N ASN D 291 -15.44 38.87 -12.15
CA ASN D 291 -16.68 39.64 -11.97
C ASN D 291 -16.45 41.14 -12.18
N GLY D 292 -15.73 41.47 -13.24
CA GLY D 292 -15.43 42.87 -13.57
C GLY D 292 -14.30 43.50 -12.78
N ARG D 293 -13.85 42.87 -11.70
CA ARG D 293 -12.88 43.50 -10.80
C ARG D 293 -11.51 42.86 -10.95
N GLU D 294 -10.46 43.68 -10.87
CA GLU D 294 -9.09 43.23 -11.08
C GLU D 294 -8.54 42.48 -9.86
N VAL D 295 -7.93 41.33 -10.12
CA VAL D 295 -7.25 40.57 -9.07
C VAL D 295 -5.99 39.88 -9.61
N PRO D 296 -5.02 39.62 -8.70
CA PRO D 296 -3.70 39.17 -9.13
C PRO D 296 -3.61 37.67 -9.28
N ILE D 297 -2.95 37.23 -10.36
CA ILE D 297 -2.39 35.88 -10.46
C ILE D 297 -1.50 35.63 -9.25
N VAL D 298 -1.63 34.47 -8.66
CA VAL D 298 -0.75 34.07 -7.58
C VAL D 298 -0.16 32.69 -7.84
N GLY D 299 1.15 32.58 -7.68
CA GLY D 299 1.85 31.36 -8.00
C GLY D 299 1.94 31.12 -9.49
N ARG D 300 2.61 30.04 -9.86
CA ARG D 300 2.96 29.79 -11.24
C ARG D 300 1.70 29.40 -12.01
N VAL D 301 1.57 29.95 -13.23
CA VAL D 301 0.53 29.52 -14.16
C VAL D 301 0.73 28.04 -14.51
N ALA D 302 -0.35 27.27 -14.50
CA ALA D 302 -0.26 25.85 -14.79
C ALA D 302 -0.74 25.54 -16.22
N MET D 303 -0.62 24.29 -16.64
CA MET D 303 -1.05 23.87 -17.97
C MET D 303 -2.51 24.24 -18.21
N ASP D 304 -3.37 23.89 -17.25
CA ASP D 304 -4.82 23.97 -17.43
C ASP D 304 -5.44 25.07 -16.56
N MET D 305 -4.69 25.57 -15.58
CA MET D 305 -5.26 26.29 -14.47
C MET D 305 -4.39 27.47 -14.05
N ILE D 306 -5.05 28.48 -13.50
CA ILE D 306 -4.40 29.68 -13.00
C ILE D 306 -5.11 30.09 -11.71
N CYS D 307 -4.33 30.49 -10.71
CA CYS D 307 -4.84 30.80 -9.38
C CYS D 307 -4.76 32.28 -9.12
N VAL D 308 -5.83 32.84 -8.57
CA VAL D 308 -5.86 34.29 -8.29
C VAL D 308 -6.32 34.54 -6.85
N ASP D 309 -5.85 35.64 -6.27
CA ASP D 309 -6.19 36.03 -4.91
C ASP D 309 -7.47 36.89 -4.91
N LEU D 310 -8.57 36.41 -4.33
CA LEU D 310 -9.86 37.16 -4.35
C LEU D 310 -10.08 38.03 -3.11
N GLY D 311 -9.43 37.69 -2.01
CA GLY D 311 -9.64 38.38 -0.73
C GLY D 311 -10.45 37.54 0.25
N PRO D 312 -10.24 37.74 1.56
CA PRO D 312 -10.76 36.83 2.60
C PRO D 312 -12.27 36.69 2.65
N GLN D 313 -13.00 37.69 2.17
CA GLN D 313 -14.45 37.66 2.23
C GLN D 313 -15.09 37.81 0.86
N ALA D 314 -14.38 37.44 -0.21
CA ALA D 314 -14.86 37.67 -1.56
C ALA D 314 -15.99 36.69 -1.92
N GLN D 315 -17.04 37.19 -2.56
CA GLN D 315 -18.27 36.43 -2.76
C GLN D 315 -18.27 35.73 -4.11
N ASP D 316 -17.22 35.93 -4.89
CA ASP D 316 -17.09 35.21 -6.17
C ASP D 316 -17.22 33.71 -5.93
N LYS D 317 -17.97 33.03 -6.78
CA LYS D 317 -18.21 31.58 -6.67
C LYS D 317 -17.79 30.86 -7.95
N ALA D 318 -17.63 29.54 -7.86
CA ALA D 318 -17.29 28.72 -9.03
C ALA D 318 -18.30 28.96 -10.14
N GLY D 319 -17.81 29.08 -11.38
CA GLY D 319 -18.69 29.27 -12.54
C GLY D 319 -18.90 30.74 -12.89
N ASP D 320 -18.32 31.64 -12.10
CA ASP D 320 -18.35 33.05 -12.42
C ASP D 320 -17.40 33.39 -13.53
N PRO D 321 -17.68 34.48 -14.28
CA PRO D 321 -16.92 34.85 -15.48
C PRO D 321 -15.54 35.48 -15.23
N VAL D 322 -14.59 35.21 -16.12
CA VAL D 322 -13.22 35.69 -15.96
C VAL D 322 -12.67 36.17 -17.31
N ILE D 323 -12.07 37.35 -17.29
CA ILE D 323 -11.44 37.87 -18.50
C ILE D 323 -9.94 37.90 -18.32
N LEU D 324 -9.21 37.23 -19.21
CA LEU D 324 -7.75 37.30 -19.21
C LEU D 324 -7.25 38.55 -19.96
N TRP D 325 -7.76 38.79 -21.15
CA TRP D 325 -7.66 40.12 -21.77
C TRP D 325 -8.92 40.43 -22.57
N GLY D 326 -9.24 41.70 -22.68
CA GLY D 326 -10.50 42.14 -23.28
C GLY D 326 -10.99 43.45 -22.69
N GLU D 327 -12.30 43.55 -22.45
CA GLU D 327 -12.89 44.80 -21.97
C GLU D 327 -12.57 45.05 -20.50
N GLY D 328 -11.75 46.07 -20.26
CA GLY D 328 -11.28 46.39 -18.93
C GLY D 328 -9.78 46.16 -18.78
N LEU D 329 -9.22 45.36 -19.70
CA LEU D 329 -7.88 44.81 -19.49
C LEU D 329 -7.18 44.56 -20.85
N PRO D 330 -6.62 45.62 -21.45
CA PRO D 330 -5.87 45.52 -22.73
C PRO D 330 -4.76 44.46 -22.72
N VAL D 331 -4.55 43.81 -23.86
CA VAL D 331 -3.52 42.79 -23.97
C VAL D 331 -2.13 43.40 -23.82
N GLU D 332 -2.04 44.72 -24.02
CA GLU D 332 -0.76 45.46 -23.89
C GLU D 332 -0.32 45.63 -22.43
N ARG D 333 -1.27 45.76 -21.51
CA ARG D 333 -0.93 45.67 -20.10
C ARG D 333 -0.47 44.26 -19.68
N ILE D 334 -1.11 43.22 -20.23
CA ILE D 334 -0.66 41.83 -20.03
C ILE D 334 0.73 41.61 -20.64
N ALA D 335 0.96 42.19 -21.81
CA ALA D 335 2.28 42.16 -22.46
C ALA D 335 3.35 42.78 -21.61
N GLU D 336 3.02 43.94 -21.04
CA GLU D 336 3.94 44.69 -20.18
C GLU D 336 4.24 43.88 -18.90
N MET D 337 3.18 43.33 -18.30
CA MET D 337 3.32 42.62 -17.02
C MET D 337 3.98 41.25 -17.19
N THR D 338 3.85 40.66 -18.39
CA THR D 338 4.43 39.33 -18.62
C THR D 338 5.78 39.47 -19.30
N LYS D 339 6.04 40.63 -19.89
CA LYS D 339 7.20 40.82 -20.76
C LYS D 339 7.19 39.92 -22.00
N VAL D 340 6.02 39.38 -22.31
CA VAL D 340 5.77 38.74 -23.58
C VAL D 340 5.24 39.79 -24.57
N SER D 341 5.77 39.77 -25.79
CA SER D 341 5.25 40.66 -26.84
C SER D 341 3.80 40.32 -27.11
N ALA D 342 2.96 41.35 -27.14
CA ALA D 342 1.56 41.23 -27.55
C ALA D 342 1.31 40.50 -28.87
N TYR D 343 2.29 40.49 -29.79
CA TYR D 343 2.21 39.66 -31.01
C TYR D 343 2.08 38.17 -30.67
N GLU D 344 2.97 37.71 -29.78
CA GLU D 344 3.01 36.33 -29.34
C GLU D 344 1.80 35.98 -28.49
N LEU D 345 1.46 36.84 -27.52
CA LEU D 345 0.27 36.63 -26.67
C LEU D 345 -0.98 36.29 -27.49
N ILE D 346 -1.31 37.12 -28.47
CA ILE D 346 -2.57 36.95 -29.19
C ILE D 346 -2.53 35.83 -30.22
N THR D 347 -1.34 35.57 -30.76
CA THR D 347 -1.16 34.51 -31.76
C THR D 347 -0.96 33.11 -31.16
N ARG D 348 -0.19 33.01 -30.08
CA ARG D 348 0.44 31.73 -29.75
C ARG D 348 -0.44 30.89 -28.82
N LEU D 349 -1.67 30.64 -29.27
CA LEU D 349 -2.68 29.95 -28.48
C LEU D 349 -2.92 28.59 -29.12
N THR D 350 -3.55 27.68 -28.37
CA THR D 350 -3.78 26.32 -28.83
C THR D 350 -5.17 26.11 -29.44
N SER D 351 -5.37 24.94 -30.03
CA SER D 351 -6.70 24.51 -30.54
C SER D 351 -7.71 24.17 -29.42
N ARG D 352 -7.24 24.11 -28.17
CA ARG D 352 -8.11 23.80 -27.03
C ARG D 352 -9.06 24.97 -26.72
N VAL D 353 -8.65 26.19 -27.03
CA VAL D 353 -9.49 27.36 -26.84
C VAL D 353 -10.58 27.40 -27.90
N ALA D 354 -11.83 27.47 -27.47
CA ALA D 354 -12.97 27.57 -28.39
C ALA D 354 -13.00 28.94 -29.07
N MET D 355 -13.68 29.03 -30.21
CA MET D 355 -13.73 30.31 -30.94
C MET D 355 -15.17 30.80 -30.98
N LYS D 356 -15.40 32.02 -30.47
CA LYS D 356 -16.72 32.66 -30.55
C LYS D 356 -16.67 34.04 -31.21
N TYR D 357 -17.60 34.24 -32.16
CA TYR D 357 -17.66 35.45 -32.97
C TYR D 357 -18.95 36.22 -32.66
N VAL D 358 -18.81 37.52 -32.40
CA VAL D 358 -19.94 38.35 -32.03
C VAL D 358 -20.00 39.63 -32.87
N ASP D 359 -21.20 40.19 -33.01
CA ASP D 359 -21.49 41.28 -33.95
C ASP D 359 -21.23 40.85 -35.38
#